data_7SND
# 
_entry.id   7SND 
# 
_audit_conform.dict_name       mmcif_pdbx.dic 
_audit_conform.dict_version    5.398 
_audit_conform.dict_location   http://mmcif.pdb.org/dictionaries/ascii/mmcif_pdbx.dic 
# 
loop_
_database_2.database_id 
_database_2.database_code 
_database_2.pdbx_database_accession 
_database_2.pdbx_DOI 
PDB   7SND         pdb_00007snd 10.2210/pdb7snd/pdb 
WWPDB D_1000260776 ?            ?                   
# 
loop_
_pdbx_audit_revision_history.ordinal 
_pdbx_audit_revision_history.data_content_type 
_pdbx_audit_revision_history.major_revision 
_pdbx_audit_revision_history.minor_revision 
_pdbx_audit_revision_history.revision_date 
1 'Structure model' 1 0 2022-08-03 
2 'Structure model' 1 1 2023-10-18 
3 'Structure model' 1 2 2024-11-06 
# 
_pdbx_audit_revision_details.ordinal             1 
_pdbx_audit_revision_details.revision_ordinal    1 
_pdbx_audit_revision_details.data_content_type   'Structure model' 
_pdbx_audit_revision_details.provider            repository 
_pdbx_audit_revision_details.type                'Initial release' 
_pdbx_audit_revision_details.description         ? 
_pdbx_audit_revision_details.details             ? 
# 
loop_
_pdbx_audit_revision_group.ordinal 
_pdbx_audit_revision_group.revision_ordinal 
_pdbx_audit_revision_group.data_content_type 
_pdbx_audit_revision_group.group 
1 2 'Structure model' 'Data collection'        
2 2 'Structure model' 'Refinement description' 
3 3 'Structure model' 'Structure summary'      
# 
loop_
_pdbx_audit_revision_category.ordinal 
_pdbx_audit_revision_category.revision_ordinal 
_pdbx_audit_revision_category.data_content_type 
_pdbx_audit_revision_category.category 
1 2 'Structure model' chem_comp_atom                
2 2 'Structure model' chem_comp_bond                
3 2 'Structure model' pdbx_initial_refinement_model 
4 3 'Structure model' pdbx_entry_details            
5 3 'Structure model' pdbx_modification_feature     
# 
_pdbx_audit_revision_item.ordinal             1 
_pdbx_audit_revision_item.revision_ordinal    3 
_pdbx_audit_revision_item.data_content_type   'Structure model' 
_pdbx_audit_revision_item.item                '_pdbx_entry_details.has_protein_modification' 
# 
_pdbx_database_status.status_code                     REL 
_pdbx_database_status.status_code_sf                  REL 
_pdbx_database_status.status_code_mr                  ? 
_pdbx_database_status.entry_id                        7SND 
_pdbx_database_status.recvd_initial_deposition_date   2021-10-27 
_pdbx_database_status.SG_entry                        N 
_pdbx_database_status.deposit_site                    RCSB 
_pdbx_database_status.process_site                    RCSB 
_pdbx_database_status.status_code_cs                  ? 
_pdbx_database_status.status_code_nmr_data            ? 
_pdbx_database_status.methods_development_category    ? 
_pdbx_database_status.pdb_format_compatible           Y 
# 
_pdbx_contact_author.id                 2 
_pdbx_contact_author.email              rstrong@fredhutch.org 
_pdbx_contact_author.name_first         Roland 
_pdbx_contact_author.name_last          Strong 
_pdbx_contact_author.name_mi            K. 
_pdbx_contact_author.role               'principal investigator/group leader' 
_pdbx_contact_author.identifier_ORCID   0000-0002-1338-2189 
# 
loop_
_audit_author.name 
_audit_author.pdbx_ordinal 
_audit_author.identifier_ORCID 
'Gewe, M.M.'   1 0000-0001-9587-7283 
'Strong, R.K.' 2 0000-0002-1338-2189 
# 
loop_
_citation.abstract 
_citation.abstract_id_CAS 
_citation.book_id_ISBN 
_citation.book_publisher 
_citation.book_publisher_city 
_citation.book_title 
_citation.coordinate_linkage 
_citation.country 
_citation.database_id_Medline 
_citation.details 
_citation.id 
_citation.journal_abbrev 
_citation.journal_id_ASTM 
_citation.journal_id_CSD 
_citation.journal_id_ISSN 
_citation.journal_full 
_citation.journal_issue 
_citation.journal_volume 
_citation.language 
_citation.page_first 
_citation.page_last 
_citation.title 
_citation.year 
_citation.database_id_CSD 
_citation.pdbx_database_id_DOI 
_citation.pdbx_database_id_PubMed 
_citation.pdbx_database_id_patent 
_citation.unpublished_flag 
? ? ? ? ? ? ? US ? ? primary 'Sci Transl Med'      ? ? 1946-6242 ? ? 14 ? eabn0402 eabn0402 
'Ex silico engineering of cystine-dense peptides yielding a potent bispecific T cell engager.'   2022 ? 
10.1126/scitranslmed.abn0402 35584229 ? ? 
? ? ? ? ? ? ? US ? ? 1       'Nat Struct Mol Biol' ? ? 1545-9985 ? ? 25 ? 270      278      
'Screening, large-scale production and structure-based classification of cystine-dense peptides' 2018 ? 10.1038/s41594-018-0033-9 
?        ? ? 
# 
loop_
_citation_author.citation_id 
_citation_author.name 
_citation_author.ordinal 
_citation_author.identifier_ORCID 
primary 'Crook, Z.R.'             1  0000-0002-1142-9748 
primary 'Girard, E.J.'            2  0000-0003-1857-0194 
primary 'Sevilla, G.P.'           3  0000-0002-6590-9413 
primary 'Brusniak, M.Y.'          4  0000-0003-3950-1614 
primary 'Rupert, P.B.'            5  0000-0003-1011-0302 
primary 'Friend, D.J.'            6  ?                   
primary 'Gewe, M.M.'              7  0000-0001-9587-7283 
primary 'Clarke, M.'              8  0000-0002-2402-108X 
primary 'Lin, I.'                 9  ?                   
primary 'Ruff, R.'                10 0000-0002-7189-1221 
primary 'Pakiam, F.'              11 0000-0001-6292-1137 
primary 'Phi, T.D.'               12 ?                   
primary 'Bandaranayake, A.'       13 ?                   
primary 'Correnti, C.E.'          14 0000-0003-3710-9619 
primary 'Mhyre, A.J.'             15 0000-0002-9206-3150 
primary 'Nairn, N.W.'             16 0000-0003-1293-345X 
primary 'Strong, R.K.'            17 0000-0002-1338-2189 
primary 'Olson, J.M.'             18 0000-0001-5990-6534 
1       'Correnti, C.E.'          19 ?                   
1       'Gewe, M.M.'              20 ?                   
1       'Mehlin, C.'              21 ?                   
1       'Bandaranayake, A.D.'     22 ?                   
1       'Johnsen, W.A.'           23 ?                   
1       'Rupert, P.B.'            24 ?                   
1       'Brusniak, M.Y.'          25 0000-0003-3950-1614 
1       'Clarke, M.'              26 0000-0002-2402-108X 
1       'Burke, S.E.'             27 ?                   
1       'De Van Der Schueren, W.' 28 ?                   
1       'Pilat, K.'               29 ?                   
1       'Turnbaugh, S.M.'         30 ?                   
1       'May, D.'                 31 0000-0001-6902-3153 
1       'Watson, A.'              32 0000-0003-0404-5735 
1       'Chan, M.K.'              33 0000-0002-8133-9764 
1       'Bahl, C.D.'              34 0000-0002-3652-3693 
1       'Olson, J.M.'             35 ?                   
1       'Strong, R.K.'            36 0000-0002-1338-2189 
# 
loop_
_entity.id 
_entity.type 
_entity.src_method 
_entity.pdbx_description 
_entity.formula_weight 
_entity.pdbx_number_of_molecules 
_entity.pdbx_ec 
_entity.pdbx_mutation 
_entity.pdbx_fragment 
_entity.details 
1 polymer     man 'Pacifastin-related peptide' 3558.979 4  ? ? ? ? 
2 non-polymer syn GLYCEROL                     92.094   2  ? ? ? ? 
3 non-polymer nat 'PHOSPHATE ION'              94.971   1  ? ? ? ? 
4 water       nat water                        18.015   88 ? ? ? ? 
# 
_entity_poly.entity_id                      1 
_entity_poly.type                           'polypeptide(L)' 
_entity_poly.nstd_linkage                   no 
_entity_poly.nstd_monomer                   no 
_entity_poly.pdbx_seq_one_letter_code       GSSCQPGTTYQRGCNTCRCLEDGQTEACTLRLC 
_entity_poly.pdbx_seq_one_letter_code_can   GSSCQPGTTYQRGCNTCRCLEDGQTEACTLRLC 
_entity_poly.pdbx_strand_id                 A,B,C,D 
_entity_poly.pdbx_target_identifier         ? 
# 
loop_
_pdbx_entity_nonpoly.entity_id 
_pdbx_entity_nonpoly.name 
_pdbx_entity_nonpoly.comp_id 
2 GLYCEROL        GOL 
3 'PHOSPHATE ION' PO4 
4 water           HOH 
# 
loop_
_entity_poly_seq.entity_id 
_entity_poly_seq.num 
_entity_poly_seq.mon_id 
_entity_poly_seq.hetero 
1 1  GLY n 
1 2  SER n 
1 3  SER n 
1 4  CYS n 
1 5  GLN n 
1 6  PRO n 
1 7  GLY n 
1 8  THR n 
1 9  THR n 
1 10 TYR n 
1 11 GLN n 
1 12 ARG n 
1 13 GLY n 
1 14 CYS n 
1 15 ASN n 
1 16 THR n 
1 17 CYS n 
1 18 ARG n 
1 19 CYS n 
1 20 LEU n 
1 21 GLU n 
1 22 ASP n 
1 23 GLY n 
1 24 GLN n 
1 25 THR n 
1 26 GLU n 
1 27 ALA n 
1 28 CYS n 
1 29 THR n 
1 30 LEU n 
1 31 ARG n 
1 32 LEU n 
1 33 CYS n 
# 
_entity_src_gen.entity_id                          1 
_entity_src_gen.pdbx_src_id                        1 
_entity_src_gen.pdbx_alt_source_flag               sample 
_entity_src_gen.pdbx_seq_type                      'Biological sequence' 
_entity_src_gen.pdbx_beg_seq_num                   1 
_entity_src_gen.pdbx_end_seq_num                   33 
_entity_src_gen.gene_src_common_name               'Formosan subterranean termite' 
_entity_src_gen.gene_src_genus                     ? 
_entity_src_gen.pdbx_gene_src_gene                 ? 
_entity_src_gen.gene_src_species                   ? 
_entity_src_gen.gene_src_strain                    ? 
_entity_src_gen.gene_src_tissue                    ? 
_entity_src_gen.gene_src_tissue_fraction           ? 
_entity_src_gen.gene_src_details                   ? 
_entity_src_gen.pdbx_gene_src_fragment             ? 
_entity_src_gen.pdbx_gene_src_scientific_name      'Coptotermes formosanus' 
_entity_src_gen.pdbx_gene_src_ncbi_taxonomy_id     36987 
_entity_src_gen.pdbx_gene_src_variant              ? 
_entity_src_gen.pdbx_gene_src_cell_line            ? 
_entity_src_gen.pdbx_gene_src_atcc                 ? 
_entity_src_gen.pdbx_gene_src_organ                ? 
_entity_src_gen.pdbx_gene_src_organelle            ? 
_entity_src_gen.pdbx_gene_src_cell                 ? 
_entity_src_gen.pdbx_gene_src_cellular_location    ? 
_entity_src_gen.host_org_common_name               ? 
_entity_src_gen.pdbx_host_org_scientific_name      'Homo sapiens' 
_entity_src_gen.pdbx_host_org_ncbi_taxonomy_id     9606 
_entity_src_gen.host_org_genus                     ? 
_entity_src_gen.pdbx_host_org_gene                 ? 
_entity_src_gen.pdbx_host_org_organ                ? 
_entity_src_gen.host_org_species                   ? 
_entity_src_gen.pdbx_host_org_tissue               ? 
_entity_src_gen.pdbx_host_org_tissue_fraction      ? 
_entity_src_gen.pdbx_host_org_strain               ? 
_entity_src_gen.pdbx_host_org_variant              ? 
_entity_src_gen.pdbx_host_org_cell_line            ? 
_entity_src_gen.pdbx_host_org_atcc                 ? 
_entity_src_gen.pdbx_host_org_culture_collection   ? 
_entity_src_gen.pdbx_host_org_cell                 ? 
_entity_src_gen.pdbx_host_org_organelle            ? 
_entity_src_gen.pdbx_host_org_cellular_location    ? 
_entity_src_gen.pdbx_host_org_vector_type          ? 
_entity_src_gen.pdbx_host_org_vector               ? 
_entity_src_gen.host_org_details                   ? 
_entity_src_gen.expression_system_id               ? 
_entity_src_gen.plasmid_name                       ? 
_entity_src_gen.plasmid_details                    ? 
_entity_src_gen.pdbx_description                   ? 
# 
loop_
_chem_comp.id 
_chem_comp.type 
_chem_comp.mon_nstd_flag 
_chem_comp.name 
_chem_comp.pdbx_synonyms 
_chem_comp.formula 
_chem_comp.formula_weight 
ALA 'L-peptide linking' y ALANINE         ?                               'C3 H7 N O2'     89.093  
ARG 'L-peptide linking' y ARGININE        ?                               'C6 H15 N4 O2 1' 175.209 
ASN 'L-peptide linking' y ASPARAGINE      ?                               'C4 H8 N2 O3'    132.118 
ASP 'L-peptide linking' y 'ASPARTIC ACID' ?                               'C4 H7 N O4'     133.103 
CYS 'L-peptide linking' y CYSTEINE        ?                               'C3 H7 N O2 S'   121.158 
GLN 'L-peptide linking' y GLUTAMINE       ?                               'C5 H10 N2 O3'   146.144 
GLU 'L-peptide linking' y 'GLUTAMIC ACID' ?                               'C5 H9 N O4'     147.129 
GLY 'peptide linking'   y GLYCINE         ?                               'C2 H5 N O2'     75.067  
GOL non-polymer         . GLYCEROL        'GLYCERIN; PROPANE-1,2,3-TRIOL' 'C3 H8 O3'       92.094  
HOH non-polymer         . WATER           ?                               'H2 O'           18.015  
LEU 'L-peptide linking' y LEUCINE         ?                               'C6 H13 N O2'    131.173 
LYS 'L-peptide linking' y LYSINE          ?                               'C6 H15 N2 O2 1' 147.195 
PO4 non-polymer         . 'PHOSPHATE ION' ?                               'O4 P -3'        94.971  
PRO 'L-peptide linking' y PROLINE         ?                               'C5 H9 N O2'     115.130 
SER 'L-peptide linking' y SERINE          ?                               'C3 H7 N O3'     105.093 
THR 'L-peptide linking' y THREONINE       ?                               'C4 H9 N O3'     119.119 
TYR 'L-peptide linking' y TYROSINE        ?                               'C9 H11 N O3'    181.189 
# 
loop_
_pdbx_poly_seq_scheme.asym_id 
_pdbx_poly_seq_scheme.entity_id 
_pdbx_poly_seq_scheme.seq_id 
_pdbx_poly_seq_scheme.mon_id 
_pdbx_poly_seq_scheme.ndb_seq_num 
_pdbx_poly_seq_scheme.pdb_seq_num 
_pdbx_poly_seq_scheme.auth_seq_num 
_pdbx_poly_seq_scheme.pdb_mon_id 
_pdbx_poly_seq_scheme.auth_mon_id 
_pdbx_poly_seq_scheme.pdb_strand_id 
_pdbx_poly_seq_scheme.pdb_ins_code 
_pdbx_poly_seq_scheme.hetero 
A 1 1  GLY 1  -1 -1 GLY GLY A . n 
A 1 2  SER 2  0  0  SER SER A . n 
A 1 3  SER 3  1  1  SER SER A . n 
A 1 4  CYS 4  2  2  CYS CYS A . n 
A 1 5  GLN 5  3  3  GLN GLN A . n 
A 1 6  PRO 6  4  4  PRO PRO A . n 
A 1 7  GLY 7  5  5  GLY GLY A . n 
A 1 8  THR 8  6  6  THR THR A . n 
A 1 9  THR 9  7  7  THR THR A . n 
A 1 10 TYR 10 8  8  TYR TYR A . n 
A 1 11 GLN 11 9  9  GLN GLN A . n 
A 1 12 ARG 12 10 10 ARG ARG A . n 
A 1 13 GLY 13 11 11 GLY GLY A . n 
A 1 14 CYS 14 12 12 CYS CYS A . n 
A 1 15 ASN 15 13 13 ASN ASN A . n 
A 1 16 THR 16 14 14 THR THR A . n 
A 1 17 CYS 17 15 15 CYS CYS A . n 
A 1 18 ARG 18 16 16 ARG ARG A . n 
A 1 19 CYS 19 17 17 CYS CYS A . n 
A 1 20 LEU 20 18 18 LEU LEU A . n 
A 1 21 GLU 21 19 19 GLU GLU A . n 
A 1 22 ASP 22 20 20 ASP ASP A . n 
A 1 23 GLY 23 21 21 GLY GLY A . n 
A 1 24 GLN 24 22 22 GLN GLN A . n 
A 1 25 THR 25 23 23 THR THR A . n 
A 1 26 GLU 26 24 24 GLU GLU A . n 
A 1 27 ALA 27 25 25 ALA ALA A . n 
A 1 28 CYS 28 26 26 CYS CYS A . n 
A 1 29 THR 29 27 27 THR THR A . n 
A 1 30 LEU 30 28 28 LEU LEU A . n 
A 1 31 ARG 31 29 29 ARG ARG A . n 
A 1 32 LEU 32 30 30 LEU LEU A . n 
A 1 33 CYS 33 31 31 CYS CYS A . n 
B 1 1  GLY 1  -1 ?  ?   ?   B . n 
B 1 2  SER 2  0  0  SER SER B . n 
B 1 3  SER 3  1  1  SER SER B . n 
B 1 4  CYS 4  2  2  CYS CYS B . n 
B 1 5  GLN 5  3  3  GLN GLN B . n 
B 1 6  PRO 6  4  4  PRO PRO B . n 
B 1 7  GLY 7  5  5  GLY GLY B . n 
B 1 8  THR 8  6  6  THR THR B . n 
B 1 9  THR 9  7  7  THR THR B . n 
B 1 10 TYR 10 8  8  TYR TYR B . n 
B 1 11 GLN 11 9  9  GLN GLN B . n 
B 1 12 ARG 12 10 10 ARG ARG B . n 
B 1 13 GLY 13 11 11 GLY GLY B . n 
B 1 14 CYS 14 12 12 CYS CYS B . n 
B 1 15 ASN 15 13 13 ASN ASN B . n 
B 1 16 THR 16 14 14 THR THR B . n 
B 1 17 CYS 17 15 15 CYS CYS B . n 
B 1 18 ARG 18 16 16 ARG ARG B . n 
B 1 19 CYS 19 17 17 CYS CYS B . n 
B 1 20 LEU 20 18 18 LEU LEU B . n 
B 1 21 GLU 21 19 19 GLU GLU B . n 
B 1 22 ASP 22 20 20 ASP ASP B . n 
B 1 23 GLY 23 21 21 GLY GLY B . n 
B 1 24 GLN 24 22 22 GLN GLN B . n 
B 1 25 THR 25 23 23 THR THR B . n 
B 1 26 GLU 26 24 24 GLU GLU B . n 
B 1 27 ALA 27 25 25 ALA ALA B . n 
B 1 28 CYS 28 26 26 CYS CYS B . n 
B 1 29 THR 29 27 27 THR THR B . n 
B 1 30 LEU 30 28 28 LEU LEU B . n 
B 1 31 ARG 31 29 29 ARG ARG B . n 
B 1 32 LEU 32 30 30 LEU LEU B . n 
B 1 33 CYS 33 31 31 CYS CYS B . n 
C 1 1  GLY 1  -1 -1 GLY GLY C . n 
C 1 2  SER 2  0  0  SER SER C . n 
C 1 3  SER 3  1  1  SER SER C . n 
C 1 4  CYS 4  2  2  CYS CYS C . n 
C 1 5  GLN 5  3  3  GLN GLN C . n 
C 1 6  PRO 6  4  4  PRO PRO C . n 
C 1 7  GLY 7  5  5  GLY GLY C . n 
C 1 8  THR 8  6  6  THR THR C . n 
C 1 9  THR 9  7  7  THR THR C . n 
C 1 10 TYR 10 8  8  TYR TYR C . n 
C 1 11 GLN 11 9  9  GLN GLN C . n 
C 1 12 ARG 12 10 10 ARG ARG C . n 
C 1 13 GLY 13 11 11 GLY GLY C . n 
C 1 14 CYS 14 12 12 CYS CYS C . n 
C 1 15 ASN 15 13 13 ASN ASN C . n 
C 1 16 THR 16 14 14 THR THR C . n 
C 1 17 CYS 17 15 15 CYS CYS C . n 
C 1 18 ARG 18 16 16 ARG ARG C . n 
C 1 19 CYS 19 17 17 CYS CYS C . n 
C 1 20 LEU 20 18 18 LEU LEU C . n 
C 1 21 GLU 21 19 19 GLU GLU C . n 
C 1 22 ASP 22 20 20 ASP ASP C . n 
C 1 23 GLY 23 21 21 GLY GLY C . n 
C 1 24 GLN 24 22 22 GLN GLN C . n 
C 1 25 THR 25 23 23 THR THR C . n 
C 1 26 GLU 26 24 24 GLU GLU C . n 
C 1 27 ALA 27 25 25 ALA ALA C . n 
C 1 28 CYS 28 26 26 CYS CYS C . n 
C 1 29 THR 29 27 27 THR THR C . n 
C 1 30 LEU 30 28 28 LEU LEU C . n 
C 1 31 ARG 31 29 29 ARG ARG C . n 
C 1 32 LEU 32 30 30 LEU LEU C . n 
C 1 33 CYS 33 31 31 CYS CYS C . n 
D 1 1  GLY 1  -1 -1 GLY GLY D . n 
D 1 2  SER 2  0  0  SER SER D . n 
D 1 3  SER 3  1  1  SER SER D . n 
D 1 4  CYS 4  2  2  CYS CYS D . n 
D 1 5  GLN 5  3  3  GLN GLN D . n 
D 1 6  PRO 6  4  4  PRO PRO D . n 
D 1 7  GLY 7  5  5  GLY GLY D . n 
D 1 8  THR 8  6  6  THR THR D . n 
D 1 9  THR 9  7  7  THR THR D . n 
D 1 10 TYR 10 8  8  TYR TYR D . n 
D 1 11 GLN 11 9  9  GLN GLN D . n 
D 1 12 ARG 12 10 10 ARG ARG D . n 
D 1 13 GLY 13 11 11 GLY GLY D . n 
D 1 14 CYS 14 12 12 CYS CYS D . n 
D 1 15 ASN 15 13 13 ASN ASN D . n 
D 1 16 THR 16 14 14 THR THR D . n 
D 1 17 CYS 17 15 15 CYS CYS D . n 
D 1 18 ARG 18 16 16 ARG ARG D . n 
D 1 19 CYS 19 17 17 CYS CYS D . n 
D 1 20 LEU 20 18 18 LEU LEU D . n 
D 1 21 GLU 21 19 19 GLU GLU D . n 
D 1 22 ASP 22 20 20 ASP ASP D . n 
D 1 23 GLY 23 21 21 GLY GLY D . n 
D 1 24 GLN 24 22 22 GLN GLN D . n 
D 1 25 THR 25 23 23 THR THR D . n 
D 1 26 GLU 26 24 24 GLU GLU D . n 
D 1 27 ALA 27 25 25 ALA ALA D . n 
D 1 28 CYS 28 26 26 CYS CYS D . n 
D 1 29 THR 29 27 27 THR THR D . n 
D 1 30 LEU 30 28 28 LEU LEU D . n 
D 1 31 ARG 31 29 29 ARG ARG D . n 
D 1 32 LEU 32 30 30 LEU LEU D . n 
D 1 33 CYS 33 31 31 CYS CYS D . n 
# 
loop_
_pdbx_entity_instance_feature.ordinal 
_pdbx_entity_instance_feature.comp_id 
_pdbx_entity_instance_feature.asym_id 
_pdbx_entity_instance_feature.seq_num 
_pdbx_entity_instance_feature.auth_comp_id 
_pdbx_entity_instance_feature.auth_asym_id 
_pdbx_entity_instance_feature.auth_seq_num 
_pdbx_entity_instance_feature.feature_type 
_pdbx_entity_instance_feature.details 
1 GOL ? ? GOL ? ? 'SUBJECT OF INVESTIGATION' ? 
2 PO4 ? ? PO4 ? ? 'SUBJECT OF INVESTIGATION' ? 
# 
loop_
_pdbx_nonpoly_scheme.asym_id 
_pdbx_nonpoly_scheme.entity_id 
_pdbx_nonpoly_scheme.mon_id 
_pdbx_nonpoly_scheme.ndb_seq_num 
_pdbx_nonpoly_scheme.pdb_seq_num 
_pdbx_nonpoly_scheme.auth_seq_num 
_pdbx_nonpoly_scheme.pdb_mon_id 
_pdbx_nonpoly_scheme.auth_mon_id 
_pdbx_nonpoly_scheme.pdb_strand_id 
_pdbx_nonpoly_scheme.pdb_ins_code 
E 2 GOL 1  101 1  GOL GOL A . 
F 2 GOL 1  102 2  GOL GOL A . 
G 3 PO4 1  101 1  PO4 PO4 C . 
H 4 HOH 1  201 76 HOH HOH A . 
H 4 HOH 2  202 79 HOH HOH A . 
H 4 HOH 3  203 70 HOH HOH A . 
H 4 HOH 4  204 34 HOH HOH A . 
H 4 HOH 5  205 39 HOH HOH A . 
H 4 HOH 6  206 19 HOH HOH A . 
H 4 HOH 7  207 41 HOH HOH A . 
H 4 HOH 8  208 27 HOH HOH A . 
H 4 HOH 9  209 1  HOH HOH A . 
H 4 HOH 10 210 84 HOH HOH A . 
H 4 HOH 11 211 80 HOH HOH A . 
H 4 HOH 12 212 44 HOH HOH A . 
H 4 HOH 13 213 83 HOH HOH A . 
H 4 HOH 14 214 71 HOH HOH A . 
H 4 HOH 15 215 57 HOH HOH A . 
H 4 HOH 16 216 22 HOH HOH A . 
H 4 HOH 17 217 45 HOH HOH A . 
H 4 HOH 18 218 20 HOH HOH A . 
H 4 HOH 19 219 62 HOH HOH A . 
H 4 HOH 20 220 40 HOH HOH A . 
H 4 HOH 21 221 78 HOH HOH A . 
H 4 HOH 22 222 63 HOH HOH A . 
I 4 HOH 1  101 18 HOH HOH B . 
I 4 HOH 2  102 42 HOH HOH B . 
I 4 HOH 3  103 56 HOH HOH B . 
I 4 HOH 4  104 69 HOH HOH B . 
I 4 HOH 5  105 5  HOH HOH B . 
I 4 HOH 6  106 9  HOH HOH B . 
I 4 HOH 7  107 25 HOH HOH B . 
I 4 HOH 8  108 23 HOH HOH B . 
I 4 HOH 9  109 73 HOH HOH B . 
I 4 HOH 10 110 46 HOH HOH B . 
I 4 HOH 11 111 6  HOH HOH B . 
I 4 HOH 12 112 68 HOH HOH B . 
I 4 HOH 13 113 58 HOH HOH B . 
I 4 HOH 14 114 28 HOH HOH B . 
I 4 HOH 15 115 67 HOH HOH B . 
I 4 HOH 16 116 13 HOH HOH B . 
I 4 HOH 17 117 12 HOH HOH B . 
I 4 HOH 18 118 26 HOH HOH B . 
I 4 HOH 19 119 29 HOH HOH B . 
I 4 HOH 20 120 54 HOH HOH B . 
I 4 HOH 21 121 64 HOH HOH B . 
I 4 HOH 22 122 53 HOH HOH B . 
I 4 HOH 23 123 77 HOH HOH B . 
I 4 HOH 24 124 85 HOH HOH B . 
J 4 HOH 1  201 87 HOH HOH C . 
J 4 HOH 2  202 16 HOH HOH C . 
J 4 HOH 3  203 4  HOH HOH C . 
J 4 HOH 4  204 35 HOH HOH C . 
J 4 HOH 5  205 74 HOH HOH C . 
J 4 HOH 6  206 2  HOH HOH C . 
J 4 HOH 7  207 72 HOH HOH C . 
J 4 HOH 8  208 60 HOH HOH C . 
J 4 HOH 9  209 7  HOH HOH C . 
J 4 HOH 10 210 86 HOH HOH C . 
J 4 HOH 11 211 61 HOH HOH C . 
J 4 HOH 12 212 36 HOH HOH C . 
J 4 HOH 13 213 14 HOH HOH C . 
J 4 HOH 14 214 37 HOH HOH C . 
J 4 HOH 15 215 88 HOH HOH C . 
J 4 HOH 16 216 55 HOH HOH C . 
J 4 HOH 17 217 30 HOH HOH C . 
J 4 HOH 18 218 75 HOH HOH C . 
J 4 HOH 19 219 15 HOH HOH C . 
K 4 HOH 1  101 17 HOH HOH D . 
K 4 HOH 2  102 47 HOH HOH D . 
K 4 HOH 3  103 43 HOH HOH D . 
K 4 HOH 4  104 48 HOH HOH D . 
K 4 HOH 5  105 11 HOH HOH D . 
K 4 HOH 6  106 89 HOH HOH D . 
K 4 HOH 7  107 8  HOH HOH D . 
K 4 HOH 8  108 3  HOH HOH D . 
K 4 HOH 9  109 21 HOH HOH D . 
K 4 HOH 10 110 51 HOH HOH D . 
K 4 HOH 11 111 31 HOH HOH D . 
K 4 HOH 12 112 49 HOH HOH D . 
K 4 HOH 13 113 24 HOH HOH D . 
K 4 HOH 14 114 52 HOH HOH D . 
K 4 HOH 15 115 38 HOH HOH D . 
K 4 HOH 16 116 65 HOH HOH D . 
K 4 HOH 17 117 32 HOH HOH D . 
K 4 HOH 18 118 33 HOH HOH D . 
K 4 HOH 19 119 50 HOH HOH D . 
K 4 HOH 20 120 82 HOH HOH D . 
K 4 HOH 21 121 10 HOH HOH D . 
K 4 HOH 22 122 66 HOH HOH D . 
K 4 HOH 23 123 81 HOH HOH D . 
# 
loop_
_software.citation_id 
_software.classification 
_software.compiler_name 
_software.compiler_version 
_software.contact_author 
_software.contact_author_email 
_software.date 
_software.description 
_software.dependencies 
_software.hardware 
_software.language 
_software.location 
_software.mods 
_software.name 
_software.os 
_software.os_version 
_software.type 
_software.version 
_software.pdbx_ordinal 
? refinement        ? ? ? ? ? ? ? ? ? ? ? REFMAC      ? ? ? 5.8.0258 1 
? 'data reduction'  ? ? ? ? ? ? ? ? ? ? ? HKL-2000    ? ? ? .        2 
? 'data scaling'    ? ? ? ? ? ? ? ? ? ? ? HKL-2000    ? ? ? .        3 
? 'data extraction' ? ? ? ? ? ? ? ? ? ? ? PDB_EXTRACT ? ? ? 3.27     4 
? phasing           ? ? ? ? ? ? ? ? ? ? ? PHASER      ? ? ? .        5 
# 
_cell.angle_alpha                  90.000 
_cell.angle_alpha_esd              ? 
_cell.angle_beta                   101.290 
_cell.angle_beta_esd               ? 
_cell.angle_gamma                  90.000 
_cell.angle_gamma_esd              ? 
_cell.entry_id                     7SND 
_cell.details                      ? 
_cell.formula_units_Z              ? 
_cell.length_a                     26.110 
_cell.length_a_esd                 ? 
_cell.length_b                     52.202 
_cell.length_b_esd                 ? 
_cell.length_c                     35.101 
_cell.length_c_esd                 ? 
_cell.volume                       ? 
_cell.volume_esd                   ? 
_cell.Z_PDB                        8 
_cell.reciprocal_angle_alpha       ? 
_cell.reciprocal_angle_beta        ? 
_cell.reciprocal_angle_gamma       ? 
_cell.reciprocal_angle_alpha_esd   ? 
_cell.reciprocal_angle_beta_esd    ? 
_cell.reciprocal_angle_gamma_esd   ? 
_cell.reciprocal_length_a          ? 
_cell.reciprocal_length_b          ? 
_cell.reciprocal_length_c          ? 
_cell.reciprocal_length_a_esd      ? 
_cell.reciprocal_length_b_esd      ? 
_cell.reciprocal_length_c_esd      ? 
_cell.pdbx_unique_axis             ? 
# 
_symmetry.entry_id                         7SND 
_symmetry.cell_setting                     ? 
_symmetry.Int_Tables_number                4 
_symmetry.space_group_name_Hall            ? 
_symmetry.space_group_name_H-M             'P 1 21 1' 
_symmetry.pdbx_full_space_group_name_H-M   ? 
# 
_exptl.absorpt_coefficient_mu     ? 
_exptl.absorpt_correction_T_max   ? 
_exptl.absorpt_correction_T_min   ? 
_exptl.absorpt_correction_type    ? 
_exptl.absorpt_process_details    ? 
_exptl.entry_id                   7SND 
_exptl.crystals_number            1 
_exptl.details                    ? 
_exptl.method                     'X-RAY DIFFRACTION' 
_exptl.method_details             ? 
# 
_exptl_crystal.colour                      ? 
_exptl_crystal.density_diffrn              ? 
_exptl_crystal.density_Matthews            1.65 
_exptl_crystal.density_method              ? 
_exptl_crystal.density_percent_sol         25.36 
_exptl_crystal.description                 ? 
_exptl_crystal.F_000                       ? 
_exptl_crystal.id                          1 
_exptl_crystal.preparation                 ? 
_exptl_crystal.size_max                    ? 
_exptl_crystal.size_mid                    ? 
_exptl_crystal.size_min                    ? 
_exptl_crystal.size_rad                    ? 
_exptl_crystal.colour_lustre               ? 
_exptl_crystal.colour_modifier             ? 
_exptl_crystal.colour_primary              ? 
_exptl_crystal.density_meas                ? 
_exptl_crystal.density_meas_esd            ? 
_exptl_crystal.density_meas_gt             ? 
_exptl_crystal.density_meas_lt             ? 
_exptl_crystal.density_meas_temp           ? 
_exptl_crystal.density_meas_temp_esd       ? 
_exptl_crystal.density_meas_temp_gt        ? 
_exptl_crystal.density_meas_temp_lt        ? 
_exptl_crystal.pdbx_crystal_image_url      ? 
_exptl_crystal.pdbx_crystal_image_format   ? 
_exptl_crystal.pdbx_mosaicity              ? 
_exptl_crystal.pdbx_mosaicity_esd          ? 
# 
_exptl_crystal_grow.apparatus       ? 
_exptl_crystal_grow.atmosphere      ? 
_exptl_crystal_grow.crystal_id      1 
_exptl_crystal_grow.details         ? 
_exptl_crystal_grow.method          'VAPOR DIFFUSION, SITTING DROP' 
_exptl_crystal_grow.method_ref      ? 
_exptl_crystal_grow.pH              ? 
_exptl_crystal_grow.pressure        ? 
_exptl_crystal_grow.pressure_esd    ? 
_exptl_crystal_grow.seeding         ? 
_exptl_crystal_grow.seeding_ref     ? 
_exptl_crystal_grow.temp            298 
_exptl_crystal_grow.temp_details    ? 
_exptl_crystal_grow.temp_esd        ? 
_exptl_crystal_grow.time            ? 
_exptl_crystal_grow.pdbx_details    '0.2 M Lithium Chloride, 0.1 M Phosphate-Citrate pH 4.2, 20% PEG 1000' 
_exptl_crystal_grow.pdbx_pH_range   ? 
# 
_diffrn.ambient_environment              ? 
_diffrn.ambient_temp                     100 
_diffrn.ambient_temp_details             ? 
_diffrn.ambient_temp_esd                 ? 
_diffrn.crystal_id                       1 
_diffrn.crystal_support                  ? 
_diffrn.crystal_treatment                ? 
_diffrn.details                          ? 
_diffrn.id                               1 
_diffrn.ambient_pressure                 ? 
_diffrn.ambient_pressure_esd             ? 
_diffrn.ambient_pressure_gt              ? 
_diffrn.ambient_pressure_lt              ? 
_diffrn.ambient_temp_gt                  ? 
_diffrn.ambient_temp_lt                  ? 
_diffrn.pdbx_serial_crystal_experiment   N 
# 
_diffrn_detector.details                      ? 
_diffrn_detector.detector                     CCD 
_diffrn_detector.diffrn_id                    1 
_diffrn_detector.type                         'RIGAKU SATURN 944+' 
_diffrn_detector.area_resol_mean              ? 
_diffrn_detector.dtime                        ? 
_diffrn_detector.pdbx_frames_total            ? 
_diffrn_detector.pdbx_collection_time_total   ? 
_diffrn_detector.pdbx_collection_date         2016-10-07 
_diffrn_detector.pdbx_frequency               ? 
# 
_diffrn_radiation.collimation                      ? 
_diffrn_radiation.diffrn_id                        1 
_diffrn_radiation.filter_edge                      ? 
_diffrn_radiation.inhomogeneity                    ? 
_diffrn_radiation.monochromator                    ? 
_diffrn_radiation.polarisn_norm                    ? 
_diffrn_radiation.polarisn_ratio                   ? 
_diffrn_radiation.probe                            ? 
_diffrn_radiation.type                             ? 
_diffrn_radiation.xray_symbol                      ? 
_diffrn_radiation.wavelength_id                    1 
_diffrn_radiation.pdbx_monochromatic_or_laue_m_l   M 
_diffrn_radiation.pdbx_wavelength_list             ? 
_diffrn_radiation.pdbx_wavelength                  ? 
_diffrn_radiation.pdbx_diffrn_protocol             'SINGLE WAVELENGTH' 
_diffrn_radiation.pdbx_analyzer                    ? 
_diffrn_radiation.pdbx_scattering_type             x-ray 
# 
_diffrn_radiation_wavelength.id           1 
_diffrn_radiation_wavelength.wavelength   1.54 
_diffrn_radiation_wavelength.wt           1.0 
# 
_diffrn_source.current                     ? 
_diffrn_source.details                     ? 
_diffrn_source.diffrn_id                   1 
_diffrn_source.power                       ? 
_diffrn_source.size                        ? 
_diffrn_source.source                      'ROTATING ANODE' 
_diffrn_source.target                      ? 
_diffrn_source.type                        'RIGAKU MICROMAX-007 HF' 
_diffrn_source.voltage                     ? 
_diffrn_source.take-off_angle              ? 
_diffrn_source.pdbx_wavelength_list        1.54 
_diffrn_source.pdbx_wavelength             ? 
_diffrn_source.pdbx_synchrotron_beamline   ? 
_diffrn_source.pdbx_synchrotron_site       ? 
# 
_reflns.B_iso_Wilson_estimate                          ? 
_reflns.entry_id                                       7SND 
_reflns.data_reduction_details                         ? 
_reflns.data_reduction_method                          ? 
_reflns.d_resolution_high                              1.790 
_reflns.d_resolution_low                               50.000 
_reflns.details                                        ? 
_reflns.limit_h_max                                    ? 
_reflns.limit_h_min                                    ? 
_reflns.limit_k_max                                    ? 
_reflns.limit_k_min                                    ? 
_reflns.limit_l_max                                    ? 
_reflns.limit_l_min                                    ? 
_reflns.number_all                                     ? 
_reflns.number_obs                                     6336 
_reflns.observed_criterion                             ? 
_reflns.observed_criterion_F_max                       ? 
_reflns.observed_criterion_F_min                       ? 
_reflns.observed_criterion_I_max                       ? 
_reflns.observed_criterion_I_min                       ? 
_reflns.observed_criterion_sigma_F                     ? 
_reflns.observed_criterion_sigma_I                     ? 
_reflns.percent_possible_obs                           72.200 
_reflns.R_free_details                                 ? 
_reflns.Rmerge_F_all                                   ? 
_reflns.Rmerge_F_obs                                   ? 
_reflns.Friedel_coverage                               ? 
_reflns.number_gt                                      ? 
_reflns.threshold_expression                           ? 
_reflns.pdbx_redundancy                                7.200 
_reflns.pdbx_Rmerge_I_obs                              0.068 
_reflns.pdbx_Rmerge_I_all                              ? 
_reflns.pdbx_Rsym_value                                ? 
_reflns.pdbx_netI_over_av_sigmaI                       ? 
_reflns.pdbx_netI_over_sigmaI                          17.100 
_reflns.pdbx_res_netI_over_av_sigmaI_2                 ? 
_reflns.pdbx_res_netI_over_sigmaI_2                    ? 
_reflns.pdbx_chi_squared                               2.337 
_reflns.pdbx_scaling_rejects                           ? 
_reflns.pdbx_d_res_high_opt                            ? 
_reflns.pdbx_d_res_low_opt                             ? 
_reflns.pdbx_d_res_opt_method                          ? 
_reflns.phase_calculation_details                      ? 
_reflns.pdbx_Rrim_I_all                                0.073 
_reflns.pdbx_Rpim_I_all                                0.027 
_reflns.pdbx_d_opt                                     ? 
_reflns.pdbx_number_measured_all                       45734 
_reflns.pdbx_diffrn_id                                 1 
_reflns.pdbx_ordinal                                   1 
_reflns.pdbx_CC_half                                   ? 
_reflns.pdbx_CC_star                                   ? 
_reflns.pdbx_R_split                                   ? 
_reflns.pdbx_aniso_diffraction_limit_axis_1_ortho[1]   ? 
_reflns.pdbx_aniso_diffraction_limit_axis_1_ortho[2]   ? 
_reflns.pdbx_aniso_diffraction_limit_axis_1_ortho[3]   ? 
_reflns.pdbx_aniso_diffraction_limit_axis_2_ortho[1]   ? 
_reflns.pdbx_aniso_diffraction_limit_axis_2_ortho[2]   ? 
_reflns.pdbx_aniso_diffraction_limit_axis_2_ortho[3]   ? 
_reflns.pdbx_aniso_diffraction_limit_axis_3_ortho[1]   ? 
_reflns.pdbx_aniso_diffraction_limit_axis_3_ortho[2]   ? 
_reflns.pdbx_aniso_diffraction_limit_axis_3_ortho[3]   ? 
_reflns.pdbx_aniso_diffraction_limit_1                 ? 
_reflns.pdbx_aniso_diffraction_limit_2                 ? 
_reflns.pdbx_aniso_diffraction_limit_3                 ? 
_reflns.pdbx_aniso_B_tensor_eigenvector_1_ortho[1]     ? 
_reflns.pdbx_aniso_B_tensor_eigenvector_1_ortho[2]     ? 
_reflns.pdbx_aniso_B_tensor_eigenvector_1_ortho[3]     ? 
_reflns.pdbx_aniso_B_tensor_eigenvector_2_ortho[1]     ? 
_reflns.pdbx_aniso_B_tensor_eigenvector_2_ortho[2]     ? 
_reflns.pdbx_aniso_B_tensor_eigenvector_2_ortho[3]     ? 
_reflns.pdbx_aniso_B_tensor_eigenvector_3_ortho[1]     ? 
_reflns.pdbx_aniso_B_tensor_eigenvector_3_ortho[2]     ? 
_reflns.pdbx_aniso_B_tensor_eigenvector_3_ortho[3]     ? 
_reflns.pdbx_aniso_B_tensor_eigenvalue_1               ? 
_reflns.pdbx_aniso_B_tensor_eigenvalue_2               ? 
_reflns.pdbx_aniso_B_tensor_eigenvalue_3               ? 
_reflns.pdbx_orthogonalization_convention              ? 
_reflns.pdbx_percent_possible_ellipsoidal              ? 
_reflns.pdbx_percent_possible_spherical                ? 
_reflns.pdbx_percent_possible_ellipsoidal_anomalous    ? 
_reflns.pdbx_percent_possible_spherical_anomalous      ? 
_reflns.pdbx_redundancy_anomalous                      ? 
_reflns.pdbx_CC_half_anomalous                         ? 
_reflns.pdbx_absDiff_over_sigma_anomalous              ? 
_reflns.pdbx_percent_possible_anomalous                ? 
_reflns.pdbx_observed_signal_threshold                 ? 
_reflns.pdbx_signal_type                               ? 
_reflns.pdbx_signal_details                            ? 
_reflns.pdbx_signal_software_id                        ? 
# 
loop_
_reflns_shell.d_res_high 
_reflns_shell.d_res_low 
_reflns_shell.meanI_over_sigI_all 
_reflns_shell.meanI_over_sigI_obs 
_reflns_shell.number_measured_all 
_reflns_shell.number_measured_obs 
_reflns_shell.number_possible 
_reflns_shell.number_unique_all 
_reflns_shell.number_unique_obs 
_reflns_shell.percent_possible_all 
_reflns_shell.percent_possible_obs 
_reflns_shell.Rmerge_F_all 
_reflns_shell.Rmerge_F_obs 
_reflns_shell.Rmerge_I_all 
_reflns_shell.Rmerge_I_obs 
_reflns_shell.meanI_over_sigI_gt 
_reflns_shell.meanI_over_uI_all 
_reflns_shell.meanI_over_uI_gt 
_reflns_shell.number_measured_gt 
_reflns_shell.number_unique_gt 
_reflns_shell.percent_possible_gt 
_reflns_shell.Rmerge_F_gt 
_reflns_shell.Rmerge_I_gt 
_reflns_shell.pdbx_redundancy 
_reflns_shell.pdbx_Rsym_value 
_reflns_shell.pdbx_chi_squared 
_reflns_shell.pdbx_netI_over_sigmaI_all 
_reflns_shell.pdbx_netI_over_sigmaI_obs 
_reflns_shell.pdbx_Rrim_I_all 
_reflns_shell.pdbx_Rpim_I_all 
_reflns_shell.pdbx_rejects 
_reflns_shell.pdbx_ordinal 
_reflns_shell.pdbx_diffrn_id 
_reflns_shell.pdbx_CC_half 
_reflns_shell.pdbx_CC_star 
_reflns_shell.pdbx_R_split 
_reflns_shell.pdbx_percent_possible_ellipsoidal 
_reflns_shell.pdbx_percent_possible_spherical 
_reflns_shell.pdbx_percent_possible_ellipsoidal_anomalous 
_reflns_shell.pdbx_percent_possible_spherical_anomalous 
_reflns_shell.pdbx_redundancy_anomalous 
_reflns_shell.pdbx_CC_half_anomalous 
_reflns_shell.pdbx_absDiff_over_sigma_anomalous 
_reflns_shell.pdbx_percent_possible_anomalous 
1.790 1.820  ? ? ? ? ? ? 42  9.800  ? ? ? ? 0.160 ? ? ? ? ? ? ? ? 3.800 ? 0.943 ? ? 0.184 0.091 ? 1  1 0.960 ? ? ? ? ? ? ? ? ? ? 
1.820 1.850  ? ? ? ? ? ? 83  18.300 ? ? ? ? 0.128 ? ? ? ? ? ? ? ? 4.500 ? 1.282 ? ? 0.144 0.066 ? 2  1 0.984 ? ? ? ? ? ? ? ? ? ? 
1.850 1.890  ? ? ? ? ? ? 89  20.900 ? ? ? ? 0.136 ? ? ? ? ? ? ? ? 5.200 ? 1.130 ? ? 0.151 0.064 ? 3  1 0.990 ? ? ? ? ? ? ? ? ? ? 
1.890 1.930  ? ? ? ? ? ? 127 29.700 ? ? ? ? 0.121 ? ? ? ? ? ? ? ? 5.800 ? 1.530 ? ? 0.132 0.053 ? 4  1 0.989 ? ? ? ? ? ? ? ? ? ? 
1.930 1.970  ? ? ? ? ? ? 163 37.000 ? ? ? ? 0.117 ? ? ? ? ? ? ? ? 6.000 ? 1.598 ? ? 0.129 0.052 ? 5  1 0.985 ? ? ? ? ? ? ? ? ? ? 
1.970 2.020  ? ? ? ? ? ? 203 45.500 ? ? ? ? 0.103 ? ? ? ? ? ? ? ? 6.400 ? 1.629 ? ? 0.113 0.044 ? 6  1 0.996 ? ? ? ? ? ? ? ? ? ? 
2.020 2.070  ? ? ? ? ? ? 235 54.100 ? ? ? ? 0.103 ? ? ? ? ? ? ? ? 6.800 ? 1.806 ? ? 0.111 0.042 ? 7  1 0.989 ? ? ? ? ? ? ? ? ? ? 
2.070 2.120  ? ? ? ? ? ? 284 68.900 ? ? ? ? 0.104 ? ? ? ? ? ? ? ? 6.800 ? 2.200 ? ? 0.113 0.043 ? 8  1 0.990 ? ? ? ? ? ? ? ? ? ? 
2.120 2.180  ? ? ? ? ? ? 420 88.800 ? ? ? ? 0.101 ? ? ? ? ? ? ? ? 7.200 ? 2.280 ? ? 0.109 0.041 ? 9  1 0.994 ? ? ? ? ? ? ? ? ? ? 
2.180 2.260  ? ? ? ? ? ? 397 94.700 ? ? ? ? 0.108 ? ? ? ? ? ? ? ? 7.600 ? 2.363 ? ? 0.116 0.042 ? 10 1 0.992 ? ? ? ? ? ? ? ? ? ? 
2.260 2.340  ? ? ? ? ? ? 434 96.000 ? ? ? ? 0.097 ? ? ? ? ? ? ? ? 7.600 ? 2.163 ? ? 0.104 0.037 ? 11 1 0.991 ? ? ? ? ? ? ? ? ? ? 
2.340 2.430  ? ? ? ? ? ? 398 95.000 ? ? ? ? 0.094 ? ? ? ? ? ? ? ? 7.600 ? 2.433 ? ? 0.101 0.037 ? 12 1 0.993 ? ? ? ? ? ? ? ? ? ? 
2.430 2.540  ? ? ? ? ? ? 421 95.700 ? ? ? ? 0.090 ? ? ? ? ? ? ? ? 7.600 ? 2.336 ? ? 0.097 0.035 ? 13 1 0.994 ? ? ? ? ? ? ? ? ? ? 
2.540 2.670  ? ? ? ? ? ? 418 96.500 ? ? ? ? 0.082 ? ? ? ? ? ? ? ? 7.600 ? 2.416 ? ? 0.088 0.032 ? 14 1 0.995 ? ? ? ? ? ? ? ? ? ? 
2.670 2.840  ? ? ? ? ? ? 442 97.100 ? ? ? ? 0.079 ? ? ? ? ? ? ? ? 7.600 ? 2.700 ? ? 0.085 0.031 ? 15 1 0.996 ? ? ? ? ? ? ? ? ? ? 
2.840 3.060  ? ? ? ? ? ? 422 97.200 ? ? ? ? 0.074 ? ? ? ? ? ? ? ? 7.600 ? 2.800 ? ? 0.079 0.028 ? 16 1 0.996 ? ? ? ? ? ? ? ? ? ? 
3.060 3.370  ? ? ? ? ? ? 426 97.900 ? ? ? ? 0.066 ? ? ? ? ? ? ? ? 7.500 ? 2.803 ? ? 0.071 0.026 ? 17 1 0.997 ? ? ? ? ? ? ? ? ? ? 
3.370 3.860  ? ? ? ? ? ? 436 98.000 ? ? ? ? 0.059 ? ? ? ? ? ? ? ? 7.500 ? 2.612 ? ? 0.063 0.023 ? 18 1 0.998 ? ? ? ? ? ? ? ? ? ? 
3.860 4.860  ? ? ? ? ? ? 442 98.700 ? ? ? ? 0.051 ? ? ? ? ? ? ? ? 7.500 ? 2.522 ? ? 0.055 0.020 ? 19 1 0.997 ? ? ? ? ? ? ? ? ? ? 
4.860 50.000 ? ? ? ? ? ? 454 98.900 ? ? ? ? 0.045 ? ? ? ? ? ? ? ? 7.100 ? 1.944 ? ? 0.049 0.018 ? 20 1 0.999 ? ? ? ? ? ? ? ? ? ? 
# 
_refine.aniso_B[1][1]                            -0.0200 
_refine.aniso_B[1][2]                            0.0000 
_refine.aniso_B[1][3]                            0.0200 
_refine.aniso_B[2][2]                            0.0700 
_refine.aniso_B[2][3]                            0.0000 
_refine.aniso_B[3][3]                            -0.0500 
_refine.B_iso_max                                58.990 
_refine.B_iso_mean                               16.2670 
_refine.B_iso_min                                9.040 
_refine.correlation_coeff_Fo_to_Fc               0.9660 
_refine.correlation_coeff_Fo_to_Fc_free          0.9320 
_refine.details                                  
'HYDROGENS HAVE BEEN ADDED IN THE RIDING POSITIONS U VALUES      : REFINED INDIVIDUALLY' 
_refine.diff_density_max                         ? 
_refine.diff_density_max_esd                     ? 
_refine.diff_density_min                         ? 
_refine.diff_density_min_esd                     ? 
_refine.diff_density_rms                         ? 
_refine.diff_density_rms_esd                     ? 
_refine.entry_id                                 7SND 
_refine.pdbx_refine_id                           'X-RAY DIFFRACTION' 
_refine.ls_abs_structure_details                 ? 
_refine.ls_abs_structure_Flack                   ? 
_refine.ls_abs_structure_Flack_esd               ? 
_refine.ls_abs_structure_Rogers                  ? 
_refine.ls_abs_structure_Rogers_esd              ? 
_refine.ls_d_res_high                            1.7900 
_refine.ls_d_res_low                             28.7500 
_refine.ls_extinction_coef                       ? 
_refine.ls_extinction_coef_esd                   ? 
_refine.ls_extinction_expression                 ? 
_refine.ls_extinction_method                     ? 
_refine.ls_goodness_of_fit_all                   ? 
_refine.ls_goodness_of_fit_all_esd               ? 
_refine.ls_goodness_of_fit_obs                   ? 
_refine.ls_goodness_of_fit_obs_esd               ? 
_refine.ls_hydrogen_treatment                    ? 
_refine.ls_matrix_type                           ? 
_refine.ls_number_constraints                    ? 
_refine.ls_number_parameters                     ? 
_refine.ls_number_reflns_all                     ? 
_refine.ls_number_reflns_obs                     6003 
_refine.ls_number_reflns_R_free                  322 
_refine.ls_number_reflns_R_work                  ? 
_refine.ls_number_restraints                     ? 
_refine.ls_percent_reflns_obs                    72.0500 
_refine.ls_percent_reflns_R_free                 5.1000 
_refine.ls_R_factor_all                          ? 
_refine.ls_R_factor_obs                          0.1424 
_refine.ls_R_factor_R_free                       0.2074 
_refine.ls_R_factor_R_free_error                 ? 
_refine.ls_R_factor_R_free_error_details         ? 
_refine.ls_R_factor_R_work                       0.1392 
_refine.ls_R_Fsqd_factor_obs                     ? 
_refine.ls_R_I_factor_obs                        ? 
_refine.ls_redundancy_reflns_all                 ? 
_refine.ls_redundancy_reflns_obs                 ? 
_refine.ls_restrained_S_all                      ? 
_refine.ls_restrained_S_obs                      ? 
_refine.ls_shift_over_esd_max                    ? 
_refine.ls_shift_over_esd_mean                   ? 
_refine.ls_structure_factor_coef                 ? 
_refine.ls_weighting_details                     ? 
_refine.ls_weighting_scheme                      ? 
_refine.ls_wR_factor_all                         ? 
_refine.ls_wR_factor_obs                         ? 
_refine.ls_wR_factor_R_free                      ? 
_refine.ls_wR_factor_R_work                      ? 
_refine.occupancy_max                            ? 
_refine.occupancy_min                            ? 
_refine.solvent_model_details                    MASK 
_refine.solvent_model_param_bsol                 ? 
_refine.solvent_model_param_ksol                 ? 
_refine.pdbx_R_complete                          ? 
_refine.ls_R_factor_gt                           ? 
_refine.ls_goodness_of_fit_gt                    ? 
_refine.ls_goodness_of_fit_ref                   ? 
_refine.ls_shift_over_su_max                     ? 
_refine.ls_shift_over_su_max_lt                  ? 
_refine.ls_shift_over_su_mean                    ? 
_refine.ls_shift_over_su_mean_lt                 ? 
_refine.pdbx_ls_sigma_I                          ? 
_refine.pdbx_ls_sigma_F                          0.000 
_refine.pdbx_ls_sigma_Fsqd                       ? 
_refine.pdbx_data_cutoff_high_absF               ? 
_refine.pdbx_data_cutoff_high_rms_absF           ? 
_refine.pdbx_data_cutoff_low_absF                ? 
_refine.pdbx_isotropic_thermal_model             ? 
_refine.pdbx_ls_cross_valid_method               THROUGHOUT 
_refine.pdbx_method_to_determine_struct          'MOLECULAR REPLACEMENT' 
_refine.pdbx_starting_model                      1GL1 
_refine.pdbx_stereochemistry_target_values       'MAXIMUM LIKELIHOOD' 
_refine.pdbx_R_Free_selection_details            RANDOM 
_refine.pdbx_stereochem_target_val_spec_case     ? 
_refine.pdbx_overall_ESU_R                       0.2270 
_refine.pdbx_overall_ESU_R_Free                  0.1790 
_refine.pdbx_solvent_vdw_probe_radii             1.2000 
_refine.pdbx_solvent_ion_probe_radii             0.8000 
_refine.pdbx_solvent_shrinkage_radii             0.8000 
_refine.pdbx_real_space_R                        ? 
_refine.pdbx_density_correlation                 ? 
_refine.pdbx_pd_number_of_powder_patterns        ? 
_refine.pdbx_pd_number_of_points                 ? 
_refine.pdbx_pd_meas_number_of_points            ? 
_refine.pdbx_pd_proc_ls_prof_R_factor            ? 
_refine.pdbx_pd_proc_ls_prof_wR_factor           ? 
_refine.pdbx_pd_Marquardt_correlation_coeff      ? 
_refine.pdbx_pd_Fsqrd_R_factor                   ? 
_refine.pdbx_pd_ls_matrix_band_width             ? 
_refine.pdbx_overall_phase_error                 ? 
_refine.pdbx_overall_SU_R_free_Cruickshank_DPI   ? 
_refine.pdbx_overall_SU_R_free_Blow_DPI          ? 
_refine.pdbx_overall_SU_R_Blow_DPI               ? 
_refine.pdbx_TLS_residual_ADP_flag               ? 
_refine.pdbx_diffrn_id                           1 
_refine.overall_SU_B                             2.5000 
_refine.overall_SU_ML                            0.0780 
_refine.overall_SU_R_Cruickshank_DPI             ? 
_refine.overall_SU_R_free                        ? 
_refine.overall_FOM_free_R_set                   ? 
_refine.overall_FOM_work_R_set                   ? 
_refine.pdbx_average_fsc_overall                 ? 
_refine.pdbx_average_fsc_work                    ? 
_refine.pdbx_average_fsc_free                    ? 
# 
_refine_hist.pdbx_refine_id                   'X-RAY DIFFRACTION' 
_refine_hist.cycle_id                         final 
_refine_hist.details                          ? 
_refine_hist.d_res_high                       1.7900 
_refine_hist.d_res_low                        28.7500 
_refine_hist.number_atoms_solvent             88 
_refine_hist.number_atoms_total               1069 
_refine_hist.number_reflns_all                ? 
_refine_hist.number_reflns_obs                ? 
_refine_hist.number_reflns_R_free             ? 
_refine_hist.number_reflns_R_work             ? 
_refine_hist.R_factor_all                     ? 
_refine_hist.R_factor_obs                     ? 
_refine_hist.R_factor_R_free                  ? 
_refine_hist.R_factor_R_work                  ? 
_refine_hist.pdbx_number_residues_total       131 
_refine_hist.pdbx_B_iso_mean_ligand           38.80 
_refine_hist.pdbx_B_iso_mean_solvent          25.68 
_refine_hist.pdbx_number_atoms_protein        964 
_refine_hist.pdbx_number_atoms_nucleic_acid   0 
_refine_hist.pdbx_number_atoms_ligand         17 
_refine_hist.pdbx_number_atoms_lipid          ? 
_refine_hist.pdbx_number_atoms_carb           ? 
_refine_hist.pdbx_pseudo_atom_details         ? 
# 
loop_
_refine_ls_restr.pdbx_refine_id 
_refine_ls_restr.criterion 
_refine_ls_restr.dev_ideal 
_refine_ls_restr.dev_ideal_target 
_refine_ls_restr.number 
_refine_ls_restr.rejects 
_refine_ls_restr.type 
_refine_ls_restr.weight 
_refine_ls_restr.pdbx_restraint_function 
'X-RAY DIFFRACTION' ? 0.009  0.013  1008 ? r_bond_refined_d       ? ? 
'X-RAY DIFFRACTION' ? 0.002  0.018  850  ? r_bond_other_d         ? ? 
'X-RAY DIFFRACTION' ? 1.632  1.696  1365 ? r_angle_refined_deg    ? ? 
'X-RAY DIFFRACTION' ? 1.396  1.586  1993 ? r_angle_other_deg      ? ? 
'X-RAY DIFFRACTION' ? 7.849  5.000  131  ? r_dihedral_angle_1_deg ? ? 
'X-RAY DIFFRACTION' ? 31.978 20.345 58   ? r_dihedral_angle_2_deg ? ? 
'X-RAY DIFFRACTION' ? 13.549 15.000 168  ? r_dihedral_angle_3_deg ? ? 
'X-RAY DIFFRACTION' ? 14.976 15.000 13   ? r_dihedral_angle_4_deg ? ? 
'X-RAY DIFFRACTION' ? 0.082  0.200  139  ? r_chiral_restr         ? ? 
'X-RAY DIFFRACTION' ? 0.007  0.020  1161 ? r_gen_planes_refined   ? ? 
'X-RAY DIFFRACTION' ? 0.001  0.020  206  ? r_gen_planes_other     ? ? 
# 
_refine_ls_shell.pdbx_refine_id                   'X-RAY DIFFRACTION' 
_refine_ls_shell.d_res_high                       1.7910 
_refine_ls_shell.d_res_low                        1.8370 
_refine_ls_shell.number_reflns_all                73 
_refine_ls_shell.number_reflns_obs                ? 
_refine_ls_shell.number_reflns_R_free             5 
_refine_ls_shell.number_reflns_R_work             68 
_refine_ls_shell.percent_reflns_obs               11.2700 
_refine_ls_shell.percent_reflns_R_free            ? 
_refine_ls_shell.R_factor_all                     ? 
_refine_ls_shell.R_factor_obs                     ? 
_refine_ls_shell.R_factor_R_free                  0.2690 
_refine_ls_shell.R_factor_R_free_error            0.0000 
_refine_ls_shell.R_factor_R_work                  0.1650 
_refine_ls_shell.redundancy_reflns_all            ? 
_refine_ls_shell.redundancy_reflns_obs            ? 
_refine_ls_shell.wR_factor_all                    ? 
_refine_ls_shell.wR_factor_obs                    ? 
_refine_ls_shell.wR_factor_R_free                 ? 
_refine_ls_shell.wR_factor_R_work                 ? 
_refine_ls_shell.pdbx_R_complete                  ? 
_refine_ls_shell.pdbx_total_number_of_bins_used   20 
_refine_ls_shell.pdbx_phase_error                 ? 
_refine_ls_shell.pdbx_fsc_work                    ? 
_refine_ls_shell.pdbx_fsc_free                    ? 
# 
_struct.entry_id                     7SND 
_struct.title                        'Pacifastin related protease inhibitors' 
_struct.pdbx_model_details           ? 
_struct.pdbx_formula_weight          ? 
_struct.pdbx_formula_weight_method   ? 
_struct.pdbx_model_type_details      ? 
_struct.pdbx_CASP_flag               N 
# 
_struct_keywords.entry_id        7SND 
_struct_keywords.text            'CDP, Pacifastin, protease inhibitor, TOXIN' 
_struct_keywords.pdbx_keywords   TOXIN 
# 
loop_
_struct_asym.id 
_struct_asym.pdbx_blank_PDB_chainid_flag 
_struct_asym.pdbx_modified 
_struct_asym.entity_id 
_struct_asym.details 
A N N 1 ? 
B N N 1 ? 
C N N 1 ? 
D N N 1 ? 
E N N 2 ? 
F N N 2 ? 
G N N 3 ? 
H N N 4 ? 
I N N 4 ? 
J N N 4 ? 
K N N 4 ? 
# 
_struct_ref.id                         1 
_struct_ref.db_name                    UNP 
_struct_ref.db_code                    R4UK43_COPFO 
_struct_ref.pdbx_db_accession          R4UK43 
_struct_ref.pdbx_db_isoform            ? 
_struct_ref.entity_id                  1 
_struct_ref.pdbx_seq_one_letter_code   CQPGTTYQKGCNTCRCLEDGQTEACTLKLC 
_struct_ref.pdbx_align_begin           115 
# 
loop_
_struct_ref_seq.align_id 
_struct_ref_seq.ref_id 
_struct_ref_seq.pdbx_PDB_id_code 
_struct_ref_seq.pdbx_strand_id 
_struct_ref_seq.seq_align_beg 
_struct_ref_seq.pdbx_seq_align_beg_ins_code 
_struct_ref_seq.seq_align_end 
_struct_ref_seq.pdbx_seq_align_end_ins_code 
_struct_ref_seq.pdbx_db_accession 
_struct_ref_seq.db_align_beg 
_struct_ref_seq.pdbx_db_align_beg_ins_code 
_struct_ref_seq.db_align_end 
_struct_ref_seq.pdbx_db_align_end_ins_code 
_struct_ref_seq.pdbx_auth_seq_align_beg 
_struct_ref_seq.pdbx_auth_seq_align_end 
1 1 7SND A 4 ? 33 ? R4UK43 115 ? 144 ? 2 31 
2 1 7SND B 4 ? 33 ? R4UK43 115 ? 144 ? 2 31 
3 1 7SND C 4 ? 33 ? R4UK43 115 ? 144 ? 2 31 
4 1 7SND D 4 ? 33 ? R4UK43 115 ? 144 ? 2 31 
# 
loop_
_struct_ref_seq_dif.align_id 
_struct_ref_seq_dif.pdbx_pdb_id_code 
_struct_ref_seq_dif.mon_id 
_struct_ref_seq_dif.pdbx_pdb_strand_id 
_struct_ref_seq_dif.seq_num 
_struct_ref_seq_dif.pdbx_pdb_ins_code 
_struct_ref_seq_dif.pdbx_seq_db_name 
_struct_ref_seq_dif.pdbx_seq_db_accession_code 
_struct_ref_seq_dif.db_mon_id 
_struct_ref_seq_dif.pdbx_seq_db_seq_num 
_struct_ref_seq_dif.details 
_struct_ref_seq_dif.pdbx_auth_seq_num 
_struct_ref_seq_dif.pdbx_ordinal 
1 7SND GLY A 1  ? UNP R4UK43 ?   ?   'expression tag'      -1 1  
1 7SND SER A 2  ? UNP R4UK43 ?   ?   'expression tag'      0  2  
1 7SND SER A 3  ? UNP R4UK43 ?   ?   'expression tag'      1  3  
1 7SND ARG A 12 ? UNP R4UK43 LYS 123 'engineered mutation' 10 4  
1 7SND ARG A 31 ? UNP R4UK43 LYS 142 'engineered mutation' 29 5  
2 7SND GLY B 1  ? UNP R4UK43 ?   ?   'expression tag'      -1 6  
2 7SND SER B 2  ? UNP R4UK43 ?   ?   'expression tag'      0  7  
2 7SND SER B 3  ? UNP R4UK43 ?   ?   'expression tag'      1  8  
2 7SND ARG B 12 ? UNP R4UK43 LYS 123 'engineered mutation' 10 9  
2 7SND ARG B 31 ? UNP R4UK43 LYS 142 'engineered mutation' 29 10 
3 7SND GLY C 1  ? UNP R4UK43 ?   ?   'expression tag'      -1 11 
3 7SND SER C 2  ? UNP R4UK43 ?   ?   'expression tag'      0  12 
3 7SND SER C 3  ? UNP R4UK43 ?   ?   'expression tag'      1  13 
3 7SND ARG C 12 ? UNP R4UK43 LYS 123 'engineered mutation' 10 14 
3 7SND ARG C 31 ? UNP R4UK43 LYS 142 'engineered mutation' 29 15 
4 7SND GLY D 1  ? UNP R4UK43 ?   ?   'expression tag'      -1 16 
4 7SND SER D 2  ? UNP R4UK43 ?   ?   'expression tag'      0  17 
4 7SND SER D 3  ? UNP R4UK43 ?   ?   'expression tag'      1  18 
4 7SND ARG D 12 ? UNP R4UK43 LYS 123 'engineered mutation' 10 19 
4 7SND ARG D 31 ? UNP R4UK43 LYS 142 'engineered mutation' 29 20 
# 
loop_
_pdbx_struct_assembly.id 
_pdbx_struct_assembly.details 
_pdbx_struct_assembly.method_details 
_pdbx_struct_assembly.oligomeric_details 
_pdbx_struct_assembly.oligomeric_count 
1 author_defined_assembly ? monomeric 1 
2 author_defined_assembly ? monomeric 1 
3 author_defined_assembly ? monomeric 1 
4 author_defined_assembly ? monomeric 1 
# 
loop_
_pdbx_struct_assembly_gen.assembly_id 
_pdbx_struct_assembly_gen.oper_expression 
_pdbx_struct_assembly_gen.asym_id_list 
1 1 A,E,F,H 
2 1 B,I     
3 1 C,G,J   
4 1 D,K     
# 
_pdbx_struct_assembly_auth_evidence.id                     1 
_pdbx_struct_assembly_auth_evidence.assembly_id            1 
_pdbx_struct_assembly_auth_evidence.experimental_support   'gel filtration' 
_pdbx_struct_assembly_auth_evidence.details                ? 
# 
_pdbx_struct_oper_list.id                   1 
_pdbx_struct_oper_list.type                 'identity operation' 
_pdbx_struct_oper_list.name                 1_555 
_pdbx_struct_oper_list.symmetry_operation   x,y,z 
_pdbx_struct_oper_list.matrix[1][1]         1.0000000000 
_pdbx_struct_oper_list.matrix[1][2]         0.0000000000 
_pdbx_struct_oper_list.matrix[1][3]         0.0000000000 
_pdbx_struct_oper_list.vector[1]            0.0000000000 
_pdbx_struct_oper_list.matrix[2][1]         0.0000000000 
_pdbx_struct_oper_list.matrix[2][2]         1.0000000000 
_pdbx_struct_oper_list.matrix[2][3]         0.0000000000 
_pdbx_struct_oper_list.vector[2]            0.0000000000 
_pdbx_struct_oper_list.matrix[3][1]         0.0000000000 
_pdbx_struct_oper_list.matrix[3][2]         0.0000000000 
_pdbx_struct_oper_list.matrix[3][3]         1.0000000000 
_pdbx_struct_oper_list.vector[3]            0.0000000000 
# 
loop_
_struct_conn.id 
_struct_conn.conn_type_id 
_struct_conn.pdbx_leaving_atom_flag 
_struct_conn.pdbx_PDB_id 
_struct_conn.ptnr1_label_asym_id 
_struct_conn.ptnr1_label_comp_id 
_struct_conn.ptnr1_label_seq_id 
_struct_conn.ptnr1_label_atom_id 
_struct_conn.pdbx_ptnr1_label_alt_id 
_struct_conn.pdbx_ptnr1_PDB_ins_code 
_struct_conn.pdbx_ptnr1_standard_comp_id 
_struct_conn.ptnr1_symmetry 
_struct_conn.ptnr2_label_asym_id 
_struct_conn.ptnr2_label_comp_id 
_struct_conn.ptnr2_label_seq_id 
_struct_conn.ptnr2_label_atom_id 
_struct_conn.pdbx_ptnr2_label_alt_id 
_struct_conn.pdbx_ptnr2_PDB_ins_code 
_struct_conn.ptnr1_auth_asym_id 
_struct_conn.ptnr1_auth_comp_id 
_struct_conn.ptnr1_auth_seq_id 
_struct_conn.ptnr2_auth_asym_id 
_struct_conn.ptnr2_auth_comp_id 
_struct_conn.ptnr2_auth_seq_id 
_struct_conn.ptnr2_symmetry 
_struct_conn.pdbx_ptnr3_label_atom_id 
_struct_conn.pdbx_ptnr3_label_seq_id 
_struct_conn.pdbx_ptnr3_label_comp_id 
_struct_conn.pdbx_ptnr3_label_asym_id 
_struct_conn.pdbx_ptnr3_label_alt_id 
_struct_conn.pdbx_ptnr3_PDB_ins_code 
_struct_conn.details 
_struct_conn.pdbx_dist_value 
_struct_conn.pdbx_value_order 
_struct_conn.pdbx_role 
disulf1  disulf ? ? A CYS 4  SG ? ? ? 1_555 A CYS 19 SG ? ? A CYS 2  A CYS 17 1_555 ? ? ? ? ? ? ? 2.039 ? ? 
disulf2  disulf ? ? A CYS 14 SG ? ? ? 1_555 A CYS 33 SG ? ? A CYS 12 A CYS 31 1_555 ? ? ? ? ? ? ? 1.971 ? ? 
disulf3  disulf ? ? A CYS 17 SG ? ? ? 1_555 A CYS 28 SG ? ? A CYS 15 A CYS 26 1_555 ? ? ? ? ? ? ? 2.069 ? ? 
disulf4  disulf ? ? B CYS 4  SG ? ? ? 1_555 B CYS 19 SG ? ? B CYS 2  B CYS 17 1_555 ? ? ? ? ? ? ? 1.999 ? ? 
disulf5  disulf ? ? B CYS 14 SG ? ? ? 1_555 B CYS 33 SG ? ? B CYS 12 B CYS 31 1_555 ? ? ? ? ? ? ? 1.969 ? ? 
disulf6  disulf ? ? B CYS 17 SG ? ? ? 1_555 B CYS 28 SG ? ? B CYS 15 B CYS 26 1_555 ? ? ? ? ? ? ? 2.051 ? ? 
disulf7  disulf ? ? C CYS 4  SG ? ? ? 1_555 C CYS 19 SG ? ? C CYS 2  C CYS 17 1_555 ? ? ? ? ? ? ? 2.040 ? ? 
disulf8  disulf ? ? C CYS 14 SG ? ? ? 1_555 C CYS 33 SG ? ? C CYS 12 C CYS 31 1_555 ? ? ? ? ? ? ? 1.990 ? ? 
disulf9  disulf ? ? C CYS 17 SG ? ? ? 1_555 C CYS 28 SG ? ? C CYS 15 C CYS 26 1_555 ? ? ? ? ? ? ? 2.069 ? ? 
disulf10 disulf ? ? D CYS 4  SG ? ? ? 1_555 D CYS 19 SG ? ? D CYS 2  D CYS 17 1_555 ? ? ? ? ? ? ? 2.049 ? ? 
disulf11 disulf ? ? D CYS 14 SG ? ? ? 1_555 D CYS 33 SG ? ? D CYS 12 D CYS 31 1_555 ? ? ? ? ? ? ? 2.039 ? ? 
disulf12 disulf ? ? D CYS 17 SG ? ? ? 1_555 D CYS 28 SG ? ? D CYS 15 D CYS 26 1_555 ? ? ? ? ? ? ? 2.037 ? ? 
# 
_struct_conn_type.id          disulf 
_struct_conn_type.criteria    ? 
_struct_conn_type.reference   ? 
# 
loop_
_pdbx_modification_feature.ordinal 
_pdbx_modification_feature.label_comp_id 
_pdbx_modification_feature.label_asym_id 
_pdbx_modification_feature.label_seq_id 
_pdbx_modification_feature.label_alt_id 
_pdbx_modification_feature.modified_residue_label_comp_id 
_pdbx_modification_feature.modified_residue_label_asym_id 
_pdbx_modification_feature.modified_residue_label_seq_id 
_pdbx_modification_feature.modified_residue_label_alt_id 
_pdbx_modification_feature.auth_comp_id 
_pdbx_modification_feature.auth_asym_id 
_pdbx_modification_feature.auth_seq_id 
_pdbx_modification_feature.PDB_ins_code 
_pdbx_modification_feature.symmetry 
_pdbx_modification_feature.modified_residue_auth_comp_id 
_pdbx_modification_feature.modified_residue_auth_asym_id 
_pdbx_modification_feature.modified_residue_auth_seq_id 
_pdbx_modification_feature.modified_residue_PDB_ins_code 
_pdbx_modification_feature.modified_residue_symmetry 
_pdbx_modification_feature.comp_id_linking_atom 
_pdbx_modification_feature.modified_residue_id_linking_atom 
_pdbx_modification_feature.modified_residue_id 
_pdbx_modification_feature.ref_pcm_id 
_pdbx_modification_feature.ref_comp_id 
_pdbx_modification_feature.type 
_pdbx_modification_feature.category 
1  CYS A 4  ? CYS A 19 ? CYS A 2  ? 1_555 CYS A 17 ? 1_555 SG SG . . . None 'Disulfide bridge' 
2  CYS A 14 ? CYS A 33 ? CYS A 12 ? 1_555 CYS A 31 ? 1_555 SG SG . . . None 'Disulfide bridge' 
3  CYS A 17 ? CYS A 28 ? CYS A 15 ? 1_555 CYS A 26 ? 1_555 SG SG . . . None 'Disulfide bridge' 
4  CYS B 4  ? CYS B 19 ? CYS B 2  ? 1_555 CYS B 17 ? 1_555 SG SG . . . None 'Disulfide bridge' 
5  CYS B 14 ? CYS B 33 ? CYS B 12 ? 1_555 CYS B 31 ? 1_555 SG SG . . . None 'Disulfide bridge' 
6  CYS B 17 ? CYS B 28 ? CYS B 15 ? 1_555 CYS B 26 ? 1_555 SG SG . . . None 'Disulfide bridge' 
7  CYS C 4  ? CYS C 19 ? CYS C 2  ? 1_555 CYS C 17 ? 1_555 SG SG . . . None 'Disulfide bridge' 
8  CYS C 14 ? CYS C 33 ? CYS C 12 ? 1_555 CYS C 31 ? 1_555 SG SG . . . None 'Disulfide bridge' 
9  CYS C 17 ? CYS C 28 ? CYS C 15 ? 1_555 CYS C 26 ? 1_555 SG SG . . . None 'Disulfide bridge' 
10 CYS D 4  ? CYS D 19 ? CYS D 2  ? 1_555 CYS D 17 ? 1_555 SG SG . . . None 'Disulfide bridge' 
11 CYS D 14 ? CYS D 33 ? CYS D 12 ? 1_555 CYS D 31 ? 1_555 SG SG . . . None 'Disulfide bridge' 
12 CYS D 17 ? CYS D 28 ? CYS D 15 ? 1_555 CYS D 26 ? 1_555 SG SG . . . None 'Disulfide bridge' 
# 
loop_
_struct_sheet.id 
_struct_sheet.type 
_struct_sheet.number_strands 
_struct_sheet.details 
AA1 ? 6 ? 
AA2 ? 6 ? 
# 
loop_
_struct_sheet_order.sheet_id 
_struct_sheet_order.range_id_1 
_struct_sheet_order.range_id_2 
_struct_sheet_order.offset 
_struct_sheet_order.sense 
AA1 1 2 ? anti-parallel 
AA1 2 3 ? anti-parallel 
AA1 3 4 ? anti-parallel 
AA1 4 5 ? anti-parallel 
AA1 5 6 ? anti-parallel 
AA2 1 2 ? anti-parallel 
AA2 2 3 ? anti-parallel 
AA2 3 4 ? anti-parallel 
AA2 4 5 ? anti-parallel 
AA2 5 6 ? anti-parallel 
# 
loop_
_struct_sheet_range.sheet_id 
_struct_sheet_range.id 
_struct_sheet_range.beg_label_comp_id 
_struct_sheet_range.beg_label_asym_id 
_struct_sheet_range.beg_label_seq_id 
_struct_sheet_range.pdbx_beg_PDB_ins_code 
_struct_sheet_range.end_label_comp_id 
_struct_sheet_range.end_label_asym_id 
_struct_sheet_range.end_label_seq_id 
_struct_sheet_range.pdbx_end_PDB_ins_code 
_struct_sheet_range.beg_auth_comp_id 
_struct_sheet_range.beg_auth_asym_id 
_struct_sheet_range.beg_auth_seq_id 
_struct_sheet_range.end_auth_comp_id 
_struct_sheet_range.end_auth_asym_id 
_struct_sheet_range.end_auth_seq_id 
AA1 1 THR A 9  ? ARG A 12 ? THR A 7  ARG A 10 
AA1 2 ASN A 15 ? CYS A 19 ? ASN A 13 CYS A 17 
AA1 3 THR A 25 ? THR A 29 ? THR A 23 THR A 27 
AA1 4 THR B 25 ? THR B 29 ? THR B 23 THR B 27 
AA1 5 ASN B 15 ? CYS B 19 ? ASN B 13 CYS B 17 
AA1 6 THR B 9  ? ARG B 12 ? THR B 7  ARG B 10 
AA2 1 THR C 9  ? ARG C 12 ? THR C 7  ARG C 10 
AA2 2 ASN C 15 ? CYS C 19 ? ASN C 13 CYS C 17 
AA2 3 THR C 25 ? THR C 29 ? THR C 23 THR C 27 
AA2 4 THR D 25 ? THR D 29 ? THR D 23 THR D 27 
AA2 5 ASN D 15 ? CYS D 19 ? ASN D 13 CYS D 17 
AA2 6 THR D 9  ? ARG D 12 ? THR D 7  ARG D 10 
# 
loop_
_pdbx_struct_sheet_hbond.sheet_id 
_pdbx_struct_sheet_hbond.range_id_1 
_pdbx_struct_sheet_hbond.range_id_2 
_pdbx_struct_sheet_hbond.range_1_label_atom_id 
_pdbx_struct_sheet_hbond.range_1_label_comp_id 
_pdbx_struct_sheet_hbond.range_1_label_asym_id 
_pdbx_struct_sheet_hbond.range_1_label_seq_id 
_pdbx_struct_sheet_hbond.range_1_PDB_ins_code 
_pdbx_struct_sheet_hbond.range_1_auth_atom_id 
_pdbx_struct_sheet_hbond.range_1_auth_comp_id 
_pdbx_struct_sheet_hbond.range_1_auth_asym_id 
_pdbx_struct_sheet_hbond.range_1_auth_seq_id 
_pdbx_struct_sheet_hbond.range_2_label_atom_id 
_pdbx_struct_sheet_hbond.range_2_label_comp_id 
_pdbx_struct_sheet_hbond.range_2_label_asym_id 
_pdbx_struct_sheet_hbond.range_2_label_seq_id 
_pdbx_struct_sheet_hbond.range_2_PDB_ins_code 
_pdbx_struct_sheet_hbond.range_2_auth_atom_id 
_pdbx_struct_sheet_hbond.range_2_auth_comp_id 
_pdbx_struct_sheet_hbond.range_2_auth_asym_id 
_pdbx_struct_sheet_hbond.range_2_auth_seq_id 
AA1 1 2 N TYR A 10 ? N TYR A 8  O CYS A 17 ? O CYS A 15 
AA1 2 3 N ARG A 18 ? N ARG A 16 O ALA A 27 ? O ALA A 25 
AA1 3 4 N GLU A 26 ? N GLU A 24 O CYS B 28 ? O CYS B 26 
AA1 4 5 O ALA B 27 ? O ALA B 25 N ARG B 18 ? N ARG B 16 
AA1 5 6 O CYS B 17 ? O CYS B 15 N TYR B 10 ? N TYR B 8  
AA2 1 2 N TYR C 10 ? N TYR C 8  O CYS C 17 ? O CYS C 15 
AA2 2 3 N ARG C 18 ? N ARG C 16 O ALA C 27 ? O ALA C 25 
AA2 3 4 N CYS C 28 ? N CYS C 26 O GLU D 26 ? O GLU D 24 
AA2 4 5 O ALA D 27 ? O ALA D 25 N ARG D 18 ? N ARG D 16 
AA2 5 6 O CYS D 17 ? O CYS D 15 N TYR D 10 ? N TYR D 8  
# 
_pdbx_entry_details.entry_id                   7SND 
_pdbx_entry_details.has_ligand_of_interest     Y 
_pdbx_entry_details.compound_details           ? 
_pdbx_entry_details.source_details             ? 
_pdbx_entry_details.nonpolymer_details         ? 
_pdbx_entry_details.sequence_details           ? 
_pdbx_entry_details.has_protein_modification   Y 
# 
_pdbx_unobs_or_zero_occ_residues.id               1 
_pdbx_unobs_or_zero_occ_residues.PDB_model_num    1 
_pdbx_unobs_or_zero_occ_residues.polymer_flag     Y 
_pdbx_unobs_or_zero_occ_residues.occupancy_flag   1 
_pdbx_unobs_or_zero_occ_residues.auth_asym_id     B 
_pdbx_unobs_or_zero_occ_residues.auth_comp_id     GLY 
_pdbx_unobs_or_zero_occ_residues.auth_seq_id      -1 
_pdbx_unobs_or_zero_occ_residues.PDB_ins_code     ? 
_pdbx_unobs_or_zero_occ_residues.label_asym_id    B 
_pdbx_unobs_or_zero_occ_residues.label_comp_id    GLY 
_pdbx_unobs_or_zero_occ_residues.label_seq_id     1 
# 
loop_
_chem_comp_atom.comp_id 
_chem_comp_atom.atom_id 
_chem_comp_atom.type_symbol 
_chem_comp_atom.pdbx_aromatic_flag 
_chem_comp_atom.pdbx_stereo_config 
_chem_comp_atom.pdbx_ordinal 
ALA N    N N N 1   
ALA CA   C N S 2   
ALA C    C N N 3   
ALA O    O N N 4   
ALA CB   C N N 5   
ALA OXT  O N N 6   
ALA H    H N N 7   
ALA H2   H N N 8   
ALA HA   H N N 9   
ALA HB1  H N N 10  
ALA HB2  H N N 11  
ALA HB3  H N N 12  
ALA HXT  H N N 13  
ARG N    N N N 14  
ARG CA   C N S 15  
ARG C    C N N 16  
ARG O    O N N 17  
ARG CB   C N N 18  
ARG CG   C N N 19  
ARG CD   C N N 20  
ARG NE   N N N 21  
ARG CZ   C N N 22  
ARG NH1  N N N 23  
ARG NH2  N N N 24  
ARG OXT  O N N 25  
ARG H    H N N 26  
ARG H2   H N N 27  
ARG HA   H N N 28  
ARG HB2  H N N 29  
ARG HB3  H N N 30  
ARG HG2  H N N 31  
ARG HG3  H N N 32  
ARG HD2  H N N 33  
ARG HD3  H N N 34  
ARG HE   H N N 35  
ARG HH11 H N N 36  
ARG HH12 H N N 37  
ARG HH21 H N N 38  
ARG HH22 H N N 39  
ARG HXT  H N N 40  
ASN N    N N N 41  
ASN CA   C N S 42  
ASN C    C N N 43  
ASN O    O N N 44  
ASN CB   C N N 45  
ASN CG   C N N 46  
ASN OD1  O N N 47  
ASN ND2  N N N 48  
ASN OXT  O N N 49  
ASN H    H N N 50  
ASN H2   H N N 51  
ASN HA   H N N 52  
ASN HB2  H N N 53  
ASN HB3  H N N 54  
ASN HD21 H N N 55  
ASN HD22 H N N 56  
ASN HXT  H N N 57  
ASP N    N N N 58  
ASP CA   C N S 59  
ASP C    C N N 60  
ASP O    O N N 61  
ASP CB   C N N 62  
ASP CG   C N N 63  
ASP OD1  O N N 64  
ASP OD2  O N N 65  
ASP OXT  O N N 66  
ASP H    H N N 67  
ASP H2   H N N 68  
ASP HA   H N N 69  
ASP HB2  H N N 70  
ASP HB3  H N N 71  
ASP HD2  H N N 72  
ASP HXT  H N N 73  
CYS N    N N N 74  
CYS CA   C N R 75  
CYS C    C N N 76  
CYS O    O N N 77  
CYS CB   C N N 78  
CYS SG   S N N 79  
CYS OXT  O N N 80  
CYS H    H N N 81  
CYS H2   H N N 82  
CYS HA   H N N 83  
CYS HB2  H N N 84  
CYS HB3  H N N 85  
CYS HG   H N N 86  
CYS HXT  H N N 87  
GLN N    N N N 88  
GLN CA   C N S 89  
GLN C    C N N 90  
GLN O    O N N 91  
GLN CB   C N N 92  
GLN CG   C N N 93  
GLN CD   C N N 94  
GLN OE1  O N N 95  
GLN NE2  N N N 96  
GLN OXT  O N N 97  
GLN H    H N N 98  
GLN H2   H N N 99  
GLN HA   H N N 100 
GLN HB2  H N N 101 
GLN HB3  H N N 102 
GLN HG2  H N N 103 
GLN HG3  H N N 104 
GLN HE21 H N N 105 
GLN HE22 H N N 106 
GLN HXT  H N N 107 
GLU N    N N N 108 
GLU CA   C N S 109 
GLU C    C N N 110 
GLU O    O N N 111 
GLU CB   C N N 112 
GLU CG   C N N 113 
GLU CD   C N N 114 
GLU OE1  O N N 115 
GLU OE2  O N N 116 
GLU OXT  O N N 117 
GLU H    H N N 118 
GLU H2   H N N 119 
GLU HA   H N N 120 
GLU HB2  H N N 121 
GLU HB3  H N N 122 
GLU HG2  H N N 123 
GLU HG3  H N N 124 
GLU HE2  H N N 125 
GLU HXT  H N N 126 
GLY N    N N N 127 
GLY CA   C N N 128 
GLY C    C N N 129 
GLY O    O N N 130 
GLY OXT  O N N 131 
GLY H    H N N 132 
GLY H2   H N N 133 
GLY HA2  H N N 134 
GLY HA3  H N N 135 
GLY HXT  H N N 136 
GOL C1   C N N 137 
GOL O1   O N N 138 
GOL C2   C N N 139 
GOL O2   O N N 140 
GOL C3   C N N 141 
GOL O3   O N N 142 
GOL H11  H N N 143 
GOL H12  H N N 144 
GOL HO1  H N N 145 
GOL H2   H N N 146 
GOL HO2  H N N 147 
GOL H31  H N N 148 
GOL H32  H N N 149 
GOL HO3  H N N 150 
HOH O    O N N 151 
HOH H1   H N N 152 
HOH H2   H N N 153 
LEU N    N N N 154 
LEU CA   C N S 155 
LEU C    C N N 156 
LEU O    O N N 157 
LEU CB   C N N 158 
LEU CG   C N N 159 
LEU CD1  C N N 160 
LEU CD2  C N N 161 
LEU OXT  O N N 162 
LEU H    H N N 163 
LEU H2   H N N 164 
LEU HA   H N N 165 
LEU HB2  H N N 166 
LEU HB3  H N N 167 
LEU HG   H N N 168 
LEU HD11 H N N 169 
LEU HD12 H N N 170 
LEU HD13 H N N 171 
LEU HD21 H N N 172 
LEU HD22 H N N 173 
LEU HD23 H N N 174 
LEU HXT  H N N 175 
LYS N    N N N 176 
LYS CA   C N S 177 
LYS C    C N N 178 
LYS O    O N N 179 
LYS CB   C N N 180 
LYS CG   C N N 181 
LYS CD   C N N 182 
LYS CE   C N N 183 
LYS NZ   N N N 184 
LYS OXT  O N N 185 
LYS H    H N N 186 
LYS H2   H N N 187 
LYS HA   H N N 188 
LYS HB2  H N N 189 
LYS HB3  H N N 190 
LYS HG2  H N N 191 
LYS HG3  H N N 192 
LYS HD2  H N N 193 
LYS HD3  H N N 194 
LYS HE2  H N N 195 
LYS HE3  H N N 196 
LYS HZ1  H N N 197 
LYS HZ2  H N N 198 
LYS HZ3  H N N 199 
LYS HXT  H N N 200 
PO4 P    P N N 201 
PO4 O1   O N N 202 
PO4 O2   O N N 203 
PO4 O3   O N N 204 
PO4 O4   O N N 205 
PRO N    N N N 206 
PRO CA   C N S 207 
PRO C    C N N 208 
PRO O    O N N 209 
PRO CB   C N N 210 
PRO CG   C N N 211 
PRO CD   C N N 212 
PRO OXT  O N N 213 
PRO H    H N N 214 
PRO HA   H N N 215 
PRO HB2  H N N 216 
PRO HB3  H N N 217 
PRO HG2  H N N 218 
PRO HG3  H N N 219 
PRO HD2  H N N 220 
PRO HD3  H N N 221 
PRO HXT  H N N 222 
SER N    N N N 223 
SER CA   C N S 224 
SER C    C N N 225 
SER O    O N N 226 
SER CB   C N N 227 
SER OG   O N N 228 
SER OXT  O N N 229 
SER H    H N N 230 
SER H2   H N N 231 
SER HA   H N N 232 
SER HB2  H N N 233 
SER HB3  H N N 234 
SER HG   H N N 235 
SER HXT  H N N 236 
THR N    N N N 237 
THR CA   C N S 238 
THR C    C N N 239 
THR O    O N N 240 
THR CB   C N R 241 
THR OG1  O N N 242 
THR CG2  C N N 243 
THR OXT  O N N 244 
THR H    H N N 245 
THR H2   H N N 246 
THR HA   H N N 247 
THR HB   H N N 248 
THR HG1  H N N 249 
THR HG21 H N N 250 
THR HG22 H N N 251 
THR HG23 H N N 252 
THR HXT  H N N 253 
TYR N    N N N 254 
TYR CA   C N S 255 
TYR C    C N N 256 
TYR O    O N N 257 
TYR CB   C N N 258 
TYR CG   C Y N 259 
TYR CD1  C Y N 260 
TYR CD2  C Y N 261 
TYR CE1  C Y N 262 
TYR CE2  C Y N 263 
TYR CZ   C Y N 264 
TYR OH   O N N 265 
TYR OXT  O N N 266 
TYR H    H N N 267 
TYR H2   H N N 268 
TYR HA   H N N 269 
TYR HB2  H N N 270 
TYR HB3  H N N 271 
TYR HD1  H N N 272 
TYR HD2  H N N 273 
TYR HE1  H N N 274 
TYR HE2  H N N 275 
TYR HH   H N N 276 
TYR HXT  H N N 277 
# 
loop_
_chem_comp_bond.comp_id 
_chem_comp_bond.atom_id_1 
_chem_comp_bond.atom_id_2 
_chem_comp_bond.value_order 
_chem_comp_bond.pdbx_aromatic_flag 
_chem_comp_bond.pdbx_stereo_config 
_chem_comp_bond.pdbx_ordinal 
ALA N   CA   sing N N 1   
ALA N   H    sing N N 2   
ALA N   H2   sing N N 3   
ALA CA  C    sing N N 4   
ALA CA  CB   sing N N 5   
ALA CA  HA   sing N N 6   
ALA C   O    doub N N 7   
ALA C   OXT  sing N N 8   
ALA CB  HB1  sing N N 9   
ALA CB  HB2  sing N N 10  
ALA CB  HB3  sing N N 11  
ALA OXT HXT  sing N N 12  
ARG N   CA   sing N N 13  
ARG N   H    sing N N 14  
ARG N   H2   sing N N 15  
ARG CA  C    sing N N 16  
ARG CA  CB   sing N N 17  
ARG CA  HA   sing N N 18  
ARG C   O    doub N N 19  
ARG C   OXT  sing N N 20  
ARG CB  CG   sing N N 21  
ARG CB  HB2  sing N N 22  
ARG CB  HB3  sing N N 23  
ARG CG  CD   sing N N 24  
ARG CG  HG2  sing N N 25  
ARG CG  HG3  sing N N 26  
ARG CD  NE   sing N N 27  
ARG CD  HD2  sing N N 28  
ARG CD  HD3  sing N N 29  
ARG NE  CZ   sing N N 30  
ARG NE  HE   sing N N 31  
ARG CZ  NH1  sing N N 32  
ARG CZ  NH2  doub N N 33  
ARG NH1 HH11 sing N N 34  
ARG NH1 HH12 sing N N 35  
ARG NH2 HH21 sing N N 36  
ARG NH2 HH22 sing N N 37  
ARG OXT HXT  sing N N 38  
ASN N   CA   sing N N 39  
ASN N   H    sing N N 40  
ASN N   H2   sing N N 41  
ASN CA  C    sing N N 42  
ASN CA  CB   sing N N 43  
ASN CA  HA   sing N N 44  
ASN C   O    doub N N 45  
ASN C   OXT  sing N N 46  
ASN CB  CG   sing N N 47  
ASN CB  HB2  sing N N 48  
ASN CB  HB3  sing N N 49  
ASN CG  OD1  doub N N 50  
ASN CG  ND2  sing N N 51  
ASN ND2 HD21 sing N N 52  
ASN ND2 HD22 sing N N 53  
ASN OXT HXT  sing N N 54  
ASP N   CA   sing N N 55  
ASP N   H    sing N N 56  
ASP N   H2   sing N N 57  
ASP CA  C    sing N N 58  
ASP CA  CB   sing N N 59  
ASP CA  HA   sing N N 60  
ASP C   O    doub N N 61  
ASP C   OXT  sing N N 62  
ASP CB  CG   sing N N 63  
ASP CB  HB2  sing N N 64  
ASP CB  HB3  sing N N 65  
ASP CG  OD1  doub N N 66  
ASP CG  OD2  sing N N 67  
ASP OD2 HD2  sing N N 68  
ASP OXT HXT  sing N N 69  
CYS N   CA   sing N N 70  
CYS N   H    sing N N 71  
CYS N   H2   sing N N 72  
CYS CA  C    sing N N 73  
CYS CA  CB   sing N N 74  
CYS CA  HA   sing N N 75  
CYS C   O    doub N N 76  
CYS C   OXT  sing N N 77  
CYS CB  SG   sing N N 78  
CYS CB  HB2  sing N N 79  
CYS CB  HB3  sing N N 80  
CYS SG  HG   sing N N 81  
CYS OXT HXT  sing N N 82  
GLN N   CA   sing N N 83  
GLN N   H    sing N N 84  
GLN N   H2   sing N N 85  
GLN CA  C    sing N N 86  
GLN CA  CB   sing N N 87  
GLN CA  HA   sing N N 88  
GLN C   O    doub N N 89  
GLN C   OXT  sing N N 90  
GLN CB  CG   sing N N 91  
GLN CB  HB2  sing N N 92  
GLN CB  HB3  sing N N 93  
GLN CG  CD   sing N N 94  
GLN CG  HG2  sing N N 95  
GLN CG  HG3  sing N N 96  
GLN CD  OE1  doub N N 97  
GLN CD  NE2  sing N N 98  
GLN NE2 HE21 sing N N 99  
GLN NE2 HE22 sing N N 100 
GLN OXT HXT  sing N N 101 
GLU N   CA   sing N N 102 
GLU N   H    sing N N 103 
GLU N   H2   sing N N 104 
GLU CA  C    sing N N 105 
GLU CA  CB   sing N N 106 
GLU CA  HA   sing N N 107 
GLU C   O    doub N N 108 
GLU C   OXT  sing N N 109 
GLU CB  CG   sing N N 110 
GLU CB  HB2  sing N N 111 
GLU CB  HB3  sing N N 112 
GLU CG  CD   sing N N 113 
GLU CG  HG2  sing N N 114 
GLU CG  HG3  sing N N 115 
GLU CD  OE1  doub N N 116 
GLU CD  OE2  sing N N 117 
GLU OE2 HE2  sing N N 118 
GLU OXT HXT  sing N N 119 
GLY N   CA   sing N N 120 
GLY N   H    sing N N 121 
GLY N   H2   sing N N 122 
GLY CA  C    sing N N 123 
GLY CA  HA2  sing N N 124 
GLY CA  HA3  sing N N 125 
GLY C   O    doub N N 126 
GLY C   OXT  sing N N 127 
GLY OXT HXT  sing N N 128 
GOL C1  O1   sing N N 129 
GOL C1  C2   sing N N 130 
GOL C1  H11  sing N N 131 
GOL C1  H12  sing N N 132 
GOL O1  HO1  sing N N 133 
GOL C2  O2   sing N N 134 
GOL C2  C3   sing N N 135 
GOL C2  H2   sing N N 136 
GOL O2  HO2  sing N N 137 
GOL C3  O3   sing N N 138 
GOL C3  H31  sing N N 139 
GOL C3  H32  sing N N 140 
GOL O3  HO3  sing N N 141 
HOH O   H1   sing N N 142 
HOH O   H2   sing N N 143 
LEU N   CA   sing N N 144 
LEU N   H    sing N N 145 
LEU N   H2   sing N N 146 
LEU CA  C    sing N N 147 
LEU CA  CB   sing N N 148 
LEU CA  HA   sing N N 149 
LEU C   O    doub N N 150 
LEU C   OXT  sing N N 151 
LEU CB  CG   sing N N 152 
LEU CB  HB2  sing N N 153 
LEU CB  HB3  sing N N 154 
LEU CG  CD1  sing N N 155 
LEU CG  CD2  sing N N 156 
LEU CG  HG   sing N N 157 
LEU CD1 HD11 sing N N 158 
LEU CD1 HD12 sing N N 159 
LEU CD1 HD13 sing N N 160 
LEU CD2 HD21 sing N N 161 
LEU CD2 HD22 sing N N 162 
LEU CD2 HD23 sing N N 163 
LEU OXT HXT  sing N N 164 
LYS N   CA   sing N N 165 
LYS N   H    sing N N 166 
LYS N   H2   sing N N 167 
LYS CA  C    sing N N 168 
LYS CA  CB   sing N N 169 
LYS CA  HA   sing N N 170 
LYS C   O    doub N N 171 
LYS C   OXT  sing N N 172 
LYS CB  CG   sing N N 173 
LYS CB  HB2  sing N N 174 
LYS CB  HB3  sing N N 175 
LYS CG  CD   sing N N 176 
LYS CG  HG2  sing N N 177 
LYS CG  HG3  sing N N 178 
LYS CD  CE   sing N N 179 
LYS CD  HD2  sing N N 180 
LYS CD  HD3  sing N N 181 
LYS CE  NZ   sing N N 182 
LYS CE  HE2  sing N N 183 
LYS CE  HE3  sing N N 184 
LYS NZ  HZ1  sing N N 185 
LYS NZ  HZ2  sing N N 186 
LYS NZ  HZ3  sing N N 187 
LYS OXT HXT  sing N N 188 
PO4 P   O1   doub N N 189 
PO4 P   O2   sing N N 190 
PO4 P   O3   sing N N 191 
PO4 P   O4   sing N N 192 
PRO N   CA   sing N N 193 
PRO N   CD   sing N N 194 
PRO N   H    sing N N 195 
PRO CA  C    sing N N 196 
PRO CA  CB   sing N N 197 
PRO CA  HA   sing N N 198 
PRO C   O    doub N N 199 
PRO C   OXT  sing N N 200 
PRO CB  CG   sing N N 201 
PRO CB  HB2  sing N N 202 
PRO CB  HB3  sing N N 203 
PRO CG  CD   sing N N 204 
PRO CG  HG2  sing N N 205 
PRO CG  HG3  sing N N 206 
PRO CD  HD2  sing N N 207 
PRO CD  HD3  sing N N 208 
PRO OXT HXT  sing N N 209 
SER N   CA   sing N N 210 
SER N   H    sing N N 211 
SER N   H2   sing N N 212 
SER CA  C    sing N N 213 
SER CA  CB   sing N N 214 
SER CA  HA   sing N N 215 
SER C   O    doub N N 216 
SER C   OXT  sing N N 217 
SER CB  OG   sing N N 218 
SER CB  HB2  sing N N 219 
SER CB  HB3  sing N N 220 
SER OG  HG   sing N N 221 
SER OXT HXT  sing N N 222 
THR N   CA   sing N N 223 
THR N   H    sing N N 224 
THR N   H2   sing N N 225 
THR CA  C    sing N N 226 
THR CA  CB   sing N N 227 
THR CA  HA   sing N N 228 
THR C   O    doub N N 229 
THR C   OXT  sing N N 230 
THR CB  OG1  sing N N 231 
THR CB  CG2  sing N N 232 
THR CB  HB   sing N N 233 
THR OG1 HG1  sing N N 234 
THR CG2 HG21 sing N N 235 
THR CG2 HG22 sing N N 236 
THR CG2 HG23 sing N N 237 
THR OXT HXT  sing N N 238 
TYR N   CA   sing N N 239 
TYR N   H    sing N N 240 
TYR N   H2   sing N N 241 
TYR CA  C    sing N N 242 
TYR CA  CB   sing N N 243 
TYR CA  HA   sing N N 244 
TYR C   O    doub N N 245 
TYR C   OXT  sing N N 246 
TYR CB  CG   sing N N 247 
TYR CB  HB2  sing N N 248 
TYR CB  HB3  sing N N 249 
TYR CG  CD1  doub Y N 250 
TYR CG  CD2  sing Y N 251 
TYR CD1 CE1  sing Y N 252 
TYR CD1 HD1  sing N N 253 
TYR CD2 CE2  doub Y N 254 
TYR CD2 HD2  sing N N 255 
TYR CE1 CZ   doub Y N 256 
TYR CE1 HE1  sing N N 257 
TYR CE2 CZ   sing Y N 258 
TYR CE2 HE2  sing N N 259 
TYR CZ  OH   sing N N 260 
TYR OH  HH   sing N N 261 
TYR OXT HXT  sing N N 262 
# 
_pdbx_audit_support.funding_organization   'Not funded' 
_pdbx_audit_support.country                ? 
_pdbx_audit_support.grant_number           ? 
_pdbx_audit_support.ordinal                1 
# 
_pdbx_initial_refinement_model.id               1 
_pdbx_initial_refinement_model.entity_id_list   ? 
_pdbx_initial_refinement_model.type             'experimental model' 
_pdbx_initial_refinement_model.source_name      PDB 
_pdbx_initial_refinement_model.accession_code   1GL1 
_pdbx_initial_refinement_model.details          ? 
# 
_atom_sites.entry_id                    7SND 
_atom_sites.Cartn_transf_matrix[1][1]   ? 
_atom_sites.Cartn_transf_matrix[1][2]   ? 
_atom_sites.Cartn_transf_matrix[1][3]   ? 
_atom_sites.Cartn_transf_matrix[2][1]   ? 
_atom_sites.Cartn_transf_matrix[2][2]   ? 
_atom_sites.Cartn_transf_matrix[2][3]   ? 
_atom_sites.Cartn_transf_matrix[3][1]   ? 
_atom_sites.Cartn_transf_matrix[3][2]   ? 
_atom_sites.Cartn_transf_matrix[3][3]   ? 
_atom_sites.Cartn_transf_vector[1]      ? 
_atom_sites.Cartn_transf_vector[2]      ? 
_atom_sites.Cartn_transf_vector[3]      ? 
_atom_sites.fract_transf_matrix[1][1]   -0.00377091 
_atom_sites.fract_transf_matrix[1][2]   -0.00658464 
_atom_sites.fract_transf_matrix[1][3]   0.03831134 
_atom_sites.fract_transf_matrix[2][1]   -0.00446516 
_atom_sites.fract_transf_matrix[2][2]   0.01842755 
_atom_sites.fract_transf_matrix[2][3]   0.00272768 
_atom_sites.fract_transf_matrix[3][1]   -0.02811640 
_atom_sites.fract_transf_matrix[3][2]   -0.00708117 
_atom_sites.fract_transf_matrix[3][3]   0.00181261 
_atom_sites.fract_transf_vector[1]      0.786008 
_atom_sites.fract_transf_vector[2]      -0.064015 
_atom_sites.fract_transf_vector[3]      1.327369 
_atom_sites.solution_primary            ? 
_atom_sites.solution_secondary          ? 
_atom_sites.solution_hydrogens          ? 
_atom_sites.special_details             ? 
# 
loop_
_atom_type.symbol 
C 
N 
O 
P 
S 
# 
loop_
_atom_site.group_PDB 
_atom_site.id 
_atom_site.type_symbol 
_atom_site.label_atom_id 
_atom_site.label_alt_id 
_atom_site.label_comp_id 
_atom_site.label_asym_id 
_atom_site.label_entity_id 
_atom_site.label_seq_id 
_atom_site.pdbx_PDB_ins_code 
_atom_site.Cartn_x 
_atom_site.Cartn_y 
_atom_site.Cartn_z 
_atom_site.occupancy 
_atom_site.B_iso_or_equiv 
_atom_site.pdbx_formal_charge 
_atom_site.auth_seq_id 
_atom_site.auth_comp_id 
_atom_site.auth_asym_id 
_atom_site.auth_atom_id 
_atom_site.pdbx_PDB_model_num 
ATOM   1    N N   . GLY A 1 1  ? -20.420 -17.266 2.389   1.00 25.48 ? -1  GLY A N   1 
ATOM   2    C CA  . GLY A 1 1  ? -19.247 -16.457 2.049   1.00 23.84 ? -1  GLY A CA  1 
ATOM   3    C C   . GLY A 1 1  ? -19.244 -15.175 2.864   1.00 24.12 ? -1  GLY A C   1 
ATOM   4    O O   . GLY A 1 1  ? -20.303 -14.781 3.394   1.00 26.73 ? -1  GLY A O   1 
ATOM   5    N N   . SER A 1 2  ? -18.091 -14.542 3.015   1.00 22.20 ? 0   SER A N   1 
ATOM   6    C CA  . SER A 1 2  ? -17.961 -13.251 3.730   1.00 21.30 ? 0   SER A CA  1 
ATOM   7    C C   . SER A 1 2  ? -17.971 -12.098 2.713   1.00 19.40 ? 0   SER A C   1 
ATOM   8    O O   . SER A 1 2  ? -18.124 -12.369 1.506   1.00 20.64 ? 0   SER A O   1 
ATOM   9    C CB  . SER A 1 2  ? -16.740 -13.284 4.605   1.00 22.79 ? 0   SER A CB  1 
ATOM   10   O OG  . SER A 1 2  ? -15.662 -13.870 3.921   1.00 22.52 ? 0   SER A OG  1 
ATOM   11   N N   . SER A 1 3  ? -17.811 -10.852 3.159   1.00 16.06 ? 1   SER A N   1 
ATOM   12   C CA  . SER A 1 3  ? -17.940 -9.651  2.299   1.00 14.69 ? 1   SER A CA  1 
ATOM   13   C C   . SER A 1 3  ? -16.726 -9.503  1.375   1.00 13.31 ? 1   SER A C   1 
ATOM   14   O O   . SER A 1 3  ? -16.886 -8.874  0.299   1.00 13.19 ? 1   SER A O   1 
ATOM   15   C CB  . SER A 1 3  ? -18.139 -8.425  3.123   1.00 15.58 ? 1   SER A CB  1 
ATOM   16   O OG  . SER A 1 3  ? -19.325 -8.515  3.915   1.00 15.48 ? 1   SER A OG  1 
ATOM   17   N N   . CYS A 1 4  ? -15.564 -10.017 1.785   1.00 12.77 ? 2   CYS A N   1 
ATOM   18   C CA  . CYS A 1 4  ? -14.418 -10.284 0.885   1.00 13.22 ? 2   CYS A CA  1 
ATOM   19   C C   . CYS A 1 4  ? -13.793 -11.630 1.270   1.00 14.24 ? 2   CYS A C   1 
ATOM   20   O O   . CYS A 1 4  ? -13.922 -12.067 2.432   1.00 12.97 ? 2   CYS A O   1 
ATOM   21   C CB  . CYS A 1 4  ? -13.438 -9.104  0.853   1.00 12.91 ? 2   CYS A CB  1 
ATOM   22   S SG  . CYS A 1 4  ? -12.667 -8.682  2.440   1.00 12.22 ? 2   CYS A SG  1 
ATOM   23   N N   . GLN A 1 5  ? -13.112 -12.266 0.325   1.00 15.24 ? 3   GLN A N   1 
ATOM   24   C CA  . GLN A 1 5  ? -12.341 -13.511 0.550   1.00 15.57 ? 3   GLN A CA  1 
ATOM   25   C C   . GLN A 1 5  ? -11.013 -13.171 1.214   1.00 13.95 ? 3   GLN A C   1 
ATOM   26   O O   . GLN A 1 5  ? -10.179 -12.505 0.621   1.00 13.63 ? 3   GLN A O   1 
ATOM   27   C CB  . GLN A 1 5  ? -12.188 -14.204 -0.802  1.00 17.99 ? 3   GLN A CB  1 
ATOM   28   C CG  . GLN A 1 5  ? -11.558 -15.567 -0.717  1.00 21.35 ? 3   GLN A CG  1 
ATOM   29   C CD  . GLN A 1 5  ? -12.519 -16.567 -0.143  1.00 25.89 ? 3   GLN A CD  1 
ATOM   30   O OE1 . GLN A 1 5  ? -13.558 -16.856 -0.726  1.00 39.06 ? 3   GLN A OE1 1 
ATOM   31   N NE2 . GLN A 1 5  ? -12.205 -17.053 1.033   1.00 24.65 ? 3   GLN A NE2 1 
ATOM   32   N N   . PRO A 1 6  ? -10.769 -13.581 2.478   1.00 14.15 ? 4   PRO A N   1 
ATOM   33   C CA  . PRO A 1 6  ? -9.522  -13.240 3.154   1.00 13.67 ? 4   PRO A CA  1 
ATOM   34   C C   . PRO A 1 6  ? -8.280  -13.579 2.318   1.00 13.39 ? 4   PRO A C   1 
ATOM   35   O O   . PRO A 1 6  ? -8.227  -14.653 1.733   1.00 13.58 ? 4   PRO A O   1 
ATOM   36   C CB  . PRO A 1 6  ? -9.558  -14.088 4.435   1.00 14.48 ? 4   PRO A CB  1 
ATOM   37   C CG  . PRO A 1 6  ? -11.018 -14.295 4.705   1.00 14.25 ? 4   PRO A CG  1 
ATOM   38   C CD  . PRO A 1 6  ? -11.686 -14.333 3.348   1.00 13.87 ? 4   PRO A CD  1 
ATOM   39   N N   . GLY A 1 7  ? -7.329  -12.638 2.262   1.00 12.93 ? 5   GLY A N   1 
ATOM   40   C CA  . GLY A 1 7  ? -6.011  -12.793 1.626   1.00 12.65 ? 5   GLY A CA  1 
ATOM   41   C C   . GLY A 1 7  ? -6.013  -12.393 0.165   1.00 12.21 ? 5   GLY A C   1 
ATOM   42   O O   . GLY A 1 7  ? -4.924  -12.266 -0.381  1.00 12.55 ? 5   GLY A O   1 
ATOM   43   N N   . THR A 1 8  ? -7.178  -12.172 -0.442  1.00 11.43 ? 6   THR A N   1 
ATOM   44   C CA  . THR A 1 8  ? -7.276  -11.700 -1.838  1.00 11.21 ? 6   THR A CA  1 
ATOM   45   C C   . THR A 1 8  ? -6.847  -10.235 -1.947  1.00 11.09 ? 6   THR A C   1 
ATOM   46   O O   . THR A 1 8  ? -6.983  -9.469  -0.962  1.00 11.72 ? 6   THR A O   1 
ATOM   47   C CB  . THR A 1 8  ? -8.649  -11.953 -2.472  1.00 10.59 ? 6   THR A CB  1 
ATOM   48   O OG1 . THR A 1 8  ? -9.718  -11.316 -1.771  1.00 10.47 ? 6   THR A OG1 1 
ATOM   49   C CG2 . THR A 1 8  ? -8.937  -13.438 -2.567  1.00 10.95 ? 6   THR A CG2 1 
ATOM   50   N N   . THR A 1 9  ? -6.359  -9.888  -3.140  1.00 10.52 ? 7   THR A N   1 
ATOM   51   C CA  . THR A 1 9  ? -5.832  -8.563  -3.492  1.00 11.56 ? 7   THR A CA  1 
ATOM   52   C C   . THR A 1 9  ? -6.513  -8.132  -4.790  1.00 11.37 ? 7   THR A C   1 
ATOM   53   O O   . THR A 1 9  ? -6.807  -8.982  -5.644  1.00 10.62 ? 7   THR A O   1 
ATOM   54   C CB  . THR A 1 9  ? -4.303  -8.555  -3.581  1.00 12.14 ? 7   THR A CB  1 
ATOM   55   O OG1 . THR A 1 9  ? -3.942  -9.611  -4.484  1.00 13.00 ? 7   THR A OG1 1 
ATOM   56   C CG2 . THR A 1 9  ? -3.631  -8.749  -2.234  1.00 12.14 ? 7   THR A CG2 1 
ATOM   57   N N   . TYR A 1 10 ? -6.837  -6.850  -4.874  1.00 11.80 ? 8   TYR A N   1 
ATOM   58   C CA  . TYR A 1 10 ? -7.635  -6.294  -5.992  1.00 12.32 ? 8   TYR A CA  1 
ATOM   59   C C   . TYR A 1 10 ? -7.534  -4.783  -5.952  1.00 12.14 ? 8   TYR A C   1 
ATOM   60   O O   . TYR A 1 10 ? -6.881  -4.246  -5.054  1.00 11.67 ? 8   TYR A O   1 
ATOM   61   C CB  . TYR A 1 10 ? -9.088  -6.779  -5.872  1.00 12.81 ? 8   TYR A CB  1 
ATOM   62   C CG  . TYR A 1 10 ? -9.651  -6.702  -4.479  1.00 13.17 ? 8   TYR A CG  1 
ATOM   63   C CD1 . TYR A 1 10 ? -10.143 -5.510  -3.964  1.00 14.04 ? 8   TYR A CD1 1 
ATOM   64   C CD2 . TYR A 1 10 ? -9.682  -7.823  -3.659  1.00 14.52 ? 8   TYR A CD2 1 
ATOM   65   C CE1 . TYR A 1 10 ? -10.650 -5.434  -2.677  1.00 14.17 ? 8   TYR A CE1 1 
ATOM   66   C CE2 . TYR A 1 10 ? -10.174 -7.756  -2.361  1.00 14.72 ? 8   TYR A CE2 1 
ATOM   67   C CZ  . TYR A 1 10 ? -10.675 -6.565  -1.876  1.00 14.57 ? 8   TYR A CZ  1 
ATOM   68   O OH  . TYR A 1 10 ? -11.162 -6.512  -0.597  1.00 15.66 ? 8   TYR A OH  1 
ATOM   69   N N   . GLN A 1 11 ? -8.166  -4.116  -6.912  1.00 13.08 ? 9   GLN A N   1 
ATOM   70   C CA  . GLN A 1 11 ? -8.230  -2.643  -6.932  1.00 14.74 ? 9   GLN A CA  1 
ATOM   71   C C   . GLN A 1 11 ? -9.654  -2.172  -6.648  1.00 14.16 ? 9   GLN A C   1 
ATOM   72   O O   . GLN A 1 11 ? -10.635 -2.796  -7.142  1.00 14.04 ? 9   GLN A O   1 
ATOM   73   C CB  . GLN A 1 11 ? -7.737  -2.085  -8.262  1.00 17.82 ? 9   GLN A CB  1 
ATOM   74   C CG  . GLN A 1 11 ? -6.230  -2.180  -8.399  1.00 22.15 ? 9   GLN A CG  1 
ATOM   75   C CD  . GLN A 1 11 ? -5.748  -1.406  -9.601  1.00 25.98 ? 9   GLN A CD  1 
ATOM   76   O OE1 . GLN A 1 11 ? -6.302  -0.358  -9.944  1.00 29.18 ? 9   GLN A OE1 1 
ATOM   77   N NE2 . GLN A 1 11 ? -4.696  -1.906  -10.229 1.00 27.89 ? 9   GLN A NE2 1 
ATOM   78   N N   . ARG A 1 12 ? -9.736  -1.081  -5.903  1.00 14.57 ? 10  ARG A N   1 
ATOM   79   C CA  . ARG A 1 12 ? -10.940 -0.230  -5.753  1.00 15.84 ? 10  ARG A CA  1 
ATOM   80   C C   . ARG A 1 12 ? -10.612 1.060   -6.488  1.00 15.04 ? 10  ARG A C   1 
ATOM   81   O O   . ARG A 1 12 ? -9.843  1.875   -5.951  1.00 13.37 ? 10  ARG A O   1 
ATOM   82   C CB  . ARG A 1 12 ? -11.245 -0.020  -4.272  1.00 18.47 ? 10  ARG A CB  1 
ATOM   83   C CG  . ARG A 1 12 ? -12.284 1.051   -3.952  1.00 21.57 ? 10  ARG A CG  1 
ATOM   84   C CD  . ARG A 1 12 ? -11.971 1.736   -2.629  1.00 24.39 ? 10  ARG A CD  1 
ATOM   85   N NE  . ARG A 1 12 ? -12.961 2.752   -2.278  1.00 26.12 ? 10  ARG A NE  1 
ATOM   86   C CZ  . ARG A 1 12 ? -14.000 2.553   -1.476  1.00 27.97 ? 10  ARG A CZ  1 
ATOM   87   N NH1 . ARG A 1 12 ? -14.233 1.359   -0.949  1.00 29.72 ? 10  ARG A NH1 1 
ATOM   88   N NH2 . ARG A 1 12 ? -14.837 3.546   -1.240  1.00 30.57 ? 10  ARG A NH2 1 
ATOM   89   N N   . GLY A 1 13 ? -11.057 1.159   -7.738  1.00 15.31 ? 11  GLY A N   1 
ATOM   90   C CA  . GLY A 1 13 ? -10.673 2.291   -8.589  1.00 15.34 ? 11  GLY A CA  1 
ATOM   91   C C   . GLY A 1 13 ? -9.169  2.320   -8.689  1.00 13.91 ? 11  GLY A C   1 
ATOM   92   O O   . GLY A 1 13 ? -8.601  1.277   -9.030  1.00 15.02 ? 11  GLY A O   1 
ATOM   93   N N   . CYS A 1 14 ? -8.526  3.434   -8.358  1.00 13.64 ? 12  CYS A N   1 
ATOM   94   C CA  . CYS A 1 14 ? -7.058  3.585   -8.538  1.00 13.20 ? 12  CYS A CA  1 
ATOM   95   C C   . CYS A 1 14 ? -6.293  3.061   -7.313  1.00 13.00 ? 12  CYS A C   1 
ATOM   96   O O   . CYS A 1 14 ? -5.039  3.061   -7.353  1.00 10.09 ? 12  CYS A O   1 
ATOM   97   C CB  . CYS A 1 14 ? -6.673  5.024   -8.845  1.00 14.22 ? 12  CYS A CB  1 
ATOM   98   S SG  . CYS A 1 14 ? -6.515  6.109   -7.409  1.00 15.22 ? 12  CYS A SG  1 
ATOM   99   N N   . ASN A 1 15 ? -7.009  2.695   -6.248  1.00 12.05 ? 13  ASN A N   1 
ATOM   100  C CA  . ASN A 1 15 ? -6.402  2.205   -4.983  1.00 11.88 ? 13  ASN A CA  1 
ATOM   101  C C   . ASN A 1 15 ? -6.262  0.673   -5.013  1.00 12.39 ? 13  ASN A C   1 
ATOM   102  O O   . ASN A 1 15 ? -7.094  -0.031  -5.675  1.00 11.65 ? 13  ASN A O   1 
ATOM   103  C CB  . ASN A 1 15 ? -7.191  2.717   -3.785  1.00 12.19 ? 13  ASN A CB  1 
ATOM   104  C CG  . ASN A 1 15 ? -6.832  4.149   -3.448  1.00 11.96 ? 13  ASN A CG  1 
ATOM   105  O OD1 . ASN A 1 15 ? -5.642  4.450   -3.270  1.00 12.59 ? 13  ASN A OD1 1 
ATOM   106  N ND2 . ASN A 1 15 ? -7.832  5.015   -3.353  1.00 10.69 ? 13  ASN A ND2 1 
ATOM   107  N N   . THR A 1 16 ? -5.212  0.169   -4.363  1.00 11.56 ? 14  THR A N   1 
ATOM   108  C CA  . THR A 1 16 ? -4.961  -1.275  -4.209  1.00 12.31 ? 14  THR A CA  1 
ATOM   109  C C   . THR A 1 16 ? -5.427  -1.670  -2.812  1.00 12.00 ? 14  THR A C   1 
ATOM   110  O O   . THR A 1 16 ? -5.161  -0.897  -1.864  1.00 11.59 ? 14  THR A O   1 
ATOM   111  C CB  . THR A 1 16 ? -3.496  -1.627  -4.495  1.00 12.69 ? 14  THR A CB  1 
ATOM   112  O OG1 . THR A 1 16 ? -2.644  -0.712  -3.819  1.00 12.54 ? 14  THR A OG1 1 
ATOM   113  C CG2 . THR A 1 16 ? -3.200  -1.611  -5.978  1.00 12.93 ? 14  THR A CG2 1 
ATOM   114  N N   . CYS A 1 17 ? -6.084  -2.827  -2.710  1.00 11.44 ? 15  CYS A N   1 
ATOM   115  C CA  . CYS A 1 17 ? -6.704  -3.312  -1.456  1.00 11.45 ? 15  CYS A CA  1 
ATOM   116  C C   . CYS A 1 17 ? -6.361  -4.777  -1.220  1.00 12.04 ? 15  CYS A C   1 
ATOM   117  O O   . CYS A 1 17 ? -6.163  -5.545  -2.211  1.00 10.98 ? 15  CYS A O   1 
ATOM   118  C CB  . CYS A 1 17 ? -8.223  -3.152  -1.476  1.00 11.29 ? 15  CYS A CB  1 
ATOM   119  S SG  . CYS A 1 17 ? -8.736  -1.434  -1.759  1.00 11.71 ? 15  CYS A SG  1 
ATOM   120  N N   . ARG A 1 18 ? -6.340  -5.134  0.059   1.00 11.54 ? 16  ARG A N   1 
ATOM   121  C CA  . ARG A 1 18 ? -6.184  -6.529  0.505   1.00 12.62 ? 16  ARG A CA  1 
ATOM   122  C C   . ARG A 1 18 ? -7.295  -6.854  1.499   1.00 12.02 ? 16  ARG A C   1 
ATOM   123  O O   . ARG A 1 18 ? -7.501  -6.057  2.417   1.00 11.37 ? 16  ARG A O   1 
ATOM   124  C CB  . ARG A 1 18 ? -4.783  -6.704  1.090   1.00 13.19 ? 16  ARG A CB  1 
ATOM   125  C CG  . ARG A 1 18 ? -4.522  -8.056  1.717   1.00 13.93 ? 16  ARG A CG  1 
ATOM   126  C CD  . ARG A 1 18 ? -3.095  -8.159  2.245   1.00 15.15 ? 16  ARG A CD  1 
ATOM   127  N NE  . ARG A 1 18 ? -2.850  -9.520  2.668   1.00 15.80 ? 16  ARG A NE  1 
ATOM   128  C CZ  . ARG A 1 18 ? -3.195  -10.022 3.843   1.00 18.51 ? 16  ARG A CZ  1 
ATOM   129  N NH1 . ARG A 1 18 ? -3.727  -9.244  4.769   1.00 19.54 ? 16  ARG A NH1 1 
ATOM   130  N NH2 . ARG A 1 18 ? -2.988  -11.305 4.101   1.00 20.01 ? 16  ARG A NH2 1 
ATOM   131  N N   . CYS A 1 19 ? -7.972  -7.984  1.303   1.00 11.61 ? 17  CYS A N   1 
ATOM   132  C CA  . CYS A 1 19 ? -9.035  -8.484  2.200   1.00 11.58 ? 17  CYS A CA  1 
ATOM   133  C C   . CYS A 1 19 ? -8.378  -9.107  3.433   1.00 12.13 ? 17  CYS A C   1 
ATOM   134  O O   . CYS A 1 19 ? -7.551  -10.025 3.270   1.00 11.91 ? 17  CYS A O   1 
ATOM   135  C CB  . CYS A 1 19 ? -9.931  -9.489  1.489   1.00 11.69 ? 17  CYS A CB  1 
ATOM   136  S SG  . CYS A 1 19 ? -11.228 -10.120 2.568   1.00 11.59 ? 17  CYS A SG  1 
ATOM   137  N N   . LEU A 1 20 ? -8.759  -8.654  4.627   1.00 12.09 ? 18  LEU A N   1 
ATOM   138  C CA  . LEU A 1 20 ? -8.110  -9.062  5.890   1.00 13.67 ? 18  LEU A CA  1 
ATOM   139  C C   . LEU A 1 20 ? -8.756  -10.369 6.347   1.00 15.25 ? 18  LEU A C   1 
ATOM   140  O O   . LEU A 1 20 ? -9.700  -10.847 5.686   1.00 13.53 ? 18  LEU A O   1 
ATOM   141  C CB  . LEU A 1 20 ? -8.229  -7.939  6.927   1.00 14.19 ? 18  LEU A CB  1 
ATOM   142  C CG  . LEU A 1 20 ? -7.660  -6.586  6.481   1.00 13.31 ? 18  LEU A CG  1 
ATOM   143  C CD1 . LEU A 1 20 ? -7.712  -5.566  7.611   1.00 14.04 ? 18  LEU A CD1 1 
ATOM   144  C CD2 . LEU A 1 20 ? -6.224  -6.749  6.006   1.00 14.29 ? 18  LEU A CD2 1 
ATOM   145  N N   . GLU A 1 21 ? -8.202  -10.960 7.399   1.00 17.51 ? 19  GLU A N   1 
ATOM   146  C CA  . GLU A 1 21 ? -8.469  -12.378 7.772   1.00 20.85 ? 19  GLU A CA  1 
ATOM   147  C C   . GLU A 1 21 ? -9.943  -12.570 8.176   1.00 18.57 ? 19  GLU A C   1 
ATOM   148  O O   . GLU A 1 21 ? -10.379 -13.698 8.158   1.00 14.97 ? 19  GLU A O   1 
ATOM   149  C CB  . GLU A 1 21 ? -7.459  -12.813 8.836   1.00 26.97 ? 19  GLU A CB  1 
ATOM   150  C CG  . GLU A 1 21 ? -7.843  -12.462 10.267  1.00 34.94 ? 19  GLU A CG  1 
ATOM   151  C CD  . GLU A 1 21 ? -8.488  -13.618 11.028  1.00 42.67 ? 19  GLU A CD  1 
ATOM   152  O OE1 . GLU A 1 21 ? -8.026  -14.778 10.855  1.00 48.45 ? 19  GLU A OE1 1 
ATOM   153  O OE2 . GLU A 1 21 ? -9.457  -13.367 11.783  1.00 49.86 ? 19  GLU A OE2 1 
ATOM   154  N N   . ASP A 1 22 ? -10.672 -11.516 8.556   1.00 18.52 ? 20  ASP A N   1 
ATOM   155  C CA  . ASP A 1 22 ? -12.083 -11.640 9.009   1.00 18.84 ? 20  ASP A CA  1 
ATOM   156  C C   . ASP A 1 22 ? -13.032 -11.629 7.804   1.00 16.64 ? 20  ASP A C   1 
ATOM   157  O O   . ASP A 1 22 ? -14.187 -11.889 8.010   1.00 15.44 ? 20  ASP A O   1 
ATOM   158  C CB  . ASP A 1 22 ? -12.441 -10.585 10.064  1.00 21.64 ? 20  ASP A CB  1 
ATOM   159  C CG  . ASP A 1 22 ? -12.557 -9.154  9.570   1.00 24.66 ? 20  ASP A CG  1 
ATOM   160  O OD1 . ASP A 1 22 ? -12.100 -8.864  8.462   1.00 25.15 ? 20  ASP A OD1 1 
ATOM   161  O OD2 . ASP A 1 22 ? -13.070 -8.322  10.340  1.00 28.61 ? 20  ASP A OD2 1 
ATOM   162  N N   . GLY A 1 23 ? -12.569 -11.297 6.588   1.00 16.14 ? 21  GLY A N   1 
ATOM   163  C CA  . GLY A 1 23 ? -13.427 -11.256 5.386   1.00 15.42 ? 21  GLY A CA  1 
ATOM   164  C C   . GLY A 1 23 ? -14.518 -10.194 5.465   1.00 15.02 ? 21  GLY A C   1 
ATOM   165  O O   . GLY A 1 23 ? -15.469 -10.238 4.628   1.00 15.29 ? 21  GLY A O   1 
ATOM   166  N N   . GLN A 1 24 ? -14.380 -9.227  6.382   1.00 14.36 ? 22  GLN A N   1 
ATOM   167  C CA  . GLN A 1 24 ? -15.337 -8.100  6.565   1.00 14.44 ? 22  GLN A CA  1 
ATOM   168  C C   . GLN A 1 24 ? -14.567 -6.775  6.698   1.00 14.11 ? 22  GLN A C   1 
ATOM   169  O O   . GLN A 1 24 ? -15.175 -5.770  7.088   1.00 13.11 ? 22  GLN A O   1 
ATOM   170  C CB  . GLN A 1 24 ? -16.234 -8.350  7.776   1.00 14.97 ? 22  GLN A CB  1 
ATOM   171  C CG  . GLN A 1 24 ? -17.012 -9.670  7.745   1.00 15.21 ? 22  GLN A CG  1 
ATOM   172  C CD  . GLN A 1 24 ? -18.127 -9.727  6.719   1.00 15.91 ? 22  GLN A CD  1 
ATOM   173  O OE1 . GLN A 1 24 ? -18.577 -8.727  6.158   1.00 18.72 ? 22  GLN A OE1 1 
ATOM   174  N NE2 . GLN A 1 24 ? -18.644 -10.922 6.503   1.00 16.65 ? 22  GLN A NE2 1 
ATOM   175  N N   . THR A 1 25 ? -13.286 -6.757  6.344   1.00 13.56 ? 23  THR A N   1 
ATOM   176  C CA  . THR A 1 25 ? -12.389 -5.575  6.500   1.00 13.93 ? 23  THR A CA  1 
ATOM   177  C C   . THR A 1 25 ? -11.394 -5.611  5.347   1.00 13.08 ? 23  THR A C   1 
ATOM   178  O O   . THR A 1 25 ? -11.036 -6.726  4.955   1.00 12.16 ? 23  THR A O   1 
ATOM   179  C CB  . THR A 1 25 ? -11.676 -5.598  7.862   1.00 15.28 ? 23  THR A CB  1 
ATOM   180  O OG1 . THR A 1 25 ? -12.652 -5.953  8.837   1.00 16.58 ? 23  THR A OG1 1 
ATOM   181  C CG2 . THR A 1 25 ? -11.060 -4.271  8.245   1.00 16.59 ? 23  THR A CG2 1 
ATOM   182  N N   . GLU A 1 26 ? -10.960 -4.460  4.823   1.00 12.35 ? 24  GLU A N   1 
ATOM   183  C CA  . GLU A 1 26 ? -9.933  -4.451  3.752   1.00 12.04 ? 24  GLU A CA  1 
ATOM   184  C C   . GLU A 1 26 ? -8.967  -3.295  4.021   1.00 11.59 ? 24  GLU A C   1 
ATOM   185  O O   . GLU A 1 26 ? -9.392  -2.271  4.588   1.00 11.92 ? 24  GLU A O   1 
ATOM   186  C CB  . GLU A 1 26 ? -10.587 -4.463  2.370   1.00 12.05 ? 24  GLU A CB  1 
ATOM   187  C CG  . GLU A 1 26 ? -11.207 -3.143  1.984   1.00 13.46 ? 24  GLU A CG  1 
ATOM   188  C CD  . GLU A 1 26 ? -11.998 -3.110  0.687   1.00 13.87 ? 24  GLU A CD  1 
ATOM   189  O OE1 . GLU A 1 26 ? -12.110 -4.154  0.002   1.00 14.46 ? 24  GLU A OE1 1 
ATOM   190  O OE2 . GLU A 1 26 ? -12.514 -2.036  0.394   1.00 16.13 ? 24  GLU A OE2 1 
ATOM   191  N N   . ALA A 1 27 ? -7.699  -3.527  3.717   1.00 11.49 ? 25  ALA A N   1 
ATOM   192  C CA  . ALA A 1 27 ? -6.598  -2.547  3.788   1.00 11.33 ? 25  ALA A CA  1 
ATOM   193  C C   . ALA A 1 27 ? -6.365  -1.990  2.383   1.00 11.79 ? 25  ALA A C   1 
ATOM   194  O O   . ALA A 1 27 ? -6.029  -2.780  1.482   1.00 11.79 ? 25  ALA A O   1 
ATOM   195  C CB  . ALA A 1 27 ? -5.359  -3.224  4.307   1.00 11.97 ? 25  ALA A CB  1 
ATOM   196  N N   . CYS A 1 28 ? -6.598  -0.694  2.188   1.00 11.63 ? 26  CYS A N   1 
ATOM   197  C CA  . CYS A 1 28 ? -6.430  -0.007  0.890   1.00 12.44 ? 26  CYS A CA  1 
ATOM   198  C C   . CYS A 1 28 ? -5.428  1.140   1.029   1.00 13.06 ? 26  CYS A C   1 
ATOM   199  O O   . CYS A 1 28 ? -5.321  1.762   2.128   1.00 13.11 ? 26  CYS A O   1 
ATOM   200  C CB  . CYS A 1 28 ? -7.767  0.515   0.359   1.00 12.03 ? 26  CYS A CB  1 
ATOM   201  S SG  . CYS A 1 28 ? -9.051  -0.750  0.169   1.00 12.08 ? 26  CYS A SG  1 
ATOM   202  N N   . THR A 1 29 ? -4.773  1.467   -0.085  1.00 13.20 ? 27  THR A N   1 
ATOM   203  C CA  . THR A 1 29 ? -4.044  2.752   -0.255  1.00 13.52 ? 27  THR A CA  1 
ATOM   204  C C   . THR A 1 29 ? -5.024  3.931   -0.203  1.00 13.71 ? 27  THR A C   1 
ATOM   205  O O   . THR A 1 29 ? -6.265  3.726   -0.258  1.00 12.69 ? 27  THR A O   1 
ATOM   206  C CB  . THR A 1 29 ? -3.170  2.722   -1.515  1.00 14.61 ? 27  THR A CB  1 
ATOM   207  O OG1 . THR A 1 29 ? -3.933  2.413   -2.686  1.00 14.19 ? 27  THR A OG1 1 
ATOM   208  C CG2 . THR A 1 29 ? -2.074  1.690   -1.361  1.00 15.57 ? 27  THR A CG2 1 
ATOM   209  N N   . LEU A 1 30 ? -4.454  5.129   -0.144  1.00 14.07 ? 28  LEU A N   1 
ATOM   210  C CA  . LEU A 1 30 ? -5.130  6.373   0.258   1.00 16.31 ? 28  LEU A CA  1 
ATOM   211  C C   . LEU A 1 30 ? -5.109  7.382   -0.907  1.00 16.73 ? 28  LEU A C   1 
ATOM   212  O O   . LEU A 1 30 ? -5.241  8.575   -0.638  1.00 17.45 ? 28  LEU A O   1 
ATOM   213  C CB  . LEU A 1 30 ? -4.402  6.912   1.491   1.00 16.34 ? 28  LEU A CB  1 
ATOM   214  C CG  . LEU A 1 30 ? -4.305  5.947   2.671   1.00 17.09 ? 28  LEU A CG  1 
ATOM   215  C CD1 . LEU A 1 30 ? -3.484  6.559   3.788   1.00 17.51 ? 28  LEU A CD1 1 
ATOM   216  C CD2 . LEU A 1 30 ? -5.679  5.554   3.162   1.00 18.24 ? 28  LEU A CD2 1 
ATOM   217  N N   . ARG A 1 31 ? -4.911  6.942   -2.147  1.00 16.35 ? 29  ARG A N   1 
ATOM   218  C CA  . ARG A 1 31 ? -4.905  7.889   -3.301  1.00 16.49 ? 29  ARG A CA  1 
ATOM   219  C C   . ARG A 1 31 ? -6.298  8.520   -3.467  1.00 16.06 ? 29  ARG A C   1 
ATOM   220  O O   . ARG A 1 31 ? -7.319  7.836   -3.248  1.00 13.97 ? 29  ARG A O   1 
ATOM   221  C CB  . ARG A 1 31 ? -4.454  7.176   -4.572  1.00 19.49 ? 29  ARG A CB  1 
ATOM   222  C CG  . ARG A 1 31 ? -3.087  6.507   -4.484  1.00 21.94 ? 29  ARG A CG  1 
ATOM   223  C CD  . ARG A 1 31 ? -2.808  5.704   -5.731  1.00 25.71 ? 29  ARG A CD  1 
ATOM   224  N NE  . ARG A 1 31 ? -2.637  6.618   -6.861  1.00 30.55 ? 29  ARG A NE  1 
ATOM   225  C CZ  . ARG A 1 31 ? -2.418  6.262   -8.124  1.00 31.48 ? 29  ARG A CZ  1 
ATOM   226  N NH1 . ARG A 1 31 ? -2.319  4.990   -8.459  1.00 36.07 ? 29  ARG A NH1 1 
ATOM   227  N NH2 . ARG A 1 31 ? -2.297  7.194   -9.052  1.00 34.27 ? 29  ARG A NH2 1 
ATOM   228  N N   . LEU A 1 32 ? -6.335  9.789   -3.881  1.00 17.47 ? 30  LEU A N   1 
ATOM   229  C CA  . LEU A 1 32 ? -7.565  10.559  -4.203  1.00 18.98 ? 30  LEU A CA  1 
ATOM   230  C C   . LEU A 1 32 ? -8.233  10.033  -5.484  1.00 18.26 ? 30  LEU A C   1 
ATOM   231  O O   . LEU A 1 32 ? -9.452  10.219  -5.606  1.00 19.47 ? 30  LEU A O   1 
ATOM   232  C CB  . LEU A 1 32 ? -7.188  12.034  -4.374  1.00 21.06 ? 30  LEU A CB  1 
ATOM   233  C CG  . LEU A 1 32 ? -7.042  12.845  -3.084  1.00 24.98 ? 30  LEU A CG  1 
ATOM   234  C CD1 . LEU A 1 32 ? -6.259  12.091  -2.023  1.00 26.62 ? 30  LEU A CD1 1 
ATOM   235  C CD2 . LEU A 1 32 ? -6.373  14.188  -3.366  1.00 25.28 ? 30  LEU A CD2 1 
ATOM   236  N N   . CYS A 1 33 ? -7.472  9.456   -6.426  1.00 17.49 ? 31  CYS A N   1 
ATOM   237  C CA  . CYS A 1 33 ? -7.970  9.027   -7.759  1.00 16.65 ? 31  CYS A CA  1 
ATOM   238  C C   . CYS A 1 33 ? -8.650  10.231  -8.460  1.00 19.02 ? 31  CYS A C   1 
ATOM   239  O O   . CYS A 1 33 ? -9.712  10.213  -9.125  1.00 19.85 ? 31  CYS A O   1 
ATOM   240  C CB  . CYS A 1 33 ? -8.946  7.861   -7.613  1.00 16.34 ? 31  CYS A CB  1 
ATOM   241  S SG  . CYS A 1 33 ? -8.299  6.465   -6.648  1.00 15.40 ? 31  CYS A SG  1 
ATOM   242  O OXT . CYS A 1 33 ? -8.127  11.342  -8.378  1.00 19.54 ? 31  CYS A OXT 1 
ATOM   243  N N   . SER B 1 2  ? -1.043  11.194  0.034   1.00 30.84 ? 0   SER B N   1 
ATOM   244  C CA  . SER B 1 2  ? -1.818  9.973   0.399   1.00 32.65 ? 0   SER B CA  1 
ATOM   245  C C   . SER B 1 2  ? -1.106  9.208   1.520   1.00 30.46 ? 0   SER B C   1 
ATOM   246  O O   . SER B 1 2  ? -0.769  8.003   1.295   1.00 28.21 ? 0   SER B O   1 
ATOM   247  C CB  . SER B 1 2  ? -2.025  9.076   -0.798  1.00 38.86 ? 0   SER B CB  1 
ATOM   248  O OG  . SER B 1 2  ? -0.785  8.584   -1.295  1.00 41.72 ? 0   SER B OG  1 
ATOM   249  N N   . SER B 1 3  ? -0.877  9.872   2.664   1.00 25.92 ? 1   SER B N   1 
ATOM   250  C CA  . SER B 1 3  ? -0.300  9.268   3.901   1.00 23.56 ? 1   SER B CA  1 
ATOM   251  C C   . SER B 1 3  ? -1.289  9.451   5.052   1.00 19.60 ? 1   SER B C   1 
ATOM   252  O O   . SER B 1 3  ? -2.203  10.282  4.946   1.00 20.12 ? 1   SER B O   1 
ATOM   253  C CB  . SER B 1 3  ? 1.094   9.814   4.244   1.00 24.12 ? 1   SER B CB  1 
ATOM   254  O OG  . SER B 1 3  ? 1.048   10.947  5.112   1.00 24.86 ? 1   SER B OG  1 
ATOM   255  N N   . CYS B 1 4  ? -1.114  8.672   6.116   1.00 15.48 ? 2   CYS B N   1 
ATOM   256  C CA  . CYS B 1 4  ? -1.869  8.805   7.384   1.00 13.26 ? 2   CYS B CA  1 
ATOM   257  C C   . CYS B 1 4  ? -0.898  8.520   8.542   1.00 13.52 ? 2   CYS B C   1 
ATOM   258  O O   . CYS B 1 4  ? 0.180   7.883   8.307   1.00 12.02 ? 2   CYS B O   1 
ATOM   259  C CB  . CYS B 1 4  ? -3.105  7.905   7.372   1.00 11.79 ? 2   CYS B CB  1 
ATOM   260  S SG  . CYS B 1 4  ? -2.783  6.131   7.136   1.00 11.50 ? 2   CYS B SG  1 
ATOM   261  N N   . GLN B 1 5  ? -1.224  9.006   9.736   1.00 14.25 ? 3   GLN B N   1 
ATOM   262  C CA  . GLN B 1 5  ? -0.450  8.728   10.974  1.00 15.20 ? 3   GLN B CA  1 
ATOM   263  C C   . GLN B 1 5  ? -0.864  7.364   11.528  1.00 13.64 ? 3   GLN B C   1 
ATOM   264  O O   . GLN B 1 5  ? -2.032  7.172   11.882  1.00 13.05 ? 3   GLN B O   1 
ATOM   265  C CB  . GLN B 1 5  ? -0.721  9.822   11.998  1.00 19.44 ? 3   GLN B CB  1 
ATOM   266  C CG  . GLN B 1 5  ? -0.160  9.488   13.358  1.00 22.93 ? 3   GLN B CG  1 
ATOM   267  C CD  . GLN B 1 5  ? 1.000   10.384  13.681  1.00 31.02 ? 3   GLN B CD  1 
ATOM   268  O OE1 . GLN B 1 5  ? 2.086   10.232  13.120  1.00 37.84 ? 3   GLN B OE1 1 
ATOM   269  N NE2 . GLN B 1 5  ? 0.756   11.333  14.577  1.00 32.04 ? 3   GLN B NE2 1 
ATOM   270  N N   . PRO B 1 6  ? 0.045   6.363   11.553  1.00 11.43 ? 4   PRO B N   1 
ATOM   271  C CA  . PRO B 1 6  ? -0.291  5.019   12.029  1.00 11.42 ? 4   PRO B CA  1 
ATOM   272  C C   . PRO B 1 6  ? -1.091  5.024   13.340  1.00 11.55 ? 4   PRO B C   1 
ATOM   273  O O   . PRO B 1 6  ? -0.664  5.645   14.296  1.00 11.04 ? 4   PRO B O   1 
ATOM   274  C CB  . PRO B 1 6  ? 1.086   4.379   12.205  1.00 10.91 ? 4   PRO B CB  1 
ATOM   275  C CG  . PRO B 1 6  ? 1.870   4.985   11.063  1.00 11.21 ? 4   PRO B CG  1 
ATOM   276  C CD  . PRO B 1 6  ? 1.431   6.439   11.050  1.00 11.69 ? 4   PRO B CD  1 
ATOM   277  N N   . GLY B 1 7  ? -2.241  4.365   13.340  1.00 11.21 ? 5   GLY B N   1 
ATOM   278  C CA  . GLY B 1 7  ? -3.068  4.214   14.552  1.00 12.31 ? 5   GLY B CA  1 
ATOM   279  C C   . GLY B 1 7  ? -4.314  5.077   14.476  1.00 12.16 ? 5   GLY B C   1 
ATOM   280  O O   . GLY B 1 7  ? -5.296  4.737   15.125  1.00 12.33 ? 5   GLY B O   1 
ATOM   281  N N   . THR B 1 8  ? -4.292  6.124   13.654  1.00 13.22 ? 6   THR B N   1 
ATOM   282  C CA  . THR B 1 8  ? -5.389  7.108   13.561  1.00 13.57 ? 6   THR B CA  1 
ATOM   283  C C   . THR B 1 8  ? -6.633  6.367   13.114  1.00 13.08 ? 6   THR B C   1 
ATOM   284  O O   . THR B 1 8  ? -6.605  5.768   12.026  1.00 12.84 ? 6   THR B O   1 
ATOM   285  C CB  . THR B 1 8  ? -5.096  8.270   12.609  1.00 15.77 ? 6   THR B CB  1 
ATOM   286  O OG1 . THR B 1 8  ? -3.895  8.877   13.063  1.00 17.52 ? 6   THR B OG1 1 
ATOM   287  C CG2 . THR B 1 8  ? -6.212  9.297   12.612  1.00 16.18 ? 6   THR B CG2 1 
ATOM   288  N N   . THR B 1 9  ? -7.681  6.453   13.924  1.00 12.37 ? 7   THR B N   1 
ATOM   289  C CA  . THR B 1 9  ? -8.957  5.732   13.707  1.00 11.89 ? 7   THR B CA  1 
ATOM   290  C C   . THR B 1 9  ? -10.070 6.762   13.566  1.00 11.84 ? 7   THR B C   1 
ATOM   291  O O   . THR B 1 9  ? -10.056 7.791   14.283  1.00 11.53 ? 7   THR B O   1 
ATOM   292  C CB  . THR B 1 9  ? -9.254  4.761   14.855  1.00 11.56 ? 7   THR B CB  1 
ATOM   293  O OG1 . THR B 1 9  ? -8.093  3.941   15.028  1.00 11.74 ? 7   THR B OG1 1 
ATOM   294  C CG2 . THR B 1 9  ? -10.511 3.949   14.610  1.00 11.92 ? 7   THR B CG2 1 
ATOM   295  N N   . TYR B 1 10 ? -11.062 6.446   12.734  1.00 12.24 ? 8   TYR B N   1 
ATOM   296  C CA  . TYR B 1 10 ? -12.207 7.344   12.519  1.00 11.86 ? 8   TYR B CA  1 
ATOM   297  C C   . TYR B 1 10 ? -13.394 6.539   12.018  1.00 12.18 ? 8   TYR B C   1 
ATOM   298  O O   . TYR B 1 10 ? -13.175 5.464   11.428  1.00 11.08 ? 8   TYR B O   1 
ATOM   299  C CB  . TYR B 1 10 ? -11.770 8.470   11.582  1.00 12.02 ? 8   TYR B CB  1 
ATOM   300  C CG  . TYR B 1 10 ? -11.457 8.052   10.168  1.00 11.71 ? 8   TYR B CG  1 
ATOM   301  C CD1 . TYR B 1 10 ? -10.160 7.753   9.786   1.00 11.94 ? 8   TYR B CD1 1 
ATOM   302  C CD2 . TYR B 1 10 ? -12.446 8.002   9.199   1.00 11.69 ? 8   TYR B CD2 1 
ATOM   303  C CE1 . TYR B 1 10 ? -9.863  7.367   8.488   1.00 12.07 ? 8   TYR B CE1 1 
ATOM   304  C CE2 . TYR B 1 10 ? -12.161 7.666   7.882   1.00 11.64 ? 8   TYR B CE2 1 
ATOM   305  C CZ  . TYR B 1 10 ? -10.864 7.351   7.524   1.00 12.36 ? 8   TYR B CZ  1 
ATOM   306  O OH  . TYR B 1 10 ? -10.545 6.995   6.244   1.00 12.00 ? 8   TYR B OH  1 
ATOM   307  N N   . GLN B 1 11 ? -14.589 7.102   12.219  1.00 12.63 ? 9   GLN B N   1 
ATOM   308  C CA  . GLN B 1 11 ? -15.875 6.582   11.690  1.00 14.29 ? 9   GLN B CA  1 
ATOM   309  C C   . GLN B 1 11 ? -16.184 7.276   10.357  1.00 14.61 ? 9   GLN B C   1 
ATOM   310  O O   . GLN B 1 11 ? -16.140 8.541   10.272  1.00 15.37 ? 9   GLN B O   1 
ATOM   311  C CB  . GLN B 1 11 ? -16.991 6.747   12.722  1.00 14.83 ? 9   GLN B CB  1 
ATOM   312  C CG  . GLN B 1 11 ? -16.649 6.105   14.080  1.00 17.66 ? 9   GLN B CG  1 
ATOM   313  C CD  . GLN B 1 11 ? -16.269 4.626   14.107  1.00 18.03 ? 9   GLN B CD  1 
ATOM   314  O OE1 . GLN B 1 11 ? -16.884 3.795   13.455  1.00 20.24 ? 9   GLN B OE1 1 
ATOM   315  N NE2 . GLN B 1 11 ? -15.284 4.274   14.930  1.00 18.38 ? 9   GLN B NE2 1 
ATOM   316  N N   . ARG B 1 12 ? -16.434 6.458   9.347   1.00 13.48 ? 10  ARG B N   1 
ATOM   317  C CA  . ARG B 1 12 ? -16.916 6.851   8.013   1.00 14.04 ? 10  ARG B CA  1 
ATOM   318  C C   . ARG B 1 12 ? -18.360 6.367   7.958   1.00 14.46 ? 10  ARG B C   1 
ATOM   319  O O   . ARG B 1 12 ? -18.567 5.183   7.594   1.00 15.46 ? 10  ARG B O   1 
ATOM   320  C CB  . ARG B 1 12 ? -16.015 6.227   6.948   1.00 14.84 ? 10  ARG B CB  1 
ATOM   321  C CG  . ARG B 1 12 ? -16.355 6.631   5.520   1.00 16.90 ? 10  ARG B CG  1 
ATOM   322  C CD  . ARG B 1 12 ? -15.718 5.681   4.521   1.00 17.80 ? 10  ARG B CD  1 
ATOM   323  N NE  . ARG B 1 12 ? -14.309 6.009   4.439   1.00 20.14 ? 10  ARG B NE  1 
ATOM   324  C CZ  . ARG B 1 12 ? -13.360 5.240   3.889   1.00 22.82 ? 10  ARG B CZ  1 
ATOM   325  N NH1 . ARG B 1 12 ? -13.660 4.064   3.358   1.00 22.78 ? 10  ARG B NH1 1 
ATOM   326  N NH2 . ARG B 1 12 ? -12.102 5.662   3.891   1.00 22.29 ? 10  ARG B NH2 1 
ATOM   327  N N   . GLY B 1 13 ? -19.295 7.187   8.442   1.00 14.26 ? 11  GLY B N   1 
ATOM   328  C CA  . GLY B 1 13 ? -20.650 6.723   8.779   1.00 13.91 ? 11  GLY B CA  1 
ATOM   329  C C   . GLY B 1 13 ? -20.622 5.572   9.776   1.00 14.53 ? 11  GLY B C   1 
ATOM   330  O O   . GLY B 1 13 ? -20.030 5.712   10.896  1.00 14.65 ? 11  GLY B O   1 
ATOM   331  N N   . CYS B 1 14 ? -21.249 4.459   9.416   1.00 13.34 ? 12  CYS B N   1 
ATOM   332  C CA  . CYS B 1 14 ? -21.306 3.270   10.278  1.00 13.61 ? 12  CYS B CA  1 
ATOM   333  C C   . CYS B 1 14 ? -19.996 2.478   10.148  1.00 12.81 ? 12  CYS B C   1 
ATOM   334  O O   . CYS B 1 14 ? -19.810 1.549   10.944  1.00 12.85 ? 12  CYS B O   1 
ATOM   335  C CB  . CYS B 1 14 ? -22.529 2.426   9.941   1.00 15.06 ? 12  CYS B CB  1 
ATOM   336  S SG  . CYS B 1 14 ? -22.335 1.313   8.532   1.00 16.99 ? 12  CYS B SG  1 
ATOM   337  N N   . ASN B 1 15 ? -19.143 2.787   9.165   1.00 11.92 ? 13  ASN B N   1 
ATOM   338  C CA  . ASN B 1 15 ? -17.876 2.025   8.968   1.00 11.60 ? 13  ASN B CA  1 
ATOM   339  C C   . ASN B 1 15 ? -16.748 2.622   9.810   1.00 11.46 ? 13  ASN B C   1 
ATOM   340  O O   . ASN B 1 15 ? -16.747 3.814   10.055  1.00 11.19 ? 13  ASN B O   1 
ATOM   341  C CB  . ASN B 1 15 ? -17.512 1.901   7.492   1.00 11.63 ? 13  ASN B CB  1 
ATOM   342  C CG  . ASN B 1 15 ? -18.260 0.764   6.837   1.00 11.47 ? 13  ASN B CG  1 
ATOM   343  O OD1 . ASN B 1 15 ? -18.169 -0.376  7.291   1.00 12.23 ? 13  ASN B OD1 1 
ATOM   344  N ND2 . ASN B 1 15 ? -19.056 1.073   5.827   1.00 11.70 ? 13  ASN B ND2 1 
ATOM   345  N N   . THR B 1 16 ? -15.795 1.780   10.195  1.00 11.20 ? 14  THR B N   1 
ATOM   346  C CA  . THR B 1 16 ? -14.625 2.153   11.014  1.00 10.54 ? 14  THR B CA  1 
ATOM   347  C C   . THR B 1 16 ? -13.377 1.987   10.168  1.00 10.35 ? 14  THR B C   1 
ATOM   348  O O   . THR B 1 16 ? -13.203 0.892   9.584   1.00 9.42  ? 14  THR B O   1 
ATOM   349  C CB  . THR B 1 16 ? -14.578 1.308   12.292  1.00 11.01 ? 14  THR B CB  1 
ATOM   350  O OG1 . THR B 1 16 ? -15.855 1.453   12.919  1.00 11.07 ? 14  THR B OG1 1 
ATOM   351  C CG2 . THR B 1 16 ? -13.466 1.708   13.247  1.00 11.04 ? 14  THR B CG2 1 
ATOM   352  N N   . CYS B 1 17 ? -12.522 3.012   10.152  1.00 10.30 ? 15  CYS B N   1 
ATOM   353  C CA  . CYS B 1 17 ? -11.250 3.039   9.371   1.00 10.01 ? 15  CYS B CA  1 
ATOM   354  C C   . CYS B 1 17 ? -10.086 3.321   10.327  1.00 10.48 ? 15  CYS B C   1 
ATOM   355  O O   . CYS B 1 17 ? -10.281 4.095   11.271  1.00 10.02 ? 15  CYS B O   1 
ATOM   356  C CB  . CYS B 1 17 ? -11.318 4.083   8.260   1.00 10.07 ? 15  CYS B CB  1 
ATOM   357  S SG  . CYS B 1 17 ? -12.475 3.702   6.914   1.00 10.99 ? 15  CYS B SG  1 
ATOM   358  N N   . ARG B 1 18 ? -8.925  2.715   10.070  1.00 10.80 ? 16  ARG B N   1 
ATOM   359  C CA  . ARG B 1 18 ? -7.728  2.776   10.938  1.00 11.07 ? 16  ARG B CA  1 
ATOM   360  C C   . ARG B 1 18 ? -6.480  2.764   10.063  1.00 10.51 ? 16  ARG B C   1 
ATOM   361  O O   . ARG B 1 18 ? -6.282  1.822   9.261   1.00 9.76  ? 16  ARG B O   1 
ATOM   362  C CB  . ARG B 1 18 ? -7.682  1.616   11.929  1.00 11.97 ? 16  ARG B CB  1 
ATOM   363  C CG  . ARG B 1 18 ? -6.437  1.604   12.796  1.00 13.22 ? 16  ARG B CG  1 
ATOM   364  C CD  . ARG B 1 18 ? -6.587  0.581   13.896  1.00 14.35 ? 16  ARG B CD  1 
ATOM   365  N NE  . ARG B 1 18 ? -6.940  -0.687  13.309  1.00 15.03 ? 16  ARG B NE  1 
ATOM   366  C CZ  . ARG B 1 18 ? -6.086  -1.592  12.826  1.00 17.40 ? 16  ARG B CZ  1 
ATOM   367  N NH1 . ARG B 1 18 ? -4.772  -1.423  12.910  1.00 18.01 ? 16  ARG B NH1 1 
ATOM   368  N NH2 . ARG B 1 18 ? -6.561  -2.677  12.242  1.00 17.86 ? 16  ARG B NH2 1 
ATOM   369  N N   . CYS B 1 19 ? -5.704  3.827   10.182  1.00 10.33 ? 17  CYS B N   1 
ATOM   370  C CA  . CYS B 1 19 ? -4.375  3.940   9.552   1.00 10.61 ? 17  CYS B CA  1 
ATOM   371  C C   . CYS B 1 19 ? -3.473  2.822   10.073  1.00 10.73 ? 17  CYS B C   1 
ATOM   372  O O   . CYS B 1 19 ? -3.331  2.660   11.329  1.00 9.72  ? 17  CYS B O   1 
ATOM   373  C CB  . CYS B 1 19 ? -3.814  5.331   9.798   1.00 10.18 ? 17  CYS B CB  1 
ATOM   374  S SG  . CYS B 1 19 ? -2.225  5.569   8.971   1.00 10.42 ? 17  CYS B SG  1 
ATOM   375  N N   . LEU B 1 20 ? -2.882  2.070   9.145   1.00 10.94 ? 18  LEU B N   1 
ATOM   376  C CA  . LEU B 1 20 ? -2.092  0.868   9.480   1.00 10.91 ? 18  LEU B CA  1 
ATOM   377  C C   . LEU B 1 20 ? -0.631  1.255   9.662   1.00 11.42 ? 18  LEU B C   1 
ATOM   378  O O   . LEU B 1 20 ? -0.287  2.450   9.528   1.00 10.56 ? 18  LEU B O   1 
ATOM   379  C CB  . LEU B 1 20 ? -2.298  -0.210  8.405   1.00 10.61 ? 18  LEU B CB  1 
ATOM   380  C CG  . LEU B 1 20 ? -3.749  -0.699  8.330   1.00 11.54 ? 18  LEU B CG  1 
ATOM   381  C CD1 . LEU B 1 20 ? -3.947  -1.638  7.168   1.00 11.68 ? 18  LEU B CD1 1 
ATOM   382  C CD2 . LEU B 1 20 ? -4.197  -1.353  9.638   1.00 12.03 ? 18  LEU B CD2 1 
ATOM   383  N N   . GLU B 1 21 ? 0.179   0.262   10.012  1.00 12.68 ? 19  GLU B N   1 
ATOM   384  C CA  . GLU B 1 21 ? 1.560   0.418   10.532  1.00 14.35 ? 19  GLU B CA  1 
ATOM   385  C C   . GLU B 1 21 ? 2.427   1.210   9.556   1.00 13.53 ? 19  GLU B C   1 
ATOM   386  O O   . GLU B 1 21 ? 3.290   1.990   10.006  1.00 13.62 ? 19  GLU B O   1 
ATOM   387  C CB  . GLU B 1 21 ? 2.164   -0.969  10.747  1.00 16.43 ? 19  GLU B CB  1 
ATOM   388  C CG  . GLU B 1 21 ? 3.563   -0.906  11.281  1.00 18.05 ? 19  GLU B CG  1 
ATOM   389  C CD  . GLU B 1 21 ? 4.681   -0.861  10.273  1.00 18.57 ? 19  GLU B CD  1 
ATOM   390  O OE1 . GLU B 1 21 ? 4.458   -1.205  9.094   1.00 20.57 ? 19  GLU B OE1 1 
ATOM   391  O OE2 . GLU B 1 21 ? 5.800   -0.529  10.704  1.00 22.10 ? 19  GLU B OE2 1 
ATOM   392  N N   . ASP B 1 22 ? 2.243   0.984   8.253   1.00 14.08 ? 20  ASP B N   1 
ATOM   393  C CA  . ASP B 1 22 ? 3.090   1.585   7.195   1.00 13.35 ? 20  ASP B CA  1 
ATOM   394  C C   . ASP B 1 22 ? 2.692   3.028   6.901   1.00 12.39 ? 20  ASP B C   1 
ATOM   395  O O   . ASP B 1 22 ? 3.477   3.694   6.209   1.00 11.69 ? 20  ASP B O   1 
ATOM   396  C CB  . ASP B 1 22 ? 3.102   0.713   5.939   1.00 14.76 ? 20  ASP B CB  1 
ATOM   397  C CG  . ASP B 1 22 ? 1.750   0.350   5.373   1.00 14.88 ? 20  ASP B CG  1 
ATOM   398  O OD1 . ASP B 1 22 ? 0.853   1.206   5.375   1.00 15.29 ? 20  ASP B OD1 1 
ATOM   399  O OD2 . ASP B 1 22 ? 1.647   -0.787  4.889   1.00 17.30 ? 20  ASP B OD2 1 
ATOM   400  N N   . GLY B 1 23 ? 1.549   3.513   7.410   1.00 11.31 ? 21  GLY B N   1 
ATOM   401  C CA  . GLY B 1 23 ? 1.141   4.915   7.228   1.00 11.34 ? 21  GLY B CA  1 
ATOM   402  C C   . GLY B 1 23 ? 0.810   5.225   5.780   1.00 11.58 ? 21  GLY B C   1 
ATOM   403  O O   . GLY B 1 23 ? 0.693   6.425   5.461   1.00 11.90 ? 21  GLY B O   1 
ATOM   404  N N   . GLN B 1 24 ? 0.656   4.202   4.933   1.00 12.12 ? 22  GLN B N   1 
ATOM   405  C CA  . GLN B 1 24 ? 0.329   4.338   3.484   1.00 13.13 ? 22  GLN B CA  1 
ATOM   406  C C   . GLN B 1 24 ? -1.012  3.661   3.210   1.00 12.96 ? 22  GLN B C   1 
ATOM   407  O O   . GLN B 1 24 ? -1.470  3.711   2.063   1.00 13.47 ? 22  GLN B O   1 
ATOM   408  C CB  . GLN B 1 24 ? 1.437   3.720   2.623   1.00 14.92 ? 22  GLN B CB  1 
ATOM   409  C CG  . GLN B 1 24 ? 2.774   4.450   2.760   1.00 15.77 ? 22  GLN B CG  1 
ATOM   410  C CD  . GLN B 1 24 ? 2.685   5.842   2.169   1.00 18.88 ? 22  GLN B CD  1 
ATOM   411  O OE1 . GLN B 1 24 ? 2.247   6.018   1.036   1.00 20.51 ? 22  GLN B OE1 1 
ATOM   412  N NE2 . GLN B 1 24 ? 3.090   6.851   2.923   1.00 20.59 ? 22  GLN B NE2 1 
ATOM   413  N N   . THR B 1 25 ? -1.604  3.030   4.227   1.00 12.78 ? 23  THR B N   1 
ATOM   414  C CA  . THR B 1 25 ? -2.793  2.168   4.066   1.00 12.39 ? 23  THR B CA  1 
ATOM   415  C C   . THR B 1 25 ? -3.735  2.378   5.250   1.00 11.74 ? 23  THR B C   1 
ATOM   416  O O   . THR B 1 25 ? -3.256  2.718   6.364   1.00 11.70 ? 23  THR B O   1 
ATOM   417  C CB  . THR B 1 25 ? -2.329  0.712   3.913   1.00 13.93 ? 23  THR B CB  1 
ATOM   418  O OG1 . THR B 1 25 ? -1.688  0.340   5.122   1.00 15.74 ? 23  THR B OG1 1 
ATOM   419  C CG2 . THR B 1 25 ? -1.285  0.504   2.839   1.00 14.48 ? 23  THR B CG2 1 
ATOM   420  N N   . GLU B 1 26 ? -5.021  2.115   5.034   1.00 11.20 ? 24  GLU B N   1 
ATOM   421  C CA  . GLU B 1 26 ? -6.021  2.076   6.120   1.00 11.51 ? 24  GLU B CA  1 
ATOM   422  C C   . GLU B 1 26 ? -6.890  0.821   6.000   1.00 11.36 ? 24  GLU B C   1 
ATOM   423  O O   . GLU B 1 26 ? -7.226  0.395   4.868   1.00 11.48 ? 24  GLU B O   1 
ATOM   424  C CB  . GLU B 1 26 ? -6.854  3.357   6.115   1.00 11.54 ? 24  GLU B CB  1 
ATOM   425  C CG  . GLU B 1 26 ? -7.727  3.523   4.900   1.00 12.52 ? 24  GLU B CG  1 
ATOM   426  C CD  . GLU B 1 26 ? -8.509  4.839   4.914   1.00 13.76 ? 24  GLU B CD  1 
ATOM   427  O OE1 . GLU B 1 26 ? -8.341  5.624   5.897   1.00 13.07 ? 24  GLU B OE1 1 
ATOM   428  O OE2 . GLU B 1 26 ? -9.327  5.051   3.962   1.00 14.06 ? 24  GLU B OE2 1 
ATOM   429  N N   . ALA B 1 27 ? -7.212  0.236   7.146   1.00 10.62 ? 25  ALA B N   1 
ATOM   430  C CA  . ALA B 1 27 ? -8.159  -0.881  7.266   1.00 10.59 ? 25  ALA B CA  1 
ATOM   431  C C   . ALA B 1 27 ? -9.538  -0.243  7.477   1.00 10.62 ? 25  ALA B C   1 
ATOM   432  O O   . ALA B 1 27 ? -9.716  0.548   8.445   1.00 9.93  ? 25  ALA B O   1 
ATOM   433  C CB  . ALA B 1 27 ? -7.755  -1.803  8.386   1.00 11.00 ? 25  ALA B CB  1 
ATOM   434  N N   . CYS B 1 28 ? -10.483 -0.525  6.589   1.00 10.69 ? 26  CYS B N   1 
ATOM   435  C CA  . CYS B 1 28 ? -11.890 -0.095  6.747   1.00 10.63 ? 26  CYS B CA  1 
ATOM   436  C C   . CYS B 1 28 ? -12.783 -1.327  6.761   1.00 11.41 ? 26  CYS B C   1 
ATOM   437  O O   . CYS B 1 28 ? -12.533 -2.247  5.961   1.00 10.54 ? 26  CYS B O   1 
ATOM   438  C CB  . CYS B 1 28 ? -12.339 0.858   5.648   1.00 10.78 ? 26  CYS B CB  1 
ATOM   439  S SG  . CYS B 1 28 ? -11.454 2.441   5.661   1.00 10.94 ? 26  CYS B SG  1 
ATOM   440  N N   . THR B 1 29 ? -13.823 -1.291  7.599   1.00 11.08 ? 27  THR B N   1 
ATOM   441  C CA  . THR B 1 29 ? -14.884 -2.322  7.636   1.00 11.79 ? 27  THR B CA  1 
ATOM   442  C C   . THR B 1 29 ? -15.721 -2.246  6.341   1.00 12.39 ? 27  THR B C   1 
ATOM   443  O O   . THR B 1 29 ? -15.716 -1.173  5.633   1.00 11.79 ? 27  THR B O   1 
ATOM   444  C CB  . THR B 1 29 ? -15.671 -2.230  8.943   1.00 11.82 ? 27  THR B CB  1 
ATOM   445  O OG1 . THR B 1 29 ? -16.242 -0.928  9.014   1.00 12.77 ? 27  THR B OG1 1 
ATOM   446  C CG2 . THR B 1 29 ? -14.807 -2.507  10.155  1.00 12.50 ? 27  THR B CG2 1 
ATOM   447  N N   . LEU B 1 30 ? -16.418 -3.341  6.034   1.00 12.99 ? 28  LEU B N   1 
ATOM   448  C CA  . LEU B 1 30 ? -17.266 -3.469  4.819   1.00 14.78 ? 28  LEU B CA  1 
ATOM   449  C C   . LEU B 1 30 ? -18.740 -3.593  5.196   1.00 14.79 ? 28  LEU B C   1 
ATOM   450  O O   . LEU B 1 30 ? -19.465 -4.322  4.528   1.00 17.15 ? 28  LEU B O   1 
ATOM   451  C CB  . LEU B 1 30 ? -16.759 -4.662  4.004   1.00 15.78 ? 28  LEU B CB  1 
ATOM   452  C CG  . LEU B 1 30 ? -15.329 -4.491  3.482   1.00 16.24 ? 28  LEU B CG  1 
ATOM   453  C CD1 . LEU B 1 30 ? -14.826 -5.764  2.821   1.00 17.01 ? 28  LEU B CD1 1 
ATOM   454  C CD2 . LEU B 1 30 ? -15.262 -3.300  2.530   1.00 17.57 ? 28  LEU B CD2 1 
ATOM   455  N N   . ARG B 1 31 ? -19.183 -2.814  6.169   1.00 14.50 ? 29  ARG B N   1 
ATOM   456  C CA  . ARG B 1 31 ? -20.607 -2.739  6.599   1.00 13.87 ? 29  ARG B CA  1 
ATOM   457  C C   . ARG B 1 31 ? -21.399 -1.999  5.518   1.00 14.17 ? 29  ARG B C   1 
ATOM   458  O O   . ARG B 1 31 ? -20.878 -1.030  4.922   1.00 11.48 ? 29  ARG B O   1 
ATOM   459  C CB  . ARG B 1 31 ? -20.741 -2.046  7.956   1.00 13.52 ? 29  ARG B CB  1 
ATOM   460  C CG  . ARG B 1 31 ? -19.938 -2.671  9.079   1.00 12.88 ? 29  ARG B CG  1 
ATOM   461  C CD  . ARG B 1 31 ? -19.797 -1.736  10.265  1.00 12.87 ? 29  ARG B CD  1 
ATOM   462  N NE  . ARG B 1 31 ? -18.968 -2.332  11.303  1.00 12.54 ? 29  ARG B NE  1 
ATOM   463  C CZ  . ARG B 1 31 ? -18.098 -1.676  12.080  1.00 12.56 ? 29  ARG B CZ  1 
ATOM   464  N NH1 . ARG B 1 31 ? -17.928 -0.364  12.000  1.00 11.89 ? 29  ARG B NH1 1 
ATOM   465  N NH2 . ARG B 1 31 ? -17.380 -2.364  12.941  1.00 13.44 ? 29  ARG B NH2 1 
ATOM   466  N N   . LEU B 1 32 ? -22.612 -2.463  5.228   1.00 16.19 ? 30  LEU B N   1 
ATOM   467  C CA  . LEU B 1 32 ? -23.526 -1.710  4.333   1.00 16.93 ? 30  LEU B CA  1 
ATOM   468  C C   . LEU B 1 32 ? -24.451 -0.919  5.262   1.00 16.72 ? 30  LEU B C   1 
ATOM   469  O O   . LEU B 1 32 ? -25.182 -1.534  6.043   1.00 16.02 ? 30  LEU B O   1 
ATOM   470  C CB  . LEU B 1 32 ? -24.238 -2.667  3.377   1.00 19.08 ? 30  LEU B CB  1 
ATOM   471  C CG  . LEU B 1 32 ? -24.789 -2.031  2.095   1.00 22.44 ? 30  LEU B CG  1 
ATOM   472  C CD1 . LEU B 1 32 ? -23.652 -1.463  1.251   1.00 25.97 ? 30  LEU B CD1 1 
ATOM   473  C CD2 . LEU B 1 32 ? -25.593 -3.048  1.274   1.00 23.29 ? 30  LEU B CD2 1 
ATOM   474  N N   . CYS B 1 33 ? -24.292 0.403   5.284   1.00 16.97 ? 31  CYS B N   1 
ATOM   475  C CA  . CYS B 1 33 ? -24.835 1.288   6.345   1.00 17.97 ? 31  CYS B CA  1 
ATOM   476  C C   . CYS B 1 33 ? -26.291 1.625   6.051   1.00 19.84 ? 31  CYS B C   1 
ATOM   477  O O   . CYS B 1 33 ? -26.936 2.117   6.972   1.00 21.87 ? 31  CYS B O   1 
ATOM   478  C CB  . CYS B 1 33 ? -24.059 2.592   6.460   1.00 18.40 ? 31  CYS B CB  1 
ATOM   479  S SG  . CYS B 1 33 ? -22.313 2.327   6.845   1.00 16.44 ? 31  CYS B SG  1 
ATOM   480  O OXT . CYS B 1 33 ? -26.787 1.434   4.963   1.00 19.21 ? 31  CYS B OXT 1 
ATOM   481  N N   . GLY C 1 1  ? 20.183  17.076  -0.605  1.00 29.68 ? -1  GLY C N   1 
ATOM   482  C CA  . GLY C 1 1  ? 19.503  16.553  -1.826  1.00 28.39 ? -1  GLY C CA  1 
ATOM   483  C C   . GLY C 1 1  ? 18.792  15.244  -1.548  1.00 24.90 ? -1  GLY C C   1 
ATOM   484  O O   . GLY C 1 1  ? 18.897  14.711  -0.423  1.00 25.11 ? -1  GLY C O   1 
ATOM   485  N N   . SER C 1 2  ? 18.075  14.713  -2.527  1.00 21.41 ? 0   SER C N   1 
ATOM   486  C CA  . SER C 1 2  ? 17.282  13.477  -2.314  1.00 21.72 ? 0   SER C CA  1 
ATOM   487  C C   . SER C 1 2  ? 17.433  12.548  -3.525  1.00 18.74 ? 0   SER C C   1 
ATOM   488  O O   . SER C 1 2  ? 18.101  12.959  -4.504  1.00 15.13 ? 0   SER C O   1 
ATOM   489  C CB  . SER C 1 2  ? 15.862  13.826  -1.947  1.00 22.34 ? 0   SER C CB  1 
ATOM   490  O OG  . SER C 1 2  ? 15.276  14.629  -2.936  1.00 26.68 ? 0   SER C OG  1 
ATOM   491  N N   . SER C 1 3  ? 16.934  11.314  -3.409  1.00 17.09 ? 1   SER C N   1 
ATOM   492  C CA  . SER C 1 3  ? 17.013  10.242  -4.433  1.00 15.50 ? 1   SER C CA  1 
ATOM   493  C C   . SER C 1 3  ? 15.724  10.191  -5.269  1.00 14.44 ? 1   SER C C   1 
ATOM   494  O O   . SER C 1 3  ? 15.749  9.622   -6.378  1.00 13.57 ? 1   SER C O   1 
ATOM   495  C CB  . SER C 1 3  ? 17.311  8.921   -3.775  1.00 16.30 ? 1   SER C CB  1 
ATOM   496  O OG  . SER C 1 3  ? 18.591  8.944   -3.132  1.00 15.76 ? 1   SER C OG  1 
ATOM   497  N N   . CYS C 1 4  ? 14.655  10.799  -4.780  1.00 15.24 ? 2   CYS C N   1 
ATOM   498  C CA  . CYS C 1 4  ? 13.406  11.094  -5.527  1.00 16.06 ? 2   CYS C CA  1 
ATOM   499  C C   . CYS C 1 4  ? 12.796  12.404  -4.990  1.00 19.96 ? 2   CYS C C   1 
ATOM   500  O O   . CYS C 1 4  ? 13.217  12.872  -3.935  1.00 20.50 ? 2   CYS C O   1 
ATOM   501  C CB  . CYS C 1 4  ? 12.427  9.914   -5.484  1.00 15.73 ? 2   CYS C CB  1 
ATOM   502  S SG  . CYS C 1 4  ? 11.888  9.343   -3.837  1.00 15.18 ? 2   CYS C SG  1 
ATOM   503  N N   . GLN C 1 5  ? 11.824  12.960  -5.708  1.00 21.74 ? 3   GLN C N   1 
ATOM   504  C CA  . GLN C 1 5  ? 11.114  14.212  -5.349  1.00 24.21 ? 3   GLN C CA  1 
ATOM   505  C C   . GLN C 1 5  ? 9.929   13.872  -4.442  1.00 23.32 ? 3   GLN C C   1 
ATOM   506  O O   . GLN C 1 5  ? 8.930   13.326  -4.917  1.00 20.37 ? 3   GLN C O   1 
ATOM   507  C CB  . GLN C 1 5  ? 10.675  14.870  -6.662  1.00 27.18 ? 3   GLN C CB  1 
ATOM   508  C CG  . GLN C 1 5  ? 9.993   16.213  -6.492  1.00 30.73 ? 3   GLN C CG  1 
ATOM   509  C CD  . GLN C 1 5  ? 10.991  17.311  -6.259  1.00 31.78 ? 3   GLN C CD  1 
ATOM   510  O OE1 . GLN C 1 5  ? 11.303  17.628  -5.115  1.00 33.01 ? 3   GLN C OE1 1 
ATOM   511  N NE2 . GLN C 1 5  ? 11.496  17.887  -7.349  1.00 32.10 ? 3   GLN C NE2 1 
ATOM   512  N N   . PRO C 1 6  ? 9.974   14.158  -3.118  1.00 22.94 ? 4   PRO C N   1 
ATOM   513  C CA  . PRO C 1 6  ? 8.876   13.797  -2.220  1.00 23.34 ? 4   PRO C CA  1 
ATOM   514  C C   . PRO C 1 6  ? 7.528   14.287  -2.766  1.00 22.03 ? 4   PRO C C   1 
ATOM   515  O O   . PRO C 1 6  ? 7.474   15.371  -3.293  1.00 21.40 ? 4   PRO C O   1 
ATOM   516  C CB  . PRO C 1 6  ? 9.184   14.503  -0.888  1.00 24.63 ? 4   PRO C CB  1 
ATOM   517  C CG  . PRO C 1 6  ? 10.659  14.808  -0.957  1.00 25.46 ? 4   PRO C CG  1 
ATOM   518  C CD  . PRO C 1 6  ? 11.035  14.894  -2.419  1.00 25.11 ? 4   PRO C CD  1 
ATOM   519  N N   . GLY C 1 7  ? 6.487   13.469  -2.651  1.00 22.69 ? 5   GLY C N   1 
ATOM   520  C CA  . GLY C 1 7  ? 5.114   13.832  -3.049  1.00 21.31 ? 5   GLY C CA  1 
ATOM   521  C C   . GLY C 1 7  ? 4.872   13.731  -4.545  1.00 20.31 ? 5   GLY C C   1 
ATOM   522  O O   . GLY C 1 7  ? 3.794   14.142  -4.993  1.00 20.03 ? 5   GLY C O   1 
ATOM   523  N N   . THR C 1 8  ? 5.813   13.212  -5.332  1.00 18.09 ? 6   THR C N   1 
ATOM   524  C CA  . THR C 1 8  ? 5.564   12.979  -6.772  1.00 16.82 ? 6   THR C CA  1 
ATOM   525  C C   . THR C 1 8  ? 5.110   11.529  -6.952  1.00 15.49 ? 6   THR C C   1 
ATOM   526  O O   . THR C 1 8  ? 5.512   10.657  -6.146  1.00 14.83 ? 6   THR C O   1 
ATOM   527  C CB  . THR C 1 8  ? 6.774   13.359  -7.643  1.00 17.48 ? 6   THR C CB  1 
ATOM   528  O OG1 . THR C 1 8  ? 7.868   12.521  -7.266  1.00 15.06 ? 6   THR C OG1 1 
ATOM   529  C CG2 . THR C 1 8  ? 7.127   14.829  -7.534  1.00 17.87 ? 6   THR C CG2 1 
ATOM   530  N N   . THR C 1 9  ? 4.269   11.299  -7.945  1.00 14.63 ? 7   THR C N   1 
ATOM   531  C CA  . THR C 1 9  ? 3.861   9.960   -8.434  1.00 14.87 ? 7   THR C CA  1 
ATOM   532  C C   . THR C 1 9  ? 4.282   9.881   -9.891  1.00 15.18 ? 7   THR C C   1 
ATOM   533  O O   . THR C 1 9  ? 4.164   10.900  -10.576 1.00 15.54 ? 7   THR C O   1 
ATOM   534  C CB  . THR C 1 9  ? 2.357   9.746   -8.253  1.00 15.65 ? 7   THR C CB  1 
ATOM   535  O OG1 . THR C 1 9  ? 2.015   9.832   -6.874  1.00 15.50 ? 7   THR C OG1 1 
ATOM   536  C CG2 . THR C 1 9  ? 1.906   8.407   -8.770  1.00 15.72 ? 7   THR C CG2 1 
ATOM   537  N N   . TYR C 1 10 ? 4.833   8.765   -10.336 1.00 14.01 ? 8   TYR C N   1 
ATOM   538  C CA  . TYR C 1 10 ? 5.463   8.696   -11.672 1.00 14.15 ? 8   TYR C CA  1 
ATOM   539  C C   . TYR C 1 10 ? 5.506   7.233   -12.097 1.00 14.50 ? 8   TYR C C   1 
ATOM   540  O O   . TYR C 1 10 ? 5.277   6.356   -11.230 1.00 15.18 ? 8   TYR C O   1 
ATOM   541  C CB  . TYR C 1 10 ? 6.866   9.317   -11.639 1.00 14.23 ? 8   TYR C CB  1 
ATOM   542  C CG  . TYR C 1 10 ? 7.686   8.890   -10.453 1.00 13.38 ? 8   TYR C CG  1 
ATOM   543  C CD1 . TYR C 1 10 ? 8.443   7.736   -10.487 1.00 13.27 ? 8   TYR C CD1 1 
ATOM   544  C CD2 . TYR C 1 10 ? 7.665   9.617   -9.282  1.00 13.85 ? 8   TYR C CD2 1 
ATOM   545  C CE1 . TYR C 1 10 ? 9.156   7.313   -9.377  1.00 13.80 ? 8   TYR C CE1 1 
ATOM   546  C CE2 . TYR C 1 10 ? 8.389   9.219   -8.173  1.00 13.59 ? 8   TYR C CE2 1 
ATOM   547  C CZ  . TYR C 1 10 ? 9.143   8.065   -8.215  1.00 14.27 ? 8   TYR C CZ  1 
ATOM   548  O OH  . TYR C 1 10 ? 9.826   7.679   -7.076  1.00 14.51 ? 8   TYR C OH  1 
ATOM   549  N N   . GLN C 1 11 ? 5.773   6.996   -13.386 1.00 12.77 ? 9   GLN C N   1 
ATOM   550  C CA  . GLN C 1 11 ? 5.981   5.643   -13.926 1.00 13.60 ? 9   GLN C CA  1 
ATOM   551  C C   . GLN C 1 11 ? 7.470   5.295   -13.845 1.00 13.78 ? 9   GLN C C   1 
ATOM   552  O O   . GLN C 1 11 ? 8.309   6.099   -14.264 1.00 13.90 ? 9   GLN C O   1 
ATOM   553  C CB  . GLN C 1 11 ? 5.476   5.549   -15.364 1.00 13.27 ? 9   GLN C CB  1 
ATOM   554  C CG  . GLN C 1 11 ? 4.020   5.962   -15.505 1.00 13.15 ? 9   GLN C CG  1 
ATOM   555  C CD  . GLN C 1 11 ? 3.655   6.199   -16.949 1.00 13.19 ? 9   GLN C CD  1 
ATOM   556  O OE1 . GLN C 1 11 ? 3.142   7.259   -17.312 1.00 15.42 ? 9   GLN C OE1 1 
ATOM   557  N NE2 . GLN C 1 11 ? 3.859   5.190   -17.768 1.00 11.33 ? 9   GLN C NE2 1 
ATOM   558  N N   . ARG C 1 12 ? 7.737   4.143   -13.258 1.00 14.22 ? 10  ARG C N   1 
ATOM   559  C CA  . ARG C 1 12 ? 9.010   3.412   -13.286 1.00 16.49 ? 10  ARG C CA  1 
ATOM   560  C C   . ARG C 1 12 ? 8.766   2.233   -14.222 1.00 16.45 ? 10  ARG C C   1 
ATOM   561  O O   . ARG C 1 12 ? 8.215   1.211   -13.748 1.00 14.89 ? 10  ARG C O   1 
ATOM   562  C CB  . ARG C 1 12 ? 9.387   3.006   -11.863 1.00 19.10 ? 10  ARG C CB  1 
ATOM   563  C CG  . ARG C 1 12 ? 10.765  2.372   -11.738 1.00 22.04 ? 10  ARG C CG  1 
ATOM   564  C CD  . ARG C 1 12 ? 11.107  2.118   -10.281 1.00 23.66 ? 10  ARG C CD  1 
ATOM   565  N NE  . ARG C 1 12 ? 11.951  0.944   -10.126 1.00 27.42 ? 10  ARG C NE  1 
ATOM   566  C CZ  . ARG C 1 12 ? 13.242  0.961   -9.855  1.00 33.10 ? 10  ARG C CZ  1 
ATOM   567  N NH1 . ARG C 1 12 ? 13.892  2.101   -9.679  1.00 36.37 ? 10  ARG C NH1 1 
ATOM   568  N NH2 . ARG C 1 12 ? 13.892  -0.183  -9.769  1.00 35.57 ? 10  ARG C NH2 1 
ATOM   569  N N   . GLY C 1 13 ? 9.030   2.436   -15.517 1.00 15.25 ? 11  GLY C N   1 
ATOM   570  C CA  . GLY C 1 13 ? 8.516   1.527   -16.569 1.00 15.17 ? 11  GLY C CA  1 
ATOM   571  C C   . GLY C 1 13 ? 7.022   1.255   -16.425 1.00 14.61 ? 11  GLY C C   1 
ATOM   572  O O   . GLY C 1 13 ? 6.239   2.210   -16.311 1.00 14.65 ? 11  GLY C O   1 
ATOM   573  N N   . CYS C 1 14 ? 6.605   -0.009  -16.319 1.00 14.44 ? 12  CYS C N   1 
ATOM   574  C CA  . CYS C 1 14 ? 5.159   -0.355  -16.280 1.00 14.53 ? 12  CYS C CA  1 
ATOM   575  C C   . CYS C 1 14 ? 4.570   -0.165  -14.876 1.00 14.02 ? 12  CYS C C   1 
ATOM   576  O O   . CYS C 1 14 ? 3.357   -0.350  -14.738 1.00 13.95 ? 12  CYS C O   1 
ATOM   577  C CB  . CYS C 1 14 ? 4.917   -1.769  -16.784 1.00 15.32 ? 12  CYS C CB  1 
ATOM   578  S SG  . CYS C 1 14 ? 5.238   -3.082  -15.579 1.00 18.42 ? 12  CYS C SG  1 
ATOM   579  N N   . ASN C 1 15 ? 5.372   0.226   -13.882 1.00 13.31 ? 13  ASN C N   1 
ATOM   580  C CA  . ASN C 1 15 ? 4.926   0.308   -12.462 1.00 13.75 ? 13  ASN C CA  1 
ATOM   581  C C   . ASN C 1 15 ? 4.678   1.762   -12.045 1.00 13.84 ? 13  ASN C C   1 
ATOM   582  O O   . ASN C 1 15 ? 5.408   2.661   -12.501 1.00 13.05 ? 13  ASN C O   1 
ATOM   583  C CB  . ASN C 1 15 ? 5.933   -0.419  -11.569 1.00 13.51 ? 13  ASN C CB  1 
ATOM   584  C CG  . ASN C 1 15 ? 5.702   -1.914  -11.554 1.00 13.68 ? 13  ASN C CG  1 
ATOM   585  O OD1 . ASN C 1 15 ? 4.607   -2.385  -11.221 1.00 13.28 ? 13  ASN C OD1 1 
ATOM   586  N ND2 . ASN C 1 15 ? 6.727   -2.668  -11.924 1.00 15.79 ? 13  ASN C ND2 1 
ATOM   587  N N   . THR C 1 16 ? 3.646   1.983   -11.239 1.00 14.22 ? 14  THR C N   1 
ATOM   588  C CA  . THR C 1 16 ? 3.356   3.280   -10.579 1.00 14.89 ? 14  THR C CA  1 
ATOM   589  C C   . THR C 1 16 ? 4.128   3.352   -9.263  1.00 13.61 ? 14  THR C C   1 
ATOM   590  O O   . THR C 1 16 ? 4.031   2.396   -8.454  1.00 12.22 ? 14  THR C O   1 
ATOM   591  C CB  . THR C 1 16 ? 1.859   3.492   -10.310 1.00 16.58 ? 14  THR C CB  1 
ATOM   592  O OG1 . THR C 1 16 ? 1.218   3.483   -11.582 1.00 17.73 ? 14  THR C OG1 1 
ATOM   593  C CG2 . THR C 1 16 ? 1.551   4.808   -9.619  1.00 17.60 ? 14  THR C CG2 1 
ATOM   594  N N   . CYS C 1 17 ? 4.891   4.430   -9.079  1.00 13.48 ? 15  CYS C N   1 
ATOM   595  C CA  . CYS C 1 17 ? 5.735   4.671   -7.881  1.00 13.50 ? 15  CYS C CA  1 
ATOM   596  C C   . CYS C 1 17 ? 5.372   6.040   -7.300  1.00 14.27 ? 15  CYS C C   1 
ATOM   597  O O   . CYS C 1 17 ? 5.003   6.953   -8.083  1.00 13.02 ? 15  CYS C O   1 
ATOM   598  C CB  . CYS C 1 17 ? 7.227   4.624   -8.192  1.00 13.27 ? 15  CYS C CB  1 
ATOM   599  S SG  . CYS C 1 17 ? 7.814   3.037   -8.825  1.00 14.08 ? 15  CYS C SG  1 
ATOM   600  N N   . ARG C 1 18 ? 5.401   6.139   -5.971  1.00 15.68 ? 16  ARG C N   1 
ATOM   601  C CA  . ARG C 1 18 ? 5.215   7.396   -5.199  1.00 16.07 ? 16  ARG C CA  1 
ATOM   602  C C   . ARG C 1 18 ? 6.471   7.596   -4.341  1.00 15.40 ? 16  ARG C C   1 
ATOM   603  O O   . ARG C 1 18 ? 6.874   6.674   -3.606  1.00 13.46 ? 16  ARG C O   1 
ATOM   604  C CB  . ARG C 1 18 ? 3.933   7.312   -4.357  1.00 20.37 ? 16  ARG C CB  1 
ATOM   605  C CG  . ARG C 1 18 ? 2.704   6.906   -5.171  1.00 26.47 ? 16  ARG C CG  1 
ATOM   606  C CD  . ARG C 1 18 ? 1.347   6.816   -4.468  1.00 31.85 ? 16  ARG C CD  1 
ATOM   607  N NE  . ARG C 1 18 ? 1.187   5.727   -3.499  1.00 37.76 ? 16  ARG C NE  1 
ATOM   608  C CZ  . ARG C 1 18 ? 1.569   5.757   -2.205  1.00 42.78 ? 16  ARG C CZ  1 
ATOM   609  N NH1 . ARG C 1 18 ? 2.173   6.818   -1.683  1.00 40.65 ? 16  ARG C NH1 1 
ATOM   610  N NH2 . ARG C 1 18 ? 1.349   4.703   -1.430  1.00 43.70 ? 16  ARG C NH2 1 
ATOM   611  N N   . CYS C 1 19 ? 7.113   8.745   -4.472  1.00 14.23 ? 17  CYS C N   1 
ATOM   612  C CA  . CYS C 1 19 ? 8.276   9.121   -3.652  1.00 14.46 ? 17  CYS C CA  1 
ATOM   613  C C   . CYS C 1 19 ? 7.746   9.543   -2.282  1.00 14.48 ? 17  CYS C C   1 
ATOM   614  O O   . CYS C 1 19 ? 7.013   10.534  -2.245  1.00 14.18 ? 17  CYS C O   1 
ATOM   615  C CB  . CYS C 1 19 ? 9.040   10.266  -4.279  1.00 15.25 ? 17  CYS C CB  1 
ATOM   616  S SG  . CYS C 1 19 ? 10.480  10.716  -3.292  1.00 16.29 ? 17  CYS C SG  1 
ATOM   617  N N   . LEU C 1 20 ? 8.086   8.811   -1.229  1.00 16.39 ? 18  LEU C N   1 
ATOM   618  C CA  . LEU C 1 20 ? 7.655   9.114   0.164   1.00 18.53 ? 18  LEU C CA  1 
ATOM   619  C C   . LEU C 1 20 ? 8.351   10.398  0.685   1.00 20.95 ? 18  LEU C C   1 
ATOM   620  O O   . LEU C 1 20 ? 9.336   10.881  0.071   1.00 18.32 ? 18  LEU C O   1 
ATOM   621  C CB  . LEU C 1 20 ? 7.983   7.908   1.049   1.00 19.44 ? 18  LEU C CB  1 
ATOM   622  C CG  . LEU C 1 20 ? 7.348   6.572   0.666   1.00 20.06 ? 18  LEU C CG  1 
ATOM   623  C CD1 . LEU C 1 20 ? 7.461   5.585   1.813   1.00 20.72 ? 18  LEU C CD1 1 
ATOM   624  C CD2 . LEU C 1 20 ? 5.889   6.728   0.262   1.00 19.79 ? 18  LEU C CD2 1 
ATOM   625  N N   . GLU C 1 21 ? 7.910   10.913  1.835   1.00 23.53 ? 19  GLU C N   1 
ATOM   626  C CA  . GLU C 1 21 ? 8.244   12.301  2.242   1.00 26.57 ? 19  GLU C CA  1 
ATOM   627  C C   . GLU C 1 21 ? 9.711   12.385  2.680   1.00 24.34 ? 19  GLU C C   1 
ATOM   628  O O   . GLU C 1 21 ? 10.239  13.509  2.730   1.00 24.77 ? 19  GLU C O   1 
ATOM   629  C CB  . GLU C 1 21 ? 7.250   12.799  3.293   1.00 33.18 ? 19  GLU C CB  1 
ATOM   630  C CG  . GLU C 1 21 ? 5.852   13.047  2.728   1.00 38.35 ? 19  GLU C CG  1 
ATOM   631  C CD  . GLU C 1 21 ? 5.741   13.978  1.526   1.00 42.44 ? 19  GLU C CD  1 
ATOM   632  O OE1 . GLU C 1 21 ? 6.544   14.942  1.426   1.00 47.22 ? 19  GLU C OE1 1 
ATOM   633  O OE2 . GLU C 1 21 ? 4.837   13.751  0.693   1.00 43.47 ? 19  GLU C OE2 1 
ATOM   634  N N   . ASP C 1 22 ? 10.374  11.251  2.903   1.00 22.01 ? 20  ASP C N   1 
ATOM   635  C CA  . ASP C 1 22 ? 11.813  11.202  3.272   1.00 22.06 ? 20  ASP C CA  1 
ATOM   636  C C   . ASP C 1 22 ? 12.706  11.458  2.045   1.00 20.70 ? 20  ASP C C   1 
ATOM   637  O O   . ASP C 1 22 ? 13.932  11.633  2.231   1.00 19.15 ? 20  ASP C O   1 
ATOM   638  C CB  . ASP C 1 22 ? 12.139  9.875   3.958   1.00 23.61 ? 20  ASP C CB  1 
ATOM   639  C CG  . ASP C 1 22 ? 12.172  8.678   3.033   1.00 23.84 ? 20  ASP C CG  1 
ATOM   640  O OD1 . ASP C 1 22 ? 11.639  8.781   1.913   1.00 26.12 ? 20  ASP C OD1 1 
ATOM   641  O OD2 . ASP C 1 22 ? 12.728  7.668   3.433   1.00 24.12 ? 20  ASP C OD2 1 
ATOM   642  N N   . GLY C 1 23 ? 12.148  11.363  0.832   1.00 20.42 ? 21  GLY C N   1 
ATOM   643  C CA  . GLY C 1 23 ? 12.886  11.503  -0.437  1.00 19.49 ? 21  GLY C CA  1 
ATOM   644  C C   . GLY C 1 23 ? 13.929  10.420  -0.662  1.00 18.53 ? 21  GLY C C   1 
ATOM   645  O O   . GLY C 1 23 ? 14.790  10.617  -1.554  1.00 17.31 ? 21  GLY C O   1 
ATOM   646  N N   . GLN C 1 24 ? 13.889  9.305   0.075   1.00 17.80 ? 22  GLN C N   1 
ATOM   647  C CA  . GLN C 1 24 ? 14.848  8.182   -0.116  1.00 17.58 ? 22  GLN C CA  1 
ATOM   648  C C   . GLN C 1 24 ? 14.127  6.837   -0.239  1.00 18.22 ? 22  GLN C C   1 
ATOM   649  O O   . GLN C 1 24 ? 14.816  5.823   -0.310  1.00 17.84 ? 22  GLN C O   1 
ATOM   650  C CB  . GLN C 1 24 ? 15.838  8.111   1.038   1.00 19.56 ? 22  GLN C CB  1 
ATOM   651  C CG  . GLN C 1 24 ? 16.593  9.421   1.267   1.00 19.54 ? 22  GLN C CG  1 
ATOM   652  C CD  . GLN C 1 24 ? 17.656  9.684   0.232   1.00 18.31 ? 22  GLN C CD  1 
ATOM   653  O OE1 . GLN C 1 24 ? 18.130  8.795   -0.460  1.00 17.91 ? 22  GLN C OE1 1 
ATOM   654  N NE2 . GLN C 1 24 ? 18.036  10.940  0.104   1.00 21.13 ? 22  GLN C NE2 1 
ATOM   655  N N   . THR C 1 25 ? 12.797  6.827   -0.271  1.00 18.17 ? 23  THR C N   1 
ATOM   656  C CA  . THR C 1 25 ? 11.965  5.592   -0.299  1.00 18.68 ? 23  THR C CA  1 
ATOM   657  C C   . THR C 1 25 ? 10.874  5.813   -1.352  1.00 16.62 ? 23  THR C C   1 
ATOM   658  O O   . THR C 1 25 ? 10.333  6.947   -1.423  1.00 16.38 ? 23  THR C O   1 
ATOM   659  C CB  . THR C 1 25 ? 11.469  5.234   1.110   1.00 19.54 ? 23  THR C CB  1 
ATOM   660  O OG1 . THR C 1 25 ? 12.594  5.252   1.994   1.00 20.86 ? 23  THR C OG1 1 
ATOM   661  C CG2 . THR C 1 25 ? 10.836  3.866   1.196   1.00 19.86 ? 23  THR C CG2 1 
ATOM   662  N N   . GLU C 1 26 ? 10.649  4.842   -2.242  1.00 14.50 ? 24  GLU C N   1 
ATOM   663  C CA  . GLU C 1 26 ? 9.480   4.923   -3.168  1.00 14.15 ? 24  GLU C CA  1 
ATOM   664  C C   . GLU C 1 26 ? 8.580   3.699   -2.942  1.00 12.47 ? 24  GLU C C   1 
ATOM   665  O O   . GLU C 1 26 ? 9.081   2.599   -2.720  1.00 13.57 ? 24  GLU C O   1 
ATOM   666  C CB  . GLU C 1 26 ? 9.888   5.136   -4.633  1.00 15.18 ? 24  GLU C CB  1 
ATOM   667  C CG  . GLU C 1 26 ? 10.605  3.981   -5.269  1.00 16.53 ? 24  GLU C CG  1 
ATOM   668  C CD  . GLU C 1 26 ? 11.088  4.232   -6.705  1.00 17.99 ? 24  GLU C CD  1 
ATOM   669  O OE1 . GLU C 1 26 ? 10.880  5.360   -7.273  1.00 18.80 ? 24  GLU C OE1 1 
ATOM   670  O OE2 . GLU C 1 26 ? 11.668  3.296   -7.271  1.00 17.74 ? 24  GLU C OE2 1 
ATOM   671  N N   . ALA C 1 27 ? 7.285   3.915   -2.989  1.00 11.67 ? 25  ALA C N   1 
ATOM   672  C CA  . ALA C 1 27 ? 6.227   2.889   -2.884  1.00 11.91 ? 25  ALA C CA  1 
ATOM   673  C C   . ALA C 1 27 ? 5.791   2.583   -4.319  1.00 11.33 ? 25  ALA C C   1 
ATOM   674  O O   . ALA C 1 27 ? 5.216   3.496   -4.936  1.00 10.82 ? 25  ALA C O   1 
ATOM   675  C CB  . ALA C 1 27 ? 5.106   3.435   -2.032  1.00 12.11 ? 25  ALA C CB  1 
ATOM   676  N N   . CYS C 1 28 ? 6.122   1.398   -4.837  1.00 11.54 ? 26  CYS C N   1 
ATOM   677  C CA  . CYS C 1 28 ? 5.838   0.962   -6.222  1.00 11.99 ? 26  CYS C CA  1 
ATOM   678  C C   . CYS C 1 28 ? 4.920   -0.272  -6.245  1.00 12.45 ? 26  CYS C C   1 
ATOM   679  O O   . CYS C 1 28 ? 5.057   -1.141  -5.354  1.00 12.20 ? 26  CYS C O   1 
ATOM   680  C CB  . CYS C 1 28 ? 7.105   0.627   -7.003  1.00 12.78 ? 26  CYS C CB  1 
ATOM   681  S SG  . CYS C 1 28 ? 8.295   1.986   -7.109  1.00 12.49 ? 26  CYS C SG  1 
ATOM   682  N N   . THR C 1 29 ? 4.089   -0.380  -7.286  1.00 12.24 ? 27  THR C N   1 
ATOM   683  C CA  . THR C 1 29 ? 3.432   -1.651  -7.701  1.00 14.41 ? 27  THR C CA  1 
ATOM   684  C C   . THR C 1 29 ? 4.513   -2.665  -8.110  1.00 14.87 ? 27  THR C C   1 
ATOM   685  O O   . THR C 1 29 ? 5.687   -2.262  -8.188  1.00 13.78 ? 27  THR C O   1 
ATOM   686  C CB  . THR C 1 29 ? 2.332   -1.403  -8.739  1.00 13.85 ? 27  THR C CB  1 
ATOM   687  O OG1 . THR C 1 29 ? 2.912   -0.748  -9.864  1.00 13.41 ? 27  THR C OG1 1 
ATOM   688  C CG2 . THR C 1 29 ? 1.237   -0.543  -8.163  1.00 15.04 ? 27  THR C CG2 1 
ATOM   689  N N   . LEU C 1 30 ? 4.118   -3.942  -8.256  1.00 16.74 ? 28  LEU C N   1 
ATOM   690  C CA  . LEU C 1 30 ? 5.037   -5.112  -8.299  1.00 20.24 ? 28  LEU C CA  1 
ATOM   691  C C   . LEU C 1 30 ? 4.962   -5.820  -9.663  1.00 20.82 ? 28  LEU C C   1 
ATOM   692  O O   . LEU C 1 30 ? 5.495   -6.936  -9.753  1.00 19.98 ? 28  LEU C O   1 
ATOM   693  C CB  . LEU C 1 30 ? 4.615   -6.088  -7.193  1.00 22.09 ? 28  LEU C CB  1 
ATOM   694  C CG  . LEU C 1 30 ? 4.528   -5.490  -5.795  1.00 23.77 ? 28  LEU C CG  1 
ATOM   695  C CD1 . LEU C 1 30 ? 4.008   -6.503  -4.805  1.00 26.68 ? 28  LEU C CD1 1 
ATOM   696  C CD2 . LEU C 1 30 ? 5.879   -4.973  -5.377  1.00 25.14 ? 28  LEU C CD2 1 
ATOM   697  N N   . ARG C 1 31 ? 4.335   -5.198  -10.665 1.00 20.28 ? 29  ARG C N   1 
ATOM   698  C CA  A ARG C 1 31 ? 4.161   -5.800  -12.014 0.50 20.68 ? 29  ARG C CA  1 
ATOM   699  C CA  B ARG C 1 31 ? 4.157   -5.784  -12.023 0.50 20.56 ? 29  ARG C CA  1 
ATOM   700  C C   . ARG C 1 31 ? 5.527   -6.139  -12.620 1.00 19.95 ? 29  ARG C C   1 
ATOM   701  O O   . ARG C 1 31 ? 6.511   -5.382  -12.374 1.00 18.33 ? 29  ARG C O   1 
ATOM   702  C CB  A ARG C 1 31 ? 3.397   -4.851  -12.936 0.50 21.53 ? 29  ARG C CB  1 
ATOM   703  C CB  B ARG C 1 31 ? 3.395   -4.815  -12.934 0.50 21.23 ? 29  ARG C CB  1 
ATOM   704  C CG  A ARG C 1 31 ? 1.973   -4.577  -12.478 0.50 22.71 ? 29  ARG C CG  1 
ATOM   705  C CG  B ARG C 1 31 ? 2.113   -4.258  -12.326 0.50 22.21 ? 29  ARG C CG  1 
ATOM   706  C CD  A ARG C 1 31 ? 1.579   -3.144  -12.765 0.50 23.29 ? 29  ARG C CD  1 
ATOM   707  C CD  B ARG C 1 31 ? 0.971   -4.116  -13.320 0.50 22.57 ? 29  ARG C CD  1 
ATOM   708  N NE  A ARG C 1 31 ? 0.398   -2.802  -11.996 0.50 24.41 ? 29  ARG C NE  1 
ATOM   709  N NE  B ARG C 1 31 ? 1.323   -3.541  -14.611 0.50 23.14 ? 29  ARG C NE  1 
ATOM   710  C CZ  A ARG C 1 31 ? -0.804  -2.657  -12.514 0.50 24.05 ? 29  ARG C CZ  1 
ATOM   711  C CZ  B ARG C 1 31 ? 1.223   -2.249  -14.922 0.50 23.95 ? 29  ARG C CZ  1 
ATOM   712  N NH1 A ARG C 1 31 ? -0.973  -2.793  -13.816 0.50 25.76 ? 29  ARG C NH1 1 
ATOM   713  N NH1 B ARG C 1 31 ? 0.817   -1.377  -14.018 0.50 25.46 ? 29  ARG C NH1 1 
ATOM   714  N NH2 A ARG C 1 31 ? -1.823  -2.351  -11.733 0.50 24.79 ? 29  ARG C NH2 1 
ATOM   715  N NH2 B ARG C 1 31 ? 1.555   -1.826  -16.127 0.50 23.01 ? 29  ARG C NH2 1 
ATOM   716  N N   . LEU C 1 32 ? 5.575   -7.225  -13.393 1.00 20.21 ? 30  LEU C N   1 
ATOM   717  C CA  . LEU C 1 32 ? 6.824   -7.759  -13.991 1.00 22.16 ? 30  LEU C CA  1 
ATOM   718  C C   . LEU C 1 32 ? 7.290   -6.888  -15.171 1.00 22.76 ? 30  LEU C C   1 
ATOM   719  O O   . LEU C 1 32 ? 8.526   -6.822  -15.416 1.00 25.47 ? 30  LEU C O   1 
ATOM   720  C CB  . LEU C 1 32 ? 6.606   -9.210  -14.430 1.00 26.03 ? 30  LEU C CB  1 
ATOM   721  C CG  . LEU C 1 32 ? 7.465   -10.223 -13.677 1.00 32.67 ? 30  LEU C CG  1 
ATOM   722  C CD1 . LEU C 1 32 ? 7.173   -11.643 -14.132 1.00 37.39 ? 30  LEU C CD1 1 
ATOM   723  C CD2 . LEU C 1 32 ? 8.936   -9.922  -13.868 1.00 35.65 ? 30  LEU C CD2 1 
ATOM   724  N N   . CYS C 1 33 ? 6.381   -6.249  -15.888 1.00 20.80 ? 31  CYS C N   1 
ATOM   725  C CA  . CYS C 1 33 ? 6.732   -5.440  -17.098 1.00 20.61 ? 31  CYS C CA  1 
ATOM   726  C C   . CYS C 1 33 ? 7.362   -6.357  -18.152 1.00 20.40 ? 31  CYS C C   1 
ATOM   727  O O   . CYS C 1 33 ? 8.280   -6.001  -18.860 1.00 19.55 ? 31  CYS C O   1 
ATOM   728  C CB  . CYS C 1 33 ? 7.713   -4.314  -16.789 1.00 20.38 ? 31  CYS C CB  1 
ATOM   729  S SG  . CYS C 1 33 ? 7.218   -3.205  -15.434 1.00 18.22 ? 31  CYS C SG  1 
ATOM   730  O OXT . CYS C 1 33 ? 6.958   -7.499  -18.328 1.00 21.64 ? 31  CYS C OXT 1 
ATOM   731  N N   . GLY D 1 1  ? -2.345  -9.007  -10.645 1.00 51.01 ? -1  GLY D N   1 
ATOM   732  C CA  . GLY D 1 1  ? -1.953  -10.263 -9.962  1.00 46.04 ? -1  GLY D CA  1 
ATOM   733  C C   . GLY D 1 1  ? -0.456  -10.315 -9.713  1.00 39.58 ? -1  GLY D C   1 
ATOM   734  O O   . GLY D 1 1  ? 0.162   -11.300 -10.109 1.00 39.00 ? -1  GLY D O   1 
ATOM   735  N N   . SER D 1 2  ? 0.110   -9.267  -9.109  1.00 33.18 ? 0   SER D N   1 
ATOM   736  C CA  . SER D 1 2  ? 1.443   -9.295  -8.456  1.00 28.11 ? 0   SER D CA  1 
ATOM   737  C C   . SER D 1 2  ? 1.266   -8.840  -7.000  1.00 21.85 ? 0   SER D C   1 
ATOM   738  O O   . SER D 1 2  ? 1.057   -7.648  -6.775  1.00 19.16 ? 0   SER D O   1 
ATOM   739  C CB  . SER D 1 2  ? 2.427   -8.469  -9.208  1.00 31.39 ? 0   SER D CB  1 
ATOM   740  O OG  . SER D 1 2  ? 2.150   -8.526  -10.608 1.00 39.32 ? 0   SER D OG  1 
ATOM   741  N N   . SER D 1 3  ? 1.330   -9.784  -6.057  1.00 16.28 ? 1   SER D N   1 
ATOM   742  C CA  . SER D 1 3  ? 0.962   -9.578  -4.632  1.00 14.57 ? 1   SER D CA  1 
ATOM   743  C C   . SER D 1 3  ? 2.148   -9.954  -3.739  1.00 12.74 ? 1   SER D C   1 
ATOM   744  O O   . SER D 1 3  ? 3.045   -10.721 -4.171  1.00 10.41 ? 1   SER D O   1 
ATOM   745  C CB  . SER D 1 3  ? -0.291  -10.336 -4.286  1.00 14.14 ? 1   SER D CB  1 
ATOM   746  O OG  . SER D 1 3  ? -1.412  -9.792  -4.998  1.00 16.78 ? 1   SER D OG  1 
ATOM   747  N N   . CYS D 1 4  ? 2.144   -9.434  -2.518  1.00 11.09 ? 2   CYS D N   1 
ATOM   748  C CA  . CYS D 1 4  ? 3.221   -9.692  -1.551  1.00 10.81 ? 2   CYS D CA  1 
ATOM   749  C C   . CYS D 1 4  ? 2.582   -9.808  -0.169  1.00 10.45 ? 2   CYS D C   1 
ATOM   750  O O   . CYS D 1 4  ? 1.427   -9.358  0.003   1.00 9.04  ? 2   CYS D O   1 
ATOM   751  C CB  . CYS D 1 4  ? 4.329   -8.648  -1.635  1.00 11.18 ? 2   CYS D CB  1 
ATOM   752  S SG  . CYS D 1 4  ? 3.785   -6.932  -1.411  1.00 11.35 ? 2   CYS D SG  1 
ATOM   753  N N   . GLN D 1 5  ? 3.263   -10.475 0.749   1.00 10.62 ? 3   GLN D N   1 
ATOM   754  C CA  . GLN D 1 5  ? 2.785   -10.600 2.146   1.00 11.40 ? 3   GLN D CA  1 
ATOM   755  C C   . GLN D 1 5  ? 3.160   -9.334  2.912   1.00 10.56 ? 3   GLN D C   1 
ATOM   756  O O   . GLN D 1 5  ? 4.345   -9.065  3.139   1.00 9.79  ? 3   GLN D O   1 
ATOM   757  C CB  . GLN D 1 5  ? 3.382   -11.821 2.815   1.00 12.56 ? 3   GLN D CB  1 
ATOM   758  C CG  . GLN D 1 5  ? 2.878   -11.996 4.234   1.00 14.05 ? 3   GLN D CG  1 
ATOM   759  C CD  . GLN D 1 5  ? 3.359   -13.289 4.840   1.00 16.18 ? 3   GLN D CD  1 
ATOM   760  O OE1 . GLN D 1 5  ? 3.306   -14.350 4.218   1.00 15.51 ? 3   GLN D OE1 1 
ATOM   761  N NE2 . GLN D 1 5  ? 3.844   -13.200 6.073   1.00 19.90 ? 3   GLN D NE2 1 
ATOM   762  N N   . PRO D 1 6  ? 2.161   -8.567  3.390   1.00 10.66 ? 4   PRO D N   1 
ATOM   763  C CA  . PRO D 1 6  ? 2.421   -7.333  4.135   1.00 10.96 ? 4   PRO D CA  1 
ATOM   764  C C   . PRO D 1 6  ? 3.500   -7.497  5.216   1.00 10.76 ? 4   PRO D C   1 
ATOM   765  O O   . PRO D 1 6  ? 3.444   -8.439  5.970   1.00 11.59 ? 4   PRO D O   1 
ATOM   766  C CB  . PRO D 1 6  ? 1.076   -7.010  4.786   1.00 10.80 ? 4   PRO D CB  1 
ATOM   767  C CG  . PRO D 1 6  ? 0.063   -7.602  3.810   1.00 11.03 ? 4   PRO D CG  1 
ATOM   768  C CD  . PRO D 1 6  ? 0.724   -8.835  3.239   1.00 10.98 ? 4   PRO D CD  1 
ATOM   769  N N   . GLY D 1 7  ? 4.445   -6.568  5.279   1.00 10.15 ? 5   GLY D N   1 
ATOM   770  C CA  . GLY D 1 7  ? 5.482   -6.553  6.329   1.00 10.09 ? 5   GLY D CA  1 
ATOM   771  C C   . GLY D 1 7  ? 6.762   -7.203  5.856   1.00 9.83  ? 5   GLY D C   1 
ATOM   772  O O   . GLY D 1 7  ? 7.828   -6.797  6.322   1.00 9.87  ? 5   GLY D O   1 
ATOM   773  N N   . THR D 1 8  ? 6.683   -8.150  4.927   1.00 10.13 ? 6   THR D N   1 
ATOM   774  C CA  . THR D 1 8  ? 7.857   -8.941  4.483   1.00 11.25 ? 6   THR D CA  1 
ATOM   775  C C   . THR D 1 8  ? 8.838   -8.030  3.732   1.00 12.46 ? 6   THR D C   1 
ATOM   776  O O   . THR D 1 8  ? 8.426   -7.215  2.860   1.00 10.51 ? 6   THR D O   1 
ATOM   777  C CB  . THR D 1 8  ? 7.476   -10.217 3.714   1.00 10.78 ? 6   THR D CB  1 
ATOM   778  O OG1 . THR D 1 8  ? 6.781   -9.882  2.516   1.00 13.02 ? 6   THR D OG1 1 
ATOM   779  C CG2 . THR D 1 8  ? 6.620   -11.140 4.550   1.00 10.87 ? 6   THR D CG2 1 
ATOM   780  N N   . THR D 1 9  ? 10.101  -8.174  4.108   1.00 14.35 ? 7   THR D N   1 
ATOM   781  C CA  . THR D 1 9  ? 11.214  -7.248  3.785   1.00 17.59 ? 7   THR D CA  1 
ATOM   782  C C   . THR D 1 9  ? 12.357  -8.078  3.217   1.00 20.90 ? 7   THR D C   1 
ATOM   783  O O   . THR D 1 9  ? 12.709  -9.126  3.830   1.00 22.99 ? 7   THR D O   1 
ATOM   784  C CB  . THR D 1 9  ? 11.672  -6.498  5.037   1.00 18.57 ? 7   THR D CB  1 
ATOM   785  O OG1 . THR D 1 9  ? 10.578  -5.765  5.604   1.00 17.92 ? 7   THR D OG1 1 
ATOM   786  C CG2 . THR D 1 9  ? 12.841  -5.568  4.787   1.00 20.54 ? 7   THR D CG2 1 
ATOM   787  N N   . TYR D 1 10 ? 12.908  -7.675  2.078   1.00 21.07 ? 8   TYR D N   1 
ATOM   788  C CA  . TYR D 1 10 ? 13.958  -8.489  1.412   1.00 20.53 ? 8   TYR D CA  1 
ATOM   789  C C   . TYR D 1 10 ? 14.855  -7.588  0.566   1.00 19.46 ? 8   TYR D C   1 
ATOM   790  O O   . TYR D 1 10 ? 14.548  -6.380  0.378   1.00 17.14 ? 8   TYR D O   1 
ATOM   791  C CB  . TYR D 1 10 ? 13.301  -9.578  0.571   1.00 19.56 ? 8   TYR D CB  1 
ATOM   792  C CG  . TYR D 1 10 ? 12.608  -9.003  -0.628  1.00 18.72 ? 8   TYR D CG  1 
ATOM   793  C CD1 . TYR D 1 10 ? 11.372  -8.380  -0.521  1.00 19.56 ? 8   TYR D CD1 1 
ATOM   794  C CD2 . TYR D 1 10 ? 13.229  -8.996  -1.859  1.00 17.16 ? 8   TYR D CD2 1 
ATOM   795  C CE1 . TYR D 1 10 ? 10.753  -7.815  -1.630  1.00 19.45 ? 8   TYR D CE1 1 
ATOM   796  C CE2 . TYR D 1 10 ? 12.639  -8.401  -2.958  1.00 17.34 ? 8   TYR D CE2 1 
ATOM   797  C CZ  . TYR D 1 10 ? 11.389  -7.824  -2.858  1.00 18.66 ? 8   TYR D CZ  1 
ATOM   798  O OH  . TYR D 1 10 ? 10.814  -7.260  -3.977  1.00 20.63 ? 8   TYR D OH  1 
ATOM   799  N N   . GLN D 1 11 ? 15.902  -8.205  0.019   1.00 19.72 ? 9   GLN D N   1 
ATOM   800  C CA  . GLN D 1 11 ? 17.018  -7.526  -0.682  1.00 19.72 ? 9   GLN D CA  1 
ATOM   801  C C   . GLN D 1 11 ? 16.881  -7.759  -2.184  1.00 19.06 ? 9   GLN D C   1 
ATOM   802  O O   . GLN D 1 11 ? 16.714  -8.914  -2.574  1.00 20.11 ? 9   GLN D O   1 
ATOM   803  C CB  . GLN D 1 11 ? 18.346  -8.086  -0.151  1.00 19.25 ? 9   GLN D CB  1 
ATOM   804  C CG  . GLN D 1 11 ? 18.540  -7.781  1.326   1.00 20.69 ? 9   GLN D CG  1 
ATOM   805  C CD  . GLN D 1 11 ? 18.768  -6.303  1.562   1.00 19.40 ? 9   GLN D CD  1 
ATOM   806  O OE1 . GLN D 1 11 ? 18.011  -5.651  2.281   1.00 20.19 ? 9   GLN D OE1 1 
ATOM   807  N NE2 . GLN D 1 11 ? 19.812  -5.762  0.960   1.00 17.60 ? 9   GLN D NE2 1 
ATOM   808  N N   . ARG D 1 12 ? 16.916  -6.684  -2.961  1.00 19.46 ? 10  ARG D N   1 
ATOM   809  C CA  . ARG D 1 12 ? 17.172  -6.684  -4.421  1.00 21.90 ? 10  ARG D CA  1 
ATOM   810  C C   . ARG D 1 12 ? 18.547  -6.033  -4.600  1.00 21.51 ? 10  ARG D C   1 
ATOM   811  O O   . ARG D 1 12 ? 18.648  -4.784  -4.473  1.00 20.54 ? 10  ARG D O   1 
ATOM   812  C CB  . ARG D 1 12 ? 16.042  -5.952  -5.152  1.00 23.84 ? 10  ARG D CB  1 
ATOM   813  C CG  . ARG D 1 12 ? 16.216  -5.905  -6.661  1.00 29.45 ? 10  ARG D CG  1 
ATOM   814  C CD  . ARG D 1 12 ? 14.948  -5.515  -7.413  1.00 32.72 ? 10  ARG D CD  1 
ATOM   815  N NE  . ARG D 1 12 ? 13.978  -6.609  -7.494  1.00 36.55 ? 10  ARG D NE  1 
ATOM   816  C CZ  . ARG D 1 12 ? 12.823  -6.688  -6.826  1.00 37.95 ? 10  ARG D CZ  1 
ATOM   817  N NH1 . ARG D 1 12 ? 12.448  -5.725  -5.996  1.00 40.24 ? 10  ARG D NH1 1 
ATOM   818  N NH2 . ARG D 1 12 ? 12.048  -7.748  -6.992  1.00 37.95 ? 10  ARG D NH2 1 
ATOM   819  N N   . GLY D 1 13 ? 19.589  -6.855  -4.774  1.00 20.93 ? 11  GLY D N   1 
ATOM   820  C CA  . GLY D 1 13 ? 20.992  -6.429  -4.581  1.00 19.30 ? 11  GLY D CA  1 
ATOM   821  C C   . GLY D 1 13 ? 21.132  -5.707  -3.251  1.00 18.47 ? 11  GLY D C   1 
ATOM   822  O O   . GLY D 1 13 ? 20.729  -6.299  -2.233  1.00 19.81 ? 11  GLY D O   1 
ATOM   823  N N   . CYS D 1 14 ? 21.607  -4.452  -3.265  1.00 16.86 ? 12  CYS D N   1 
ATOM   824  C CA  . CYS D 1 14 ? 21.916  -3.633  -2.060  1.00 17.79 ? 12  CYS D CA  1 
ATOM   825  C C   . CYS D 1 14 ? 20.643  -2.952  -1.530  1.00 15.50 ? 12  CYS D C   1 
ATOM   826  O O   . CYS D 1 14 ? 20.663  -2.388  -0.426  1.00 16.28 ? 12  CYS D O   1 
ATOM   827  C CB  . CYS D 1 14 ? 22.984  -2.574  -2.335  1.00 18.19 ? 12  CYS D CB  1 
ATOM   828  S SG  . CYS D 1 14 ? 22.456  -1.155  -3.346  1.00 18.60 ? 12  CYS D SG  1 
ATOM   829  N N   . ASN D 1 15 ? 19.561  -2.986  -2.290  1.00 14.83 ? 13  ASN D N   1 
ATOM   830  C CA  . ASN D 1 15 ? 18.320  -2.261  -1.937  1.00 13.21 ? 13  ASN D CA  1 
ATOM   831  C C   . ASN D 1 15 ? 17.415  -3.145  -1.083  1.00 13.52 ? 13  ASN D C   1 
ATOM   832  O O   . ASN D 1 15 ? 17.447  -4.376  -1.252  1.00 12.94 ? 13  ASN D O   1 
ATOM   833  C CB  . ASN D 1 15 ? 17.651  -1.726  -3.191  1.00 13.89 ? 13  ASN D CB  1 
ATOM   834  C CG  . ASN D 1 15 ? 18.274  -0.399  -3.525  1.00 14.31 ? 13  ASN D CG  1 
ATOM   835  O OD1 . ASN D 1 15 ? 18.269  0.476   -2.673  1.00 13.37 ? 13  ASN D OD1 1 
ATOM   836  N ND2 . ASN D 1 15 ? 18.872  -0.280  -4.706  1.00 13.81 ? 13  ASN D ND2 1 
ATOM   837  N N   . THR D 1 16 ? 16.639  -2.521  -0.204  1.00 12.56 ? 14  THR D N   1 
ATOM   838  C CA  . THR D 1 16 ? 15.702  -3.239  0.692   1.00 13.43 ? 14  THR D CA  1 
ATOM   839  C C   . THR D 1 16 ? 14.264  -2.853  0.314   1.00 12.60 ? 14  THR D C   1 
ATOM   840  O O   . THR D 1 16 ? 13.998  -1.652  0.157   1.00 11.03 ? 14  THR D O   1 
ATOM   841  C CB  . THR D 1 16 ? 16.060  -2.996  2.163   1.00 12.92 ? 14  THR D CB  1 
ATOM   842  O OG1 . THR D 1 16 ? 17.443  -3.274  2.430   1.00 12.88 ? 14  THR D OG1 1 
ATOM   843  C CG2 . THR D 1 16 ? 15.230  -3.864  3.077   1.00 13.78 ? 14  THR D CG2 1 
ATOM   844  N N   . CYS D 1 17 ? 13.391  -3.852  0.154   1.00 12.31 ? 15  CYS D N   1 
ATOM   845  C CA  . CYS D 1 17 ? 11.990  -3.695  -0.295  1.00 12.54 ? 15  CYS D CA  1 
ATOM   846  C C   . CYS D 1 17 ? 11.082  -4.304  0.767   1.00 11.86 ? 15  CYS D C   1 
ATOM   847  O O   . CYS D 1 17 ? 11.427  -5.381  1.289   1.00 11.78 ? 15  CYS D O   1 
ATOM   848  C CB  . CYS D 1 17 ? 11.770  -4.327  -1.662  1.00 13.65 ? 15  CYS D CB  1 
ATOM   849  S SG  . CYS D 1 17 ? 12.637  -3.464  -2.998  1.00 14.50 ? 15  CYS D SG  1 
ATOM   850  N N   . ARG D 1 18 ? 10.050  -3.572  1.162   1.00 11.42 ? 16  ARG D N   1 
ATOM   851  C CA  . ARG D 1 18 ? 9.115   -3.984  2.234   1.00 11.20 ? 16  ARG D CA  1 
ATOM   852  C C   . ARG D 1 18 ? 7.685   -3.924  1.698   1.00 10.25 ? 16  ARG D C   1 
ATOM   853  O O   . ARG D 1 18 ? 7.239   -2.855  1.235   1.00 9.07  ? 16  ARG D O   1 
ATOM   854  C CB  . ARG D 1 18 ? 9.239   -3.105  3.474   1.00 12.38 ? 16  ARG D CB  1 
ATOM   855  C CG  . ARG D 1 18 ? 8.300   -3.520  4.606   1.00 13.69 ? 16  ARG D CG  1 
ATOM   856  C CD  . ARG D 1 18 ? 8.681   -2.894  5.936   1.00 15.08 ? 16  ARG D CD  1 
ATOM   857  N NE  . ARG D 1 18 ? 8.933   -1.473  5.763   1.00 16.15 ? 16  ARG D NE  1 
ATOM   858  C CZ  . ARG D 1 18 ? 8.054   -0.507  5.991   1.00 17.98 ? 16  ARG D CZ  1 
ATOM   859  N NH1 . ARG D 1 18 ? 6.836   -0.771  6.433   1.00 16.63 ? 16  ARG D NH1 1 
ATOM   860  N NH2 . ARG D 1 18 ? 8.406   0.744   5.777   1.00 21.34 ? 16  ARG D NH2 1 
ATOM   861  N N   . CYS D 1 19 ? 6.985   -5.039  1.790   1.00 9.52  ? 17  CYS D N   1 
ATOM   862  C CA  . CYS D 1 19 ? 5.598   -5.145  1.293   1.00 9.69  ? 17  CYS D CA  1 
ATOM   863  C C   . CYS D 1 19 ? 4.675   -4.338  2.209   1.00 10.52 ? 17  CYS D C   1 
ATOM   864  O O   . CYS D 1 19 ? 4.785   -4.477  3.454   1.00 11.10 ? 17  CYS D O   1 
ATOM   865  C CB  . CYS D 1 19 ? 5.180   -6.599  1.218   1.00 9.61  ? 17  CYS D CB  1 
ATOM   866  S SG  . CYS D 1 19 ? 3.490   -6.799  0.612   1.00 9.22  ? 17  CYS D SG  1 
ATOM   867  N N   . LEU D 1 20 ? 3.814   -3.504  1.626   1.00 10.88 ? 18  LEU D N   1 
ATOM   868  C CA  . LEU D 1 20 ? 2.891   -2.635  2.389   1.00 12.19 ? 18  LEU D CA  1 
ATOM   869  C C   . LEU D 1 20 ? 1.571   -3.395  2.619   1.00 12.91 ? 18  LEU D C   1 
ATOM   870  O O   . LEU D 1 20 ? 1.407   -4.513  2.090   1.00 12.16 ? 18  LEU D O   1 
ATOM   871  C CB  . LEU D 1 20 ? 2.696   -1.313  1.625   1.00 12.94 ? 18  LEU D CB  1 
ATOM   872  C CG  . LEU D 1 20 ? 3.947   -0.449  1.472   1.00 13.29 ? 18  LEU D CG  1 
ATOM   873  C CD1 . LEU D 1 20 ? 3.612   0.948   0.965   1.00 15.03 ? 18  LEU D CD1 1 
ATOM   874  C CD2 . LEU D 1 20 ? 4.738   -0.356  2.753   1.00 14.23 ? 18  LEU D CD2 1 
ATOM   875  N N   . GLU D 1 21 ? 0.654   -2.821  3.401   1.00 14.54 ? 19  GLU D N   1 
ATOM   876  C CA  . GLU D 1 21 ? -0.532  -3.560  3.927   1.00 15.34 ? 19  GLU D CA  1 
ATOM   877  C C   . GLU D 1 21 ? -1.581  -3.822  2.845   1.00 13.94 ? 19  GLU D C   1 
ATOM   878  O O   . GLU D 1 21 ? -2.413  -4.716  3.077   1.00 15.86 ? 19  GLU D O   1 
ATOM   879  C CB  . GLU D 1 21 ? -1.134  -2.846  5.138   1.00 17.83 ? 19  GLU D CB  1 
ATOM   880  C CG  . GLU D 1 21 ? -0.164  -2.775  6.311   1.00 20.38 ? 19  GLU D CG  1 
ATOM   881  C CD  . GLU D 1 21 ? -0.024  -4.049  7.107   1.00 24.52 ? 19  GLU D CD  1 
ATOM   882  O OE1 . GLU D 1 21 ? -1.019  -4.788  7.177   1.00 26.75 ? 19  GLU D OE1 1 
ATOM   883  O OE2 . GLU D 1 21 ? 1.097   -4.305  7.649   1.00 32.63 ? 19  GLU D OE2 1 
ATOM   884  N N   . ASP D 1 22 ? -1.505  -3.155  1.692   1.00 12.24 ? 20  ASP D N   1 
ATOM   885  C CA  . ASP D 1 22 ? -2.381  -3.418  0.526   1.00 12.66 ? 20  ASP D CA  1 
ATOM   886  C C   . ASP D 1 22 ? -1.993  -4.725  -0.195  1.00 12.32 ? 20  ASP D C   1 
ATOM   887  O O   . ASP D 1 22 ? -2.735  -5.124  -1.099  1.00 11.86 ? 20  ASP D O   1 
ATOM   888  C CB  . ASP D 1 22 ? -2.336  -2.243  -0.464  1.00 12.88 ? 20  ASP D CB  1 
ATOM   889  C CG  . ASP D 1 22 ? -1.013  -2.067  -1.200  1.00 14.57 ? 20  ASP D CG  1 
ATOM   890  O OD1 . ASP D 1 22 ? 0.050   -2.322  -0.611  1.00 17.85 ? 20  ASP D OD1 1 
ATOM   891  O OD2 . ASP D 1 22 ? -1.046  -1.714  -2.382  1.00 15.75 ? 20  ASP D OD2 1 
ATOM   892  N N   . GLY D 1 23 ? -0.827  -5.302  0.104   1.00 12.02 ? 21  GLY D N   1 
ATOM   893  C CA  . GLY D 1 23 ? -0.329  -6.554  -0.491  1.00 11.55 ? 21  GLY D CA  1 
ATOM   894  C C   . GLY D 1 23 ? 0.036   -6.401  -1.962  1.00 11.43 ? 21  GLY D C   1 
ATOM   895  O O   . GLY D 1 23 ? 0.189   -7.431  -2.646  1.00 11.31 ? 21  GLY D O   1 
ATOM   896  N N   . GLN D 1 24 ? 0.103   -5.192  -2.497  1.00 12.30 ? 22  GLN D N   1 
ATOM   897  C CA  . GLN D 1 24 ? 0.370   -4.976  -3.948  1.00 12.89 ? 22  GLN D CA  1 
ATOM   898  C C   . GLN D 1 24 ? 1.378   -3.854  -4.184  1.00 12.60 ? 22  GLN D C   1 
ATOM   899  O O   . GLN D 1 24 ? 1.648   -3.545  -5.341  1.00 13.69 ? 22  GLN D O   1 
ATOM   900  C CB  . GLN D 1 24 ? -0.932  -4.690  -4.665  1.00 14.83 ? 22  GLN D CB  1 
ATOM   901  C CG  . GLN D 1 24 ? -1.861  -5.878  -4.588  1.00 16.24 ? 22  GLN D CG  1 
ATOM   902  C CD  . GLN D 1 24 ? -3.233  -5.431  -5.007  1.00 17.28 ? 22  GLN D CD  1 
ATOM   903  O OE1 . GLN D 1 24 ? -4.111  -5.181  -4.165  1.00 18.94 ? 22  GLN D OE1 1 
ATOM   904  N NE2 . GLN D 1 24 ? -3.392  -5.313  -6.311  1.00 15.16 ? 22  GLN D NE2 1 
ATOM   905  N N   . THR D 1 25 ? 1.912   -3.276  -3.128  1.00 12.65 ? 23  THR D N   1 
ATOM   906  C CA  A THR D 1 25 ? 2.970   -2.246  -3.253  0.50 12.58 ? 23  THR D CA  1 
ATOM   907  C CA  B THR D 1 25 ? 2.917   -2.184  -3.171  0.50 12.19 ? 23  THR D CA  1 
ATOM   908  C C   . THR D 1 25 ? 4.083   -2.565  -2.267  1.00 12.67 ? 23  THR D C   1 
ATOM   909  O O   . THR D 1 25 ? 3.796   -3.144  -1.191  1.00 12.37 ? 23  THR D O   1 
ATOM   910  C CB  A THR D 1 25 ? 2.389   -0.834  -3.116  0.50 12.99 ? 23  THR D CB  1 
ATOM   911  C CB  B THR D 1 25 ? 2.317   -0.862  -2.674  0.50 12.17 ? 23  THR D CB  1 
ATOM   912  O OG1 A THR D 1 25 ? 1.781   -0.720  -1.831  0.50 13.81 ? 23  THR D OG1 1 
ATOM   913  O OG1 B THR D 1 25 ? 1.073   -0.624  -3.342  0.50 11.46 ? 23  THR D OG1 1 
ATOM   914  C CG2 A THR D 1 25 ? 1.380   -0.518  -4.201  0.50 12.70 ? 23  THR D CG2 1 
ATOM   915  C CG2 B THR D 1 25 ? 3.236   0.322   -2.878  0.50 12.31 ? 23  THR D CG2 1 
ATOM   916  N N   . GLU D 1 26 ? 5.295   -2.171  -2.638  1.00 12.97 ? 24  GLU D N   1 
ATOM   917  C CA  . GLU D 1 26 ? 6.451   -2.303  -1.735  1.00 14.18 ? 24  GLU D CA  1 
ATOM   918  C C   . GLU D 1 26 ? 7.168   -0.959  -1.655  1.00 12.60 ? 24  GLU D C   1 
ATOM   919  O O   . GLU D 1 26 ? 7.236   -0.218  -2.677  1.00 11.67 ? 24  GLU D O   1 
ATOM   920  C CB  . GLU D 1 26 ? 7.343   -3.466  -2.145  1.00 16.15 ? 24  GLU D CB  1 
ATOM   921  C CG  . GLU D 1 26 ? 7.999   -3.282  -3.486  1.00 18.61 ? 24  GLU D CG  1 
ATOM   922  C CD  . GLU D 1 26 ? 8.765   -4.517  -3.917  1.00 20.31 ? 24  GLU D CD  1 
ATOM   923  O OE1 . GLU D 1 26 ? 8.794   -5.487  -3.132  1.00 22.75 ? 24  GLU D OE1 1 
ATOM   924  O OE2 . GLU D 1 26 ? 9.291   -4.515  -5.042  1.00 22.48 ? 24  GLU D OE2 1 
ATOM   925  N N   . ALA D 1 27 ? 7.671   -0.668  -0.461  1.00 13.26 ? 25  ALA D N   1 
ATOM   926  C CA  . ALA D 1 27 ? 8.555   0.480   -0.197  1.00 13.30 ? 25  ALA D CA  1 
ATOM   927  C C   . ALA D 1 27 ? 9.992   -0.009  -0.355  1.00 13.69 ? 25  ALA D C   1 
ATOM   928  O O   . ALA D 1 27 ? 10.422  -0.889  0.423   1.00 13.55 ? 25  ALA D O   1 
ATOM   929  C CB  . ALA D 1 27 ? 8.303   1.071   1.167   1.00 14.24 ? 25  ALA D CB  1 
ATOM   930  N N   . CYS D 1 28 ? 10.679  0.490   -1.378  1.00 14.50 ? 26  CYS D N   1 
ATOM   931  C CA  . CYS D 1 28 ? 12.081  0.127   -1.681  1.00 14.31 ? 26  CYS D CA  1 
ATOM   932  C C   . CYS D 1 28 ? 12.962  1.353   -1.456  1.00 14.43 ? 26  CYS D C   1 
ATOM   933  O O   . CYS D 1 28 ? 12.547  2.499   -1.770  1.00 13.11 ? 26  CYS D O   1 
ATOM   934  C CB  . CYS D 1 28 ? 12.230  -0.375  -3.116  1.00 14.88 ? 26  CYS D CB  1 
ATOM   935  S SG  . CYS D 1 28 ? 11.372  -1.937  -3.464  1.00 16.02 ? 26  CYS D SG  1 
ATOM   936  N N   . THR D 1 29 ? 14.175  1.107   -0.990  1.00 14.03 ? 27  THR D N   1 
ATOM   937  C CA  . THR D 1 29 ? 15.263  2.117   -0.941  1.00 13.19 ? 27  THR D CA  1 
ATOM   938  C C   . THR D 1 29 ? 15.760  2.437   -2.367  1.00 12.92 ? 27  THR D C   1 
ATOM   939  O O   . THR D 1 29 ? 15.504  1.675   -3.308  1.00 12.07 ? 27  THR D O   1 
ATOM   940  C CB  . THR D 1 29 ? 16.327  1.610   0.037   1.00 12.60 ? 27  THR D CB  1 
ATOM   941  O OG1 . THR D 1 29 ? 16.826  0.361   -0.433  1.00 10.39 ? 27  THR D OG1 1 
ATOM   942  C CG2 . THR D 1 29 ? 15.774  1.456   1.441   1.00 12.66 ? 27  THR D CG2 1 
ATOM   943  N N   . LEU D 1 30 ? 16.472  3.553   -2.513  1.00 14.84 ? 28  LEU D N   1 
ATOM   944  C CA  . LEU D 1 30 ? 16.987  4.036   -3.813  1.00 15.96 ? 28  LEU D CA  1 
ATOM   945  C C   . LEU D 1 30 ? 18.511  4.181   -3.714  1.00 16.59 ? 28  LEU D C   1 
ATOM   946  O O   . LEU D 1 30 ? 19.076  5.178   -4.256  1.00 19.39 ? 28  LEU D O   1 
ATOM   947  C CB  . LEU D 1 30 ? 16.291  5.357   -4.128  1.00 17.95 ? 28  LEU D CB  1 
ATOM   948  C CG  . LEU D 1 30 ? 14.795  5.231   -4.434  1.00 20.02 ? 28  LEU D CG  1 
ATOM   949  C CD1 . LEU D 1 30 ? 14.162  6.614   -4.617  1.00 21.47 ? 28  LEU D CD1 1 
ATOM   950  C CD2 . LEU D 1 30 ? 14.590  4.378   -5.668  1.00 20.88 ? 28  LEU D CD2 1 
ATOM   951  N N   . ARG D 1 31 ? 19.145  3.189   -3.103  1.00 15.38 ? 29  ARG D N   1 
ATOM   952  C CA  . ARG D 1 31 ? 20.617  3.121   -3.020  1.00 15.37 ? 29  ARG D CA  1 
ATOM   953  C C   . ARG D 1 31 ? 21.163  2.784   -4.394  1.00 15.92 ? 29  ARG D C   1 
ATOM   954  O O   . ARG D 1 31 ? 20.476  2.097   -5.156  1.00 17.16 ? 29  ARG D O   1 
ATOM   955  C CB  . ARG D 1 31 ? 21.070  2.065   -2.025  1.00 14.38 ? 29  ARG D CB  1 
ATOM   956  C CG  . ARG D 1 31 ? 20.593  2.321   -0.608  1.00 13.95 ? 29  ARG D CG  1 
ATOM   957  C CD  . ARG D 1 31 ? 20.486  1.016   0.140   1.00 13.17 ? 29  ARG D CD  1 
ATOM   958  N NE  . ARG D 1 31 ? 19.778  1.173   1.396   1.00 13.16 ? 29  ARG D NE  1 
ATOM   959  C CZ  . ARG D 1 31 ? 19.254  0.185   2.095   1.00 13.51 ? 29  ARG D CZ  1 
ATOM   960  N NH1 . ARG D 1 31 ? 19.381  -1.064  1.705   1.00 15.48 ? 29  ARG D NH1 1 
ATOM   961  N NH2 . ARG D 1 31 ? 18.619  0.447   3.212   1.00 14.89 ? 29  ARG D NH2 1 
ATOM   962  N N   . LEU D 1 32 ? 22.384  3.216   -4.666  1.00 17.36 ? 30  LEU D N   1 
ATOM   963  C CA  . LEU D 1 32 ? 23.153  2.828   -5.871  1.00 19.14 ? 30  LEU D CA  1 
ATOM   964  C C   . LEU D 1 32 ? 24.123  1.737   -5.429  1.00 17.46 ? 30  LEU D C   1 
ATOM   965  O O   . LEU D 1 32 ? 24.853  1.960   -4.435  1.00 15.34 ? 30  LEU D O   1 
ATOM   966  C CB  . LEU D 1 32 ? 23.862  4.073   -6.404  1.00 21.80 ? 30  LEU D CB  1 
ATOM   967  C CG  . LEU D 1 32 ? 23.012  5.346   -6.304  1.00 25.35 ? 30  LEU D CG  1 
ATOM   968  C CD1 . LEU D 1 32 ? 23.847  6.595   -6.494  1.00 27.22 ? 30  LEU D CD1 1 
ATOM   969  C CD2 . LEU D 1 32 ? 21.849  5.303   -7.284  1.00 26.69 ? 30  LEU D CD2 1 
ATOM   970  N N   . CYS D 1 33 ? 24.074  0.580   -6.082  1.00 18.10 ? 31  CYS D N   1 
ATOM   971  C CA  . CYS D 1 33 ? 24.767  -0.649  -5.632  1.00 19.70 ? 31  CYS D CA  1 
ATOM   972  C C   . CYS D 1 33 ? 26.159  -0.716  -6.256  1.00 22.55 ? 31  CYS D C   1 
ATOM   973  O O   . CYS D 1 33 ? 27.069  -1.180  -5.585  1.00 21.92 ? 31  CYS D O   1 
ATOM   974  C CB  . CYS D 1 33 ? 23.942  -1.887  -5.964  1.00 21.58 ? 31  CYS D CB  1 
ATOM   975  S SG  . CYS D 1 33 ? 22.273  -1.872  -5.247  1.00 19.50 ? 31  CYS D SG  1 
ATOM   976  O OXT . CYS D 1 33 ? 26.375  -0.331  -7.391  1.00 26.03 ? 31  CYS D OXT 1 
HETATM 977  C C1  . GOL E 2 .  ? -1.394  10.297  -5.983  1.00 38.51 ? 101 GOL A C1  1 
HETATM 978  O O1  . GOL E 2 .  ? -0.707  9.069   -5.731  1.00 39.94 ? 101 GOL A O1  1 
HETATM 979  C C2  . GOL E 2 .  ? -2.863  10.214  -5.615  1.00 36.21 ? 101 GOL A C2  1 
HETATM 980  O O2  . GOL E 2 .  ? -3.200  10.961  -4.443  1.00 33.99 ? 101 GOL A O2  1 
HETATM 981  C C3  . GOL E 2 .  ? -3.761  10.671  -6.730  1.00 35.38 ? 101 GOL A C3  1 
HETATM 982  O O3  . GOL E 2 .  ? -4.840  9.764   -6.924  1.00 35.44 ? 101 GOL A O3  1 
HETATM 983  C C1  . GOL F 2 .  ? -1.187  -11.501 -0.273  1.00 29.43 ? 102 GOL A C1  1 
HETATM 984  O O1  . GOL F 2 .  ? -1.068  -10.096 -0.153  1.00 26.64 ? 102 GOL A O1  1 
HETATM 985  C C2  . GOL F 2 .  ? -1.664  -12.046 1.051   1.00 33.17 ? 102 GOL A C2  1 
HETATM 986  O O2  . GOL F 2 .  ? -3.083  -12.170 1.013   1.00 29.92 ? 102 GOL A O2  1 
HETATM 987  C C3  . GOL F 2 .  ? -1.019  -13.333 1.494   1.00 33.84 ? 102 GOL A C3  1 
HETATM 988  O O3  . GOL F 2 .  ? -0.804  -13.319 2.903   1.00 39.49 ? 102 GOL A O3  1 
HETATM 989  P P   . PO4 G 3 .  ? -3.842  0.325   -13.879 1.00 48.97 ? 101 PO4 C P   1 
HETATM 990  O O1  . PO4 G 3 .  ? -2.837  -0.425  -13.005 1.00 51.54 ? 101 PO4 C O1  1 
HETATM 991  O O2  . PO4 G 3 .  ? -3.394  0.265   -15.358 1.00 49.15 ? 101 PO4 C O2  1 
HETATM 992  O O3  . PO4 G 3 .  ? -3.893  1.799   -13.450 1.00 47.92 ? 101 PO4 C O3  1 
HETATM 993  O O4  . PO4 G 3 .  ? -5.234  -0.327  -13.707 1.00 49.99 ? 101 PO4 C O4  1 
HETATM 994  O O   . HOH H 4 .  ? -10.120 -16.877 1.796   1.00 23.26 ? 201 HOH A O   1 
HETATM 995  O O   . HOH H 4 .  ? 0.413   -14.694 4.341   1.00 32.82 ? 202 HOH A O   1 
HETATM 996  O O   . HOH H 4 .  ? -4.783  10.206  -9.383  1.00 44.07 ? 203 HOH A O   1 
HETATM 997  O O   . HOH H 4 .  ? -8.686  4.395   -0.046  1.00 23.04 ? 204 HOH A O   1 
HETATM 998  O O   . HOH H 4 .  ? -19.157 -6.389  7.000   1.00 20.51 ? 205 HOH A O   1 
HETATM 999  O O   . HOH H 4 .  ? -19.213 -7.899  -0.298  1.00 20.77 ? 206 HOH A O   1 
HETATM 1000 O O   . HOH H 4 .  ? -10.481 3.922   -4.376  1.00 19.25 ? 207 HOH A O   1 
HETATM 1001 O O   . HOH H 4 .  ? -12.404 0.002   2.104   1.00 16.38 ? 208 HOH A O   1 
HETATM 1002 O O   . HOH H 4 .  ? -12.348 -11.032 -2.256  1.00 10.54 ? 209 HOH A O   1 
HETATM 1003 O O   . HOH H 4 .  ? -1.984  1.709   -4.848  1.00 31.51 ? 210 HOH A O   1 
HETATM 1004 O O   . HOH H 4 .  ? -20.682 -11.969 5.011   1.00 27.08 ? 211 HOH A O   1 
HETATM 1005 O O   . HOH H 4 .  ? -14.562 -4.377  -1.236  1.00 17.13 ? 212 HOH A O   1 
HETATM 1006 O O   . HOH H 4 .  ? -5.796  -4.443  -10.510 1.00 43.20 ? 213 HOH A O   1 
HETATM 1007 O O   . HOH H 4 .  ? -0.138  10.807  -3.634  1.00 38.54 ? 214 HOH A O   1 
HETATM 1008 O O   . HOH H 4 .  ? -5.592  12.363  -7.769  1.00 26.59 ? 215 HOH A O   1 
HETATM 1009 O O   . HOH H 4 .  ? -6.724  -15.810 -0.350  1.00 12.15 ? 216 HOH A O   1 
HETATM 1010 O O   . HOH H 4 .  ? -4.828  -10.313 7.143   1.00 26.06 ? 217 HOH A O   1 
HETATM 1011 O O   . HOH H 4 .  ? -6.591  -11.875 -5.225  1.00 19.14 ? 218 HOH A O   1 
HETATM 1012 O O   . HOH H 4 .  ? -13.608 -1.376  -2.200  1.00 30.65 ? 219 HOH A O   1 
HETATM 1013 O O   . HOH H 4 .  ? -4.005  -15.267 -0.044  1.00 32.55 ? 220 HOH A O   1 
HETATM 1014 O O   . HOH H 4 .  ? -3.471  -15.185 2.365   1.00 31.59 ? 221 HOH A O   1 
HETATM 1015 O O   . HOH H 4 .  ? -16.802 0.182   0.889   1.00 33.15 ? 222 HOH A O   1 
HETATM 1016 O O   . HOH I 4 .  ? -6.481  6.728   7.098   1.00 16.87 ? 101 HOH B O   1 
HETATM 1017 O O   . HOH I 4 .  ? -25.867 1.997   9.331   1.00 33.37 ? 102 HOH B O   1 
HETATM 1018 O O   . HOH I 4 .  ? -20.933 0.877   13.200  1.00 16.36 ? 103 HOH B O   1 
HETATM 1019 O O   . HOH I 4 .  ? 1.493   6.823   15.191  1.00 25.44 ? 104 HOH B O   1 
HETATM 1020 O O   . HOH I 4 .  ? -8.474  2.124   16.899  1.00 14.24 ? 105 HOH B O   1 
HETATM 1021 O O   . HOH I 4 .  ? -1.435  5.286   -0.062  1.00 10.11 ? 106 HOH B O   1 
HETATM 1022 O O   . HOH I 4 .  ? -9.720  3.217   2.066   1.00 18.01 ? 107 HOH B O   1 
HETATM 1023 O O   . HOH I 4 .  ? -21.237 -6.311  4.229   1.00 18.68 ? 108 HOH B O   1 
HETATM 1024 O O   . HOH I 4 .  ? 3.495   7.055   5.566   1.00 35.20 ? 109 HOH B O   1 
HETATM 1025 O O   . HOH I 4 .  ? -11.774 7.939   16.435  1.00 21.67 ? 110 HOH B O   1 
HETATM 1026 O O   . HOH I 4 .  ? 2.795   8.210   7.469   1.00 19.56 ? 111 HOH B O   1 
HETATM 1027 O O   . HOH I 4 .  ? -8.797  7.735   3.421   1.00 27.81 ? 112 HOH B O   1 
HETATM 1028 O O   . HOH I 4 .  ? -6.530  7.490   9.772   1.00 36.15 ? 113 HOH B O   1 
HETATM 1029 O O   . HOH I 4 .  ? -14.945 0.081   3.206   1.00 22.44 ? 114 HOH B O   1 
HETATM 1030 O O   . HOH I 4 .  ? -13.629 6.056   16.466  1.00 24.70 ? 115 HOH B O   1 
HETATM 1031 O O   . HOH I 4 .  ? -3.284  0.918   13.718  1.00 19.66 ? 116 HOH B O   1 
HETATM 1032 O O   . HOH I 4 .  ? -19.098 4.028   4.944   1.00 15.64 ? 117 HOH B O   1 
HETATM 1033 O O   . HOH I 4 .  ? -9.714  0.589   3.255   1.00 15.82 ? 118 HOH B O   1 
HETATM 1034 O O   . HOH I 4 .  ? -22.635 1.765   3.214   1.00 21.82 ? 119 HOH B O   1 
HETATM 1035 O O   . HOH I 4 .  ? -29.626 0.773   5.700   1.00 27.19 ? 120 HOH B O   1 
HETATM 1036 O O   . HOH I 4 .  ? -26.725 5.169   7.140   1.00 30.94 ? 121 HOH B O   1 
HETATM 1037 O O   . HOH I 4 .  ? -28.294 -1.299  6.228   1.00 19.24 ? 122 HOH B O   1 
HETATM 1038 O O   . HOH I 4 .  ? -5.045  11.202  5.982   1.00 35.85 ? 123 HOH B O   1 
HETATM 1039 O O   . HOH I 4 .  ? -25.810 4.212   9.144   1.00 36.19 ? 124 HOH B O   1 
HETATM 1040 O O   . HOH J 4 .  ? 1.472   -4.921  -16.381 1.00 33.55 ? 201 HOH C O   1 
HETATM 1041 O O   . HOH J 4 .  ? 11.783  1.043   -6.230  1.00 20.10 ? 202 HOH C O   1 
HETATM 1042 O O   . HOH J 4 .  ? 1.156   5.629   -12.984 1.00 14.31 ? 203 HOH C O   1 
HETATM 1043 O O   . HOH J 4 .  ? 9.109   -5.115  -12.600 1.00 26.02 ? 204 HOH C O   1 
HETATM 1044 O O   . HOH J 4 .  ? 18.074  8.653   -7.234  1.00 27.72 ? 205 HOH C O   1 
HETATM 1045 O O   . HOH J 4 .  ? 9.242   -1.013  -12.704 1.00 13.63 ? 206 HOH C O   1 
HETATM 1046 O O   . HOH J 4 .  ? 1.724   12.330  -5.959  1.00 34.70 ? 207 HOH C O   1 
HETATM 1047 O O   . HOH J 4 .  ? 16.137  12.734  0.829   1.00 30.32 ? 208 HOH C O   1 
HETATM 1048 O O   . HOH J 4 .  ? 12.660  5.720   -9.351  1.00 16.57 ? 209 HOH C O   1 
HETATM 1049 O O   . HOH J 4 .  ? 8.437   -1.997  -8.848  1.00 30.97 ? 210 HOH C O   1 
HETATM 1050 O O   . HOH J 4 .  ? 2.380   3.140   -6.197  1.00 25.27 ? 211 HOH C O   1 
HETATM 1051 O O   . HOH J 4 .  ? 5.490   9.631   3.077   1.00 37.18 ? 212 HOH C O   1 
HETATM 1052 O O   . HOH J 4 .  ? 20.315  11.431  -1.868  1.00 18.76 ? 213 HOH C O   1 
HETATM 1053 O O   . HOH J 4 .  ? 2.986   -8.818  -13.734 1.00 32.17 ? 214 HOH C O   1 
HETATM 1054 O O   . HOH J 4 .  ? 3.276   -6.500  -16.173 1.00 38.37 ? 215 HOH C O   1 
HETATM 1055 O O   . HOH J 4 .  ? 1.310   10.408  -11.900 1.00 23.99 ? 216 HOH C O   1 
HETATM 1056 O O   . HOH J 4 .  ? 2.118   8.008   -12.375 1.00 20.97 ? 217 HOH C O   1 
HETATM 1057 O O   . HOH J 4 .  ? 20.442  9.116   -6.240  1.00 27.36 ? 218 HOH C O   1 
HETATM 1058 O O   . HOH J 4 .  ? 22.135  13.480  -1.653  1.00 19.19 ? 219 HOH C O   1 
HETATM 1059 O O   . HOH K 4 .  ? 14.649  0.620   -5.429  1.00 24.00 ? 101 HOH D O   1 
HETATM 1060 O O   . HOH K 4 .  ? 26.419  -2.477  -3.526  1.00 28.97 ? 102 HOH D O   1 
HETATM 1061 O O   . HOH K 4 .  ? 7.324   -7.191  -1.920  1.00 24.93 ? 103 HOH D O   1 
HETATM 1062 O O   . HOH K 4 .  ? 18.878  -2.871  -6.165  1.00 22.16 ? 104 HOH D O   1 
HETATM 1063 O O   . HOH K 4 .  ? -0.663  -13.530 -9.138  1.00 18.38 ? 105 HOH D O   1 
HETATM 1064 O O   . HOH K 4 .  ? 18.440  -10.730 -3.140  1.00 28.05 ? 106 HOH D O   1 
HETATM 1065 O O   . HOH K 4 .  ? 1.706   -9.987  7.105   1.00 27.52 ? 107 HOH D O   1 
HETATM 1066 O O   . HOH K 4 .  ? -3.050  -6.212  5.140   1.00 18.25 ? 108 HOH D O   1 
HETATM 1067 O O   . HOH K 4 .  ? 20.695  7.265   -4.157  1.00 14.08 ? 109 HOH D O   1 
HETATM 1068 O O   . HOH K 4 .  ? 7.775   -9.230  0.111   1.00 29.99 ? 110 HOH D O   1 
HETATM 1069 O O   . HOH K 4 .  ? 1.486   -4.987  -7.698  1.00 21.53 ? 111 HOH D O   1 
HETATM 1070 O O   . HOH K 4 .  ? 9.356   -2.047  -6.303  1.00 28.38 ? 112 HOH D O   1 
HETATM 1071 O O   . HOH K 4 .  ? 5.378   -3.150  6.335   1.00 23.48 ? 113 HOH D O   1 
HETATM 1072 O O   . HOH K 4 .  ? 11.574  -4.347  7.794   1.00 35.11 ? 114 HOH D O   1 
HETATM 1073 O O   . HOH K 4 .  ? -0.962  -10.875 -12.877 1.00 58.99 ? 115 HOH D O   1 
HETATM 1074 O O   . HOH K 4 .  ? 21.897  0.315   -8.158  1.00 29.84 ? 116 HOH D O   1 
HETATM 1075 O O   . HOH K 4 .  ? 12.498  -0.872  2.726   1.00 24.62 ? 117 HOH D O   1 
HETATM 1076 O O   . HOH K 4 .  ? 12.033  -1.337  5.390   1.00 24.95 ? 118 HOH D O   1 
HETATM 1077 O O   . HOH K 4 .  ? 9.559   0.088   -4.801  1.00 22.77 ? 119 HOH D O   1 
HETATM 1078 O O   . HOH K 4 .  ? 12.721  -2.578  -7.037  1.00 31.84 ? 120 HOH D O   1 
HETATM 1079 O O   . HOH K 4 .  ? 25.137  -4.811  -3.999  1.00 30.19 ? 121 HOH D O   1 
HETATM 1080 O O   . HOH K 4 .  ? 24.903  -5.173  -1.424  1.00 29.67 ? 122 HOH D O   1 
HETATM 1081 O O   . HOH K 4 .  ? 14.748  -2.231  -6.027  1.00 27.68 ? 123 HOH D O   1 
# 
